data_4HTI
# 
_entry.id   4HTI 
# 
_audit_conform.dict_name       mmcif_pdbx.dic 
_audit_conform.dict_version    5.379 
_audit_conform.dict_location   http://mmcif.pdb.org/dictionaries/ascii/mmcif_pdbx.dic 
# 
loop_
_database_2.database_id 
_database_2.database_code 
_database_2.pdbx_database_accession 
_database_2.pdbx_DOI 
PDB   4HTI         pdb_00004hti 10.2210/pdb4hti/pdb 
RCSB  RCSB075900   ?            ?                   
WWPDB D_1000075900 ?            ?                   
# 
_pdbx_database_status.entry_id                        4HTI 
_pdbx_database_status.deposit_site                    RCSB 
_pdbx_database_status.process_site                    RCSB 
_pdbx_database_status.recvd_initial_deposition_date   2012-11-01 
_pdbx_database_status.status_code                     REL 
_pdbx_database_status.status_code_sf                  REL 
_pdbx_database_status.status_code_mr                  ? 
_pdbx_database_status.SG_entry                        ? 
_pdbx_database_status.status_code_cs                  ? 
_pdbx_database_status.methods_development_category    ? 
_pdbx_database_status.pdb_format_compatible           Y 
_pdbx_database_status.status_code_nmr_data            ? 
# 
loop_
_audit_author.name 
_audit_author.pdbx_ordinal 
'Noguera, M.E.'  1 
'Jakoncic, J.'   2 
'Poskus, E.'     3 
'Ermacora, M.R.' 4 
# 
_citation.id                        primary 
_citation.title                     'X-ray structure of the mature ectodomain of phogrin.' 
_citation.journal_abbrev            J.Struct.Funct.Genom. 
_citation.journal_volume            16 
_citation.page_first                1 
_citation.page_last                 9 
_citation.year                      2015 
_citation.journal_id_ASTM           ? 
_citation.country                   NE 
_citation.journal_id_ISSN           1345-711X 
_citation.journal_id_CSD            ? 
_citation.book_publisher            ? 
_citation.pdbx_database_id_PubMed   25421040 
_citation.pdbx_database_id_DOI      10.1007/s10969-014-9191-0 
# 
loop_
_citation_author.citation_id 
_citation_author.name 
_citation_author.ordinal 
_citation_author.identifier_ORCID 
primary 'Noguera, M.E.'  1 ? 
primary 'Primo, M.E.'    2 ? 
primary 'Jakoncic, J.'   3 ? 
primary 'Poskus, E.'     4 ? 
primary 'Solimena, M.'   5 ? 
primary 'Ermacora, M.R.' 6 ? 
# 
_cell.length_a           55.133 
_cell.length_b           55.133 
_cell.length_c           148.391 
_cell.angle_alpha        90.000 
_cell.angle_beta         90.000 
_cell.angle_gamma        120.000 
_cell.entry_id           4HTI 
_cell.pdbx_unique_axis   ? 
_cell.Z_PDB              12 
_cell.length_a_esd       ? 
_cell.length_b_esd       ? 
_cell.length_c_esd       ? 
_cell.angle_alpha_esd    ? 
_cell.angle_beta_esd     ? 
_cell.angle_gamma_esd    ? 
# 
_symmetry.space_group_name_H-M             'P 61 2 2' 
_symmetry.entry_id                         4HTI 
_symmetry.Int_Tables_number                178 
_symmetry.pdbx_full_space_group_name_H-M   ? 
_symmetry.cell_setting                     ? 
_symmetry.space_group_name_Hall            ? 
# 
loop_
_entity.id 
_entity.type 
_entity.src_method 
_entity.pdbx_description 
_entity.formula_weight 
_entity.pdbx_number_of_molecules 
_entity.pdbx_ec 
_entity.pdbx_mutation 
_entity.pdbx_fragment 
_entity.details 
1 polymer man 'Receptor-type tyrosine-protein phosphatase N2' 10826.067 1  3.1.3.48 ? 'sequence database residues 502 - 599' ? 
2 water   nat water                                           18.015    40 ?        ? ?                                      ? 
# 
_entity_name_com.entity_id   1 
_entity_name_com.name        'R-PTP-N2, Islet cell autoantigen-related protein, IAR, ICAAR, Phogrin' 
# 
_entity_poly.entity_id                      1 
_entity_poly.type                           'polypeptide(L)' 
_entity_poly.nstd_linkage                   no 
_entity_poly.nstd_monomer                   no 
_entity_poly.pdbx_seq_one_letter_code       
;MEVQPSEEEARGYIVTDRDPLRPEEGRRLVEDVARLLQVPSSAFADVEVLGPAVTFKVSANVQNVTTEDVEKATVDNKDK
LEETSGLKILQTGVGSKSK
;
_entity_poly.pdbx_seq_one_letter_code_can   
;MEVQPSEEEARGYIVTDRDPLRPEEGRRLVEDVARLLQVPSSAFADVEVLGPAVTFKVSANVQNVTTEDVEKATVDNKDK
LEETSGLKILQTGVGSKSK
;
_entity_poly.pdbx_strand_id                 A 
_entity_poly.pdbx_target_identifier         ? 
# 
loop_
_entity_poly_seq.entity_id 
_entity_poly_seq.num 
_entity_poly_seq.mon_id 
_entity_poly_seq.hetero 
1 1  MET n 
1 2  GLU n 
1 3  VAL n 
1 4  GLN n 
1 5  PRO n 
1 6  SER n 
1 7  GLU n 
1 8  GLU n 
1 9  GLU n 
1 10 ALA n 
1 11 ARG n 
1 12 GLY n 
1 13 TYR n 
1 14 ILE n 
1 15 VAL n 
1 16 THR n 
1 17 ASP n 
1 18 ARG n 
1 19 ASP n 
1 20 PRO n 
1 21 LEU n 
1 22 ARG n 
1 23 PRO n 
1 24 GLU n 
1 25 GLU n 
1 26 GLY n 
1 27 ARG n 
1 28 ARG n 
1 29 LEU n 
1 30 VAL n 
1 31 GLU n 
1 32 ASP n 
1 33 VAL n 
1 34 ALA n 
1 35 ARG n 
1 36 LEU n 
1 37 LEU n 
1 38 GLN n 
1 39 VAL n 
1 40 PRO n 
1 41 SER n 
1 42 SER n 
1 43 ALA n 
1 44 PHE n 
1 45 ALA n 
1 46 ASP n 
1 47 VAL n 
1 48 GLU n 
1 49 VAL n 
1 50 LEU n 
1 51 GLY n 
1 52 PRO n 
1 53 ALA n 
1 54 VAL n 
1 55 THR n 
1 56 PHE n 
1 57 LYS n 
1 58 VAL n 
1 59 SER n 
1 60 ALA n 
1 61 ASN n 
1 62 VAL n 
1 63 GLN n 
1 64 ASN n 
1 65 VAL n 
1 66 THR n 
1 67 THR n 
1 68 GLU n 
1 69 ASP n 
1 70 VAL n 
1 71 GLU n 
1 72 LYS n 
1 73 ALA n 
1 74 THR n 
1 75 VAL n 
1 76 ASP n 
1 77 ASN n 
1 78 LYS n 
1 79 ASP n 
1 80 LYS n 
1 81 LEU n 
1 82 GLU n 
1 83 GLU n 
1 84 THR n 
1 85 SER n 
1 86 GLY n 
1 87 LEU n 
1 88 LYS n 
1 89 ILE n 
1 90 LEU n 
1 91 GLN n 
1 92 THR n 
1 93 GLY n 
1 94 VAL n 
1 95 GLY n 
1 96 SER n 
1 97 LYS n 
1 98 SER n 
1 99 LYS n 
# 
_entity_src_gen.entity_id                          1 
_entity_src_gen.pdbx_src_id                        1 
_entity_src_gen.pdbx_alt_source_flag               sample 
_entity_src_gen.pdbx_seq_type                      ? 
_entity_src_gen.pdbx_beg_seq_num                   ? 
_entity_src_gen.pdbx_end_seq_num                   ? 
_entity_src_gen.gene_src_common_name               human 
_entity_src_gen.gene_src_genus                     ? 
_entity_src_gen.pdbx_gene_src_gene                 'PTPRN2, KIAA0387' 
_entity_src_gen.gene_src_species                   ? 
_entity_src_gen.gene_src_strain                    ? 
_entity_src_gen.gene_src_tissue                    ? 
_entity_src_gen.gene_src_tissue_fraction           ? 
_entity_src_gen.gene_src_details                   ? 
_entity_src_gen.pdbx_gene_src_fragment             ? 
_entity_src_gen.pdbx_gene_src_scientific_name      'Homo sapiens' 
_entity_src_gen.pdbx_gene_src_ncbi_taxonomy_id     9606 
_entity_src_gen.pdbx_gene_src_variant              ? 
_entity_src_gen.pdbx_gene_src_cell_line            ? 
_entity_src_gen.pdbx_gene_src_atcc                 ? 
_entity_src_gen.pdbx_gene_src_organ                ? 
_entity_src_gen.pdbx_gene_src_organelle            ? 
_entity_src_gen.pdbx_gene_src_cell                 ? 
_entity_src_gen.pdbx_gene_src_cellular_location    ? 
_entity_src_gen.host_org_common_name               ? 
_entity_src_gen.pdbx_host_org_scientific_name      'Escherichia coli' 
_entity_src_gen.pdbx_host_org_ncbi_taxonomy_id     562 
_entity_src_gen.host_org_genus                     ? 
_entity_src_gen.pdbx_host_org_gene                 ? 
_entity_src_gen.pdbx_host_org_organ                ? 
_entity_src_gen.host_org_species                   ? 
_entity_src_gen.pdbx_host_org_tissue               ? 
_entity_src_gen.pdbx_host_org_tissue_fraction      ? 
_entity_src_gen.pdbx_host_org_strain               ? 
_entity_src_gen.pdbx_host_org_variant              ? 
_entity_src_gen.pdbx_host_org_cell_line            ? 
_entity_src_gen.pdbx_host_org_atcc                 ? 
_entity_src_gen.pdbx_host_org_culture_collection   ? 
_entity_src_gen.pdbx_host_org_cell                 ? 
_entity_src_gen.pdbx_host_org_organelle            ? 
_entity_src_gen.pdbx_host_org_cellular_location    ? 
_entity_src_gen.pdbx_host_org_vector_type          ? 
_entity_src_gen.pdbx_host_org_vector               ? 
_entity_src_gen.host_org_details                   ? 
_entity_src_gen.expression_system_id               ? 
_entity_src_gen.plasmid_name                       ? 
_entity_src_gen.plasmid_details                    ? 
_entity_src_gen.pdbx_description                   ? 
# 
_struct_ref.id                         1 
_struct_ref.db_name                    UNP 
_struct_ref.db_code                    PTPR2_HUMAN 
_struct_ref.pdbx_db_accession          Q92932 
_struct_ref.entity_id                  1 
_struct_ref.pdbx_seq_one_letter_code   
;LEVQPSEEEARGYIVTDRDPLRPEEGRRLVEDVARLLQVPSSAFADVEVLGPAVTFKVSANVQNVTTEDVEKATVDNKDK
LEETSGLKILQTGVGSKSK
;
_struct_ref.pdbx_align_begin           501 
_struct_ref.pdbx_db_isoform            ? 
# 
_struct_ref_seq.align_id                      1 
_struct_ref_seq.ref_id                        1 
_struct_ref_seq.pdbx_PDB_id_code              4HTI 
_struct_ref_seq.pdbx_strand_id                A 
_struct_ref_seq.seq_align_beg                 1 
_struct_ref_seq.pdbx_seq_align_beg_ins_code   ? 
_struct_ref_seq.seq_align_end                 99 
_struct_ref_seq.pdbx_seq_align_end_ins_code   ? 
_struct_ref_seq.pdbx_db_accession             Q92932 
_struct_ref_seq.db_align_beg                  501 
_struct_ref_seq.pdbx_db_align_beg_ins_code    ? 
_struct_ref_seq.db_align_end                  599 
_struct_ref_seq.pdbx_db_align_end_ins_code    ? 
_struct_ref_seq.pdbx_auth_seq_align_beg       501 
_struct_ref_seq.pdbx_auth_seq_align_end       599 
# 
_struct_ref_seq_dif.align_id                     1 
_struct_ref_seq_dif.pdbx_pdb_id_code             4HTI 
_struct_ref_seq_dif.mon_id                       MET 
_struct_ref_seq_dif.pdbx_pdb_strand_id           A 
_struct_ref_seq_dif.seq_num                      1 
_struct_ref_seq_dif.pdbx_pdb_ins_code            ? 
_struct_ref_seq_dif.pdbx_seq_db_name             UNP 
_struct_ref_seq_dif.pdbx_seq_db_accession_code   Q92932 
_struct_ref_seq_dif.db_mon_id                    LEU 
_struct_ref_seq_dif.pdbx_seq_db_seq_num          501 
_struct_ref_seq_dif.details                      conflict 
_struct_ref_seq_dif.pdbx_auth_seq_num            501 
_struct_ref_seq_dif.pdbx_ordinal                 1 
# 
loop_
_chem_comp.id 
_chem_comp.type 
_chem_comp.mon_nstd_flag 
_chem_comp.name 
_chem_comp.pdbx_synonyms 
_chem_comp.formula 
_chem_comp.formula_weight 
ALA 'L-peptide linking' y ALANINE         ? 'C3 H7 N O2'     89.093  
ARG 'L-peptide linking' y ARGININE        ? 'C6 H15 N4 O2 1' 175.209 
ASN 'L-peptide linking' y ASPARAGINE      ? 'C4 H8 N2 O3'    132.118 
ASP 'L-peptide linking' y 'ASPARTIC ACID' ? 'C4 H7 N O4'     133.103 
GLN 'L-peptide linking' y GLUTAMINE       ? 'C5 H10 N2 O3'   146.144 
GLU 'L-peptide linking' y 'GLUTAMIC ACID' ? 'C5 H9 N O4'     147.129 
GLY 'peptide linking'   y GLYCINE         ? 'C2 H5 N O2'     75.067  
HOH non-polymer         . WATER           ? 'H2 O'           18.015  
ILE 'L-peptide linking' y ISOLEUCINE      ? 'C6 H13 N O2'    131.173 
LEU 'L-peptide linking' y LEUCINE         ? 'C6 H13 N O2'    131.173 
LYS 'L-peptide linking' y LYSINE          ? 'C6 H15 N2 O2 1' 147.195 
MET 'L-peptide linking' y METHIONINE      ? 'C5 H11 N O2 S'  149.211 
PHE 'L-peptide linking' y PHENYLALANINE   ? 'C9 H11 N O2'    165.189 
PRO 'L-peptide linking' y PROLINE         ? 'C5 H9 N O2'     115.130 
SER 'L-peptide linking' y SERINE          ? 'C3 H7 N O3'     105.093 
THR 'L-peptide linking' y THREONINE       ? 'C4 H9 N O3'     119.119 
TYR 'L-peptide linking' y TYROSINE        ? 'C9 H11 N O3'    181.189 
VAL 'L-peptide linking' y VALINE          ? 'C5 H11 N O2'    117.146 
# 
_exptl.crystals_number   1 
_exptl.entry_id          4HTI 
_exptl.method            'X-RAY DIFFRACTION' 
# 
_exptl_crystal.id                    1 
_exptl_crystal.density_Matthews      3.01 
_exptl_crystal.density_meas          ? 
_exptl_crystal.density_percent_sol   59.09 
_exptl_crystal.description           ? 
_exptl_crystal.F_000                 ? 
_exptl_crystal.preparation           ? 
# 
_exptl_crystal_grow.crystal_id      1 
_exptl_crystal_grow.method          'VAPOR DIFFUSION, HANGING DROP' 
_exptl_crystal_grow.pH              7.4 
_exptl_crystal_grow.temp            293 
_exptl_crystal_grow.temp_details    ? 
_exptl_crystal_grow.pdbx_details    
'0.2 M Ammonium sulfate, 30 % w/v Polyethylene glycol 4000, pH 7.4, VAPOR DIFFUSION, HANGING DROP, temperature 293K' 
_exptl_crystal_grow.pdbx_pH_range   ? 
# 
_diffrn.id                     1 
_diffrn.ambient_temp           100 
_diffrn.ambient_temp_details   ? 
_diffrn.crystal_id             1 
# 
_diffrn_detector.diffrn_id              1 
_diffrn_detector.detector               CCD 
_diffrn_detector.type                   'ADSC QUANTUM 270' 
_diffrn_detector.pdbx_collection_date   2011-06-16 
_diffrn_detector.details                'TOROIDAL FOCUSING MIRROR' 
# 
_diffrn_radiation.diffrn_id                        1 
_diffrn_radiation.wavelength_id                    1 
_diffrn_radiation.pdbx_diffrn_protocol             'SINGLE WAVELENGTH' 
_diffrn_radiation.monochromator                    'SI(111) CHANNEL CUT' 
_diffrn_radiation.pdbx_monochromatic_or_laue_m_l   M 
_diffrn_radiation.pdbx_scattering_type             x-ray 
# 
_diffrn_radiation_wavelength.id           1 
_diffrn_radiation_wavelength.wavelength   0.91840 
_diffrn_radiation_wavelength.wt           1.0 
# 
_diffrn_source.diffrn_id                   1 
_diffrn_source.source                      SYNCHROTRON 
_diffrn_source.type                        'NSLS BEAMLINE X6A' 
_diffrn_source.pdbx_wavelength             ? 
_diffrn_source.pdbx_wavelength_list        0.91840 
_diffrn_source.pdbx_synchrotron_site       NSLS 
_diffrn_source.pdbx_synchrotron_beamline   X6A 
# 
_reflns.entry_id                     4HTI 
_reflns.d_resolution_high            1.950 
_reflns.d_resolution_low             30.000 
_reflns.number_obs                   10352 
_reflns.pdbx_Rmerge_I_obs            0.060 
_reflns.pdbx_netI_over_sigmaI        14.300 
_reflns.pdbx_chi_squared             1.835 
_reflns.pdbx_redundancy              40.500 
_reflns.percent_possible_obs         99.600 
_reflns.observed_criterion_sigma_F   ? 
_reflns.observed_criterion_sigma_I   2 
_reflns.number_all                   10352 
_reflns.pdbx_Rsym_value              ? 
_reflns.B_iso_Wilson_estimate        ? 
_reflns.R_free_details               ? 
_reflns.limit_h_max                  ? 
_reflns.limit_h_min                  ? 
_reflns.limit_k_max                  ? 
_reflns.limit_k_min                  ? 
_reflns.limit_l_max                  ? 
_reflns.limit_l_min                  ? 
_reflns.observed_criterion_F_max     ? 
_reflns.observed_criterion_F_min     ? 
_reflns.pdbx_scaling_rejects         ? 
_reflns.pdbx_ordinal                 1 
_reflns.pdbx_diffrn_id               1 
# 
loop_
_reflns_shell.d_res_high 
_reflns_shell.d_res_low 
_reflns_shell.number_measured_obs 
_reflns_shell.number_measured_all 
_reflns_shell.number_unique_obs 
_reflns_shell.Rmerge_I_obs 
_reflns_shell.meanI_over_sigI_obs 
_reflns_shell.pdbx_Rsym_value 
_reflns_shell.pdbx_chi_squared 
_reflns_shell.pdbx_redundancy 
_reflns_shell.percent_possible_obs 
_reflns_shell.number_unique_all 
_reflns_shell.percent_possible_all 
_reflns_shell.pdbx_ordinal 
_reflns_shell.pdbx_diffrn_id 
1.950 1.980  ? ? ? 0.993 ? ? 1.635 41.400 ? 500 100.000 1  1 
1.980 2.020  ? ? ? 0.863 ? ? 1.627 42.400 ? 495 100.000 2  1 
2.020 2.060  ? ? ? 0.738 ? ? 1.620 41.800 ? 490 100.000 3  1 
2.060 2.100  ? ? ? 0.553 ? ? 1.647 41.700 ? 513 100.000 4  1 
2.100 2.150  ? ? ? 0.440 ? ? 1.654 41.600 ? 496 100.000 5  1 
2.150 2.200  ? ? ? 0.356 ? ? 1.696 41.900 ? 513 100.000 6  1 
2.200 2.250  ? ? ? 0.323 ? ? 1.739 41.700 ? 491 100.000 7  1 
2.250 2.310  ? ? ? 0.240 ? ? 1.629 41.500 ? 512 100.000 8  1 
2.310 2.380  ? ? ? 0.219 ? ? 1.670 41.600 ? 512 100.000 9  1 
2.380 2.460  ? ? ? 0.166 ? ? 1.681 41.700 ? 495 100.000 10 1 
2.460 2.540  ? ? ? 0.133 ? ? 1.702 41.300 ? 513 100.000 11 1 
2.540 2.650  ? ? ? 0.117 ? ? 1.699 41.200 ? 520 100.000 12 1 
2.650 2.770  ? ? ? 0.091 ? ? 1.742 41.400 ? 513 100.000 13 1 
2.770 2.910  ? ? ? 0.071 ? ? 1.908 41.200 ? 513 100.000 14 1 
2.910 3.090  ? ? ? 0.058 ? ? 2.053 40.500 ? 527 100.000 15 1 
3.090 3.330  ? ? ? 0.052 ? ? 2.211 40.700 ? 513 100.000 16 1 
3.330 3.670  ? ? ? 0.044 ? ? 2.478 39.700 ? 544 100.000 17 1 
3.670 4.200  ? ? ? 0.039 ? ? 2.358 39.100 ? 538 100.000 18 1 
4.200 5.280  ? ? ? 0.034 ? ? 2.136 37.200 ? 554 99.500  19 1 
5.280 30.000 ? ? ? 0.032 ? ? 1.792 32.600 ? 600 94.600  20 1 
# 
_refine.entry_id                                 4HTI 
_refine.ls_d_res_high                            1.9540 
_refine.ls_d_res_low                             29.2900 
_refine.pdbx_ls_sigma_F                          0.000 
_refine.pdbx_data_cutoff_high_absF               ? 
_refine.pdbx_data_cutoff_low_absF                ? 
_refine.ls_percent_reflns_obs                    99.4500 
_refine.ls_number_reflns_obs                     10292 
_refine.ls_number_reflns_all                     10352 
_refine.pdbx_ls_cross_valid_method               THROUGHOUT 
_refine.pdbx_R_Free_selection_details            RANDOM 
_refine.details                                  'HYDROGENS HAVE BEEN USED IF PRESENT IN THE INPUT U VALUES      : WITH TLS ADDED' 
_refine.ls_R_factor_all                          ? 
_refine.ls_R_factor_obs                          0.2223 
_refine.ls_R_factor_R_work                       0.2214 
_refine.ls_wR_factor_R_work                      ? 
_refine.ls_R_factor_R_free                       0.2427 
_refine.ls_wR_factor_R_free                      ? 
_refine.ls_percent_reflns_R_free                 4.8000 
_refine.ls_number_reflns_R_free                  498 
_refine.ls_R_factor_R_free_error                 ? 
_refine.B_iso_mean                               48.3448 
_refine.solvent_model_param_bsol                 ? 
_refine.solvent_model_param_ksol                 ? 
_refine.pdbx_isotropic_thermal_model             ? 
_refine.aniso_B[1][1]                            1.2700 
_refine.aniso_B[2][2]                            1.2700 
_refine.aniso_B[3][3]                            -1.9000 
_refine.aniso_B[1][2]                            0.6300 
_refine.aniso_B[1][3]                            0.0000 
_refine.aniso_B[2][3]                            -0.0000 
_refine.correlation_coeff_Fo_to_Fc               0.9530 
_refine.correlation_coeff_Fo_to_Fc_free          0.9480 
_refine.overall_SU_R_Cruickshank_DPI             ? 
_refine.overall_SU_R_free                        ? 
_refine.pdbx_overall_ESU_R                       0.1410 
_refine.pdbx_overall_ESU_R_Free                  0.1300 
_refine.overall_SU_ML                            ? 
_refine.overall_SU_B                             ? 
_refine.solvent_model_details                    MASK 
_refine.pdbx_solvent_vdw_probe_radii             1.2000 
_refine.pdbx_solvent_ion_probe_radii             0.8000 
_refine.pdbx_solvent_shrinkage_radii             0.8000 
_refine.ls_number_parameters                     ? 
_refine.ls_number_restraints                     ? 
_refine.pdbx_starting_model                      'PDB ENTRY 2QT7' 
_refine.pdbx_method_to_determine_struct          'MOLECULAR REPLACEMENT' 
_refine.pdbx_stereochemistry_target_values       'MAXIMUM LIKELIHOOD' 
_refine.pdbx_stereochem_target_val_spec_case     ? 
_refine.overall_FOM_work_R_set                   ? 
_refine.B_iso_max                                106.650 
_refine.B_iso_min                                25.280 
_refine.pdbx_overall_phase_error                 ? 
_refine.occupancy_max                            1.000 
_refine.occupancy_min                            0.500 
_refine.pdbx_ls_sigma_I                          ? 
_refine.ls_redundancy_reflns_obs                 ? 
_refine.ls_R_factor_R_free_error_details         ? 
_refine.pdbx_data_cutoff_high_rms_absF           ? 
_refine.overall_FOM_free_R_set                   ? 
_refine.pdbx_diffrn_id                           1 
_refine.pdbx_refine_id                           'X-RAY DIFFRACTION' 
_refine.pdbx_TLS_residual_ADP_flag               ? 
_refine.pdbx_overall_SU_R_free_Cruickshank_DPI   ? 
_refine.pdbx_overall_SU_R_Blow_DPI               ? 
_refine.pdbx_overall_SU_R_free_Blow_DPI          ? 
# 
_refine_hist.pdbx_refine_id                   'X-RAY DIFFRACTION' 
_refine_hist.cycle_id                         LAST 
_refine_hist.pdbx_number_atoms_protein        670 
_refine_hist.pdbx_number_atoms_nucleic_acid   0 
_refine_hist.pdbx_number_atoms_ligand         0 
_refine_hist.number_atoms_solvent             40 
_refine_hist.number_atoms_total               710 
_refine_hist.d_res_high                       1.9540 
_refine_hist.d_res_low                        29.2900 
# 
loop_
_refine_ls_restr.type 
_refine_ls_restr.number 
_refine_ls_restr.dev_ideal 
_refine_ls_restr.dev_ideal_target 
_refine_ls_restr.weight 
_refine_ls_restr.pdbx_restraint_function 
_refine_ls_restr.pdbx_refine_id 
r_bond_refined_d       681 0.021  0.019  ? ? 'X-RAY DIFFRACTION' 
r_angle_refined_deg    925 1.563  1.989  ? ? 'X-RAY DIFFRACTION' 
r_dihedral_angle_1_deg 89  5.037  5.000  ? ? 'X-RAY DIFFRACTION' 
r_dihedral_angle_2_deg 30  34.138 25.000 ? ? 'X-RAY DIFFRACTION' 
r_dihedral_angle_3_deg 123 19.177 15.000 ? ? 'X-RAY DIFFRACTION' 
r_dihedral_angle_4_deg 6   22.058 15.000 ? ? 'X-RAY DIFFRACTION' 
r_chiral_restr         114 0.113  0.200  ? ? 'X-RAY DIFFRACTION' 
r_gen_planes_refined   504 0.007  0.021  ? ? 'X-RAY DIFFRACTION' 
# 
_refine_ls_shell.d_res_high                       1.9540 
_refine_ls_shell.d_res_low                        2.0050 
_refine_ls_shell.pdbx_total_number_of_bins_used   20 
_refine_ls_shell.percent_reflns_obs               97.8300 
_refine_ls_shell.number_reflns_R_work             692 
_refine_ls_shell.R_factor_all                     ? 
_refine_ls_shell.R_factor_R_work                  0.3280 
_refine_ls_shell.R_factor_R_free                  0.3630 
_refine_ls_shell.percent_reflns_R_free            ? 
_refine_ls_shell.number_reflns_R_free             31 
_refine_ls_shell.R_factor_R_free_error            ? 
_refine_ls_shell.number_reflns_all                723 
_refine_ls_shell.number_reflns_obs                ? 
_refine_ls_shell.redundancy_reflns_obs            ? 
_refine_ls_shell.pdbx_refine_id                   'X-RAY DIFFRACTION' 
# 
_struct.entry_id                  4HTI 
_struct.title                     
'Crystallographic structure of the membrane-proximal ectodomain of the human receptor-type protein-tyrosine phosphatase phogrin' 
_struct.pdbx_model_details        ? 
_struct.pdbx_CASP_flag            ? 
_struct.pdbx_model_type_details   ? 
# 
_struct_keywords.entry_id        4HTI 
_struct_keywords.pdbx_keywords   HYDROLASE 
_struct_keywords.text            
;phogrin, IA-2beta, protein-tyrosine phosphatase, transmembrane protein, diabetes, autoimmunity, Glycoprotein, Receptor, HYDROLASE, ferredoxin-like fold
;
# 
loop_
_struct_asym.id 
_struct_asym.pdbx_blank_PDB_chainid_flag 
_struct_asym.pdbx_modified 
_struct_asym.entity_id 
_struct_asym.details 
A N N 1 ? 
B N N 2 ? 
# 
_struct_biol.id        1 
_struct_biol.details   ? 
# 
loop_
_struct_conf.conf_type_id 
_struct_conf.id 
_struct_conf.pdbx_PDB_helix_id 
_struct_conf.beg_label_comp_id 
_struct_conf.beg_label_asym_id 
_struct_conf.beg_label_seq_id 
_struct_conf.pdbx_beg_PDB_ins_code 
_struct_conf.end_label_comp_id 
_struct_conf.end_label_asym_id 
_struct_conf.end_label_seq_id 
_struct_conf.pdbx_end_PDB_ins_code 
_struct_conf.beg_auth_comp_id 
_struct_conf.beg_auth_asym_id 
_struct_conf.beg_auth_seq_id 
_struct_conf.end_auth_comp_id 
_struct_conf.end_auth_asym_id 
_struct_conf.end_auth_seq_id 
_struct_conf.pdbx_PDB_helix_class 
_struct_conf.details 
_struct_conf.pdbx_PDB_helix_length 
HELX_P HELX_P1 1 ARG A 22 ? LEU A 37 ? ARG A 522 LEU A 537 1 ? 16 
HELX_P HELX_P2 2 PRO A 40 ? SER A 42 ? PRO A 540 SER A 542 5 ? 3  
HELX_P HELX_P3 3 THR A 66 ? ASN A 77 ? THR A 566 ASN A 577 1 ? 12 
HELX_P HELX_P4 4 ASN A 77 ? GLY A 86 ? ASN A 577 GLY A 586 1 ? 10 
# 
_struct_conf_type.id          HELX_P 
_struct_conf_type.criteria    ? 
_struct_conf_type.reference   ? 
# 
_struct_mon_prot_cis.pdbx_id                1 
_struct_mon_prot_cis.label_comp_id          ASP 
_struct_mon_prot_cis.label_seq_id           19 
_struct_mon_prot_cis.label_asym_id          A 
_struct_mon_prot_cis.label_alt_id           . 
_struct_mon_prot_cis.pdbx_PDB_ins_code      ? 
_struct_mon_prot_cis.auth_comp_id           ASP 
_struct_mon_prot_cis.auth_seq_id            519 
_struct_mon_prot_cis.auth_asym_id           A 
_struct_mon_prot_cis.pdbx_label_comp_id_2   PRO 
_struct_mon_prot_cis.pdbx_label_seq_id_2    20 
_struct_mon_prot_cis.pdbx_label_asym_id_2   A 
_struct_mon_prot_cis.pdbx_PDB_ins_code_2    ? 
_struct_mon_prot_cis.pdbx_auth_comp_id_2    PRO 
_struct_mon_prot_cis.pdbx_auth_seq_id_2     520 
_struct_mon_prot_cis.pdbx_auth_asym_id_2    A 
_struct_mon_prot_cis.pdbx_PDB_model_num     1 
_struct_mon_prot_cis.pdbx_omega_angle       -0.38 
# 
_struct_sheet.id               A 
_struct_sheet.type             ? 
_struct_sheet.number_strands   4 
_struct_sheet.details          ? 
# 
loop_
_struct_sheet_order.sheet_id 
_struct_sheet_order.range_id_1 
_struct_sheet_order.range_id_2 
_struct_sheet_order.offset 
_struct_sheet_order.sense 
A 1 2 ? anti-parallel 
A 2 3 ? anti-parallel 
A 3 4 ? anti-parallel 
# 
loop_
_struct_sheet_range.sheet_id 
_struct_sheet_range.id 
_struct_sheet_range.beg_label_comp_id 
_struct_sheet_range.beg_label_asym_id 
_struct_sheet_range.beg_label_seq_id 
_struct_sheet_range.pdbx_beg_PDB_ins_code 
_struct_sheet_range.end_label_comp_id 
_struct_sheet_range.end_label_asym_id 
_struct_sheet_range.end_label_seq_id 
_struct_sheet_range.pdbx_end_PDB_ins_code 
_struct_sheet_range.beg_auth_comp_id 
_struct_sheet_range.beg_auth_asym_id 
_struct_sheet_range.beg_auth_seq_id 
_struct_sheet_range.end_auth_comp_id 
_struct_sheet_range.end_auth_asym_id 
_struct_sheet_range.end_auth_seq_id 
A 1 PHE A 44 ? LEU A 50 ? PHE A 544 LEU A 550 
A 2 ALA A 53 ? VAL A 58 ? ALA A 553 VAL A 558 
A 3 GLY A 12 ? THR A 16 ? GLY A 512 THR A 516 
A 4 ILE A 89 ? VAL A 94 ? ILE A 589 VAL A 594 
# 
loop_
_pdbx_struct_sheet_hbond.sheet_id 
_pdbx_struct_sheet_hbond.range_id_1 
_pdbx_struct_sheet_hbond.range_id_2 
_pdbx_struct_sheet_hbond.range_1_label_atom_id 
_pdbx_struct_sheet_hbond.range_1_label_comp_id 
_pdbx_struct_sheet_hbond.range_1_label_asym_id 
_pdbx_struct_sheet_hbond.range_1_label_seq_id 
_pdbx_struct_sheet_hbond.range_1_PDB_ins_code 
_pdbx_struct_sheet_hbond.range_1_auth_atom_id 
_pdbx_struct_sheet_hbond.range_1_auth_comp_id 
_pdbx_struct_sheet_hbond.range_1_auth_asym_id 
_pdbx_struct_sheet_hbond.range_1_auth_seq_id 
_pdbx_struct_sheet_hbond.range_2_label_atom_id 
_pdbx_struct_sheet_hbond.range_2_label_comp_id 
_pdbx_struct_sheet_hbond.range_2_label_asym_id 
_pdbx_struct_sheet_hbond.range_2_label_seq_id 
_pdbx_struct_sheet_hbond.range_2_PDB_ins_code 
_pdbx_struct_sheet_hbond.range_2_auth_atom_id 
_pdbx_struct_sheet_hbond.range_2_auth_comp_id 
_pdbx_struct_sheet_hbond.range_2_auth_asym_id 
_pdbx_struct_sheet_hbond.range_2_auth_seq_id 
A 1 2 N ALA A 45 ? N ALA A 545 O LYS A 57 ? O LYS A 557 
A 2 3 O PHE A 56 ? O PHE A 556 N GLY A 12 ? N GLY A 512 
A 3 4 N VAL A 15 ? N VAL A 515 O LEU A 90 ? O LEU A 590 
# 
_atom_sites.entry_id                    4HTI 
_atom_sites.fract_transf_matrix[1][1]   -0.00720330 
_atom_sites.fract_transf_matrix[1][2]   0.01029195 
_atom_sites.fract_transf_matrix[1][3]   -0.01675823 
_atom_sites.fract_transf_matrix[2][1]   -0.01563847 
_atom_sites.fract_transf_matrix[2][2]   0.01377344 
_atom_sites.fract_transf_matrix[2][3]   0.00209322 
_atom_sites.fract_transf_matrix[3][1]   0.00447682 
_atom_sites.fract_transf_matrix[3][2]   0.00491658 
_atom_sites.fract_transf_matrix[3][3]   0.00109518 
_atom_sites.fract_transf_vector[1]      -0.366257 
_atom_sites.fract_transf_vector[2]      -0.433630 
_atom_sites.fract_transf_vector[3]      -0.014062 
# 
loop_
_atom_type.symbol 
C 
N 
O 
# 
loop_
_atom_site.group_PDB 
_atom_site.id 
_atom_site.type_symbol 
_atom_site.label_atom_id 
_atom_site.label_alt_id 
_atom_site.label_comp_id 
_atom_site.label_asym_id 
_atom_site.label_entity_id 
_atom_site.label_seq_id 
_atom_site.pdbx_PDB_ins_code 
_atom_site.Cartn_x 
_atom_site.Cartn_y 
_atom_site.Cartn_z 
_atom_site.occupancy 
_atom_site.B_iso_or_equiv 
_atom_site.pdbx_formal_charge 
_atom_site.auth_seq_id 
_atom_site.auth_comp_id 
_atom_site.auth_asym_id 
_atom_site.auth_atom_id 
_atom_site.pdbx_PDB_model_num 
ATOM   1   N N   . ALA A 1 10 ? 8.006   -10.910 -4.026  1.00 62.99  ? 510 ALA A N   1 
ATOM   2   C CA  . ALA A 1 10 ? 7.275   -10.706 -2.784  1.00 67.81  ? 510 ALA A CA  1 
ATOM   3   C C   . ALA A 1 10 ? 6.333   -9.521  -2.888  1.00 59.99  ? 510 ALA A C   1 
ATOM   4   O O   . ALA A 1 10 ? 6.676   -8.500  -3.440  1.00 62.32  ? 510 ALA A O   1 
ATOM   5   C CB  . ALA A 1 10 ? 8.225   -10.521 -1.623  1.00 67.60  ? 510 ALA A CB  1 
ATOM   6   N N   . ARG A 1 11 ? 5.140   -9.684  -2.345  1.00 53.03  ? 511 ARG A N   1 
ATOM   7   C CA  . ARG A 1 11 ? 4.137   -8.662  -2.339  1.00 47.46  ? 511 ARG A CA  1 
ATOM   8   C C   . ARG A 1 11 ? 4.185   -7.883  -1.042  1.00 45.76  ? 511 ARG A C   1 
ATOM   9   O O   . ARG A 1 11 ? 4.567   -8.412  -0.029  1.00 46.16  ? 511 ARG A O   1 
ATOM   10  C CB  . ARG A 1 11 ? 2.781   -9.317  -2.391  1.00 48.55  ? 511 ARG A CB  1 
ATOM   11  C CG  . ARG A 1 11 ? 2.319   -9.805  -3.732  1.00 64.77  ? 511 ARG A CG  1 
ATOM   12  C CD  . ARG A 1 11 ? 0.807   -9.867  -3.752  1.00 65.22  ? 511 ARG A CD  1 
ATOM   13  N NE  . ARG A 1 11 ? 0.310   -10.495 -4.961  1.00 85.59  ? 511 ARG A NE  1 
ATOM   14  C CZ  . ARG A 1 11 ? -0.563  -9.962  -5.804  1.00 74.83  ? 511 ARG A CZ  1 
ATOM   15  N NH1 . ARG A 1 11 ? -0.940  -10.658 -6.856  1.00 86.30  ? 511 ARG A NH1 1 
ATOM   16  N NH2 . ARG A 1 11 ? -1.062  -8.772  -5.596  1.00 55.47  ? 511 ARG A NH2 1 
ATOM   17  N N   . GLY A 1 12 ? 3.737   -6.653  -1.081  1.00 36.52  ? 512 GLY A N   1 
ATOM   18  C CA  . GLY A 1 12 ? 3.482   -5.917  0.115   1.00 35.08  ? 512 GLY A CA  1 
ATOM   19  C C   . GLY A 1 12 ? 2.011   -6.029  0.369   1.00 32.31  ? 512 GLY A C   1 
ATOM   20  O O   . GLY A 1 12 ? 1.297   -6.393  -0.515  1.00 30.18  ? 512 GLY A O   1 
ATOM   21  N N   . TYR A 1 13 ? 1.588   -5.738  1.587   1.00 30.31  ? 513 TYR A N   1 
ATOM   22  C CA  . TYR A 1 13 ? 0.187   -5.735  1.960   1.00 30.28  ? 513 TYR A CA  1 
ATOM   23  C C   . TYR A 1 13 ? -0.076  -4.718  3.034   1.00 29.37  ? 513 TYR A C   1 
ATOM   24  O O   . TYR A 1 13 ? 0.795   -4.416  3.781   1.00 29.92  ? 513 TYR A O   1 
ATOM   25  C CB  . TYR A 1 13 ? -0.275  -7.113  2.429   1.00 26.49  ? 513 TYR A CB  1 
ATOM   26  C CG  . TYR A 1 13 ? 0.291   -7.548  3.741   1.00 29.04  ? 513 TYR A CG  1 
ATOM   27  C CD1 . TYR A 1 13 ? 1.479   -8.209  3.805   1.00 28.65  ? 513 TYR A CD1 1 
ATOM   28  C CD2 . TYR A 1 13 ? -0.358  -7.271  4.920   1.00 27.57  ? 513 TYR A CD2 1 
ATOM   29  C CE1 . TYR A 1 13 ? 2.010   -8.605  5.003   1.00 29.95  ? 513 TYR A CE1 1 
ATOM   30  C CE2 . TYR A 1 13 ? 0.165   -7.664  6.128   1.00 28.67  ? 513 TYR A CE2 1 
ATOM   31  C CZ  . TYR A 1 13 ? 1.349   -8.318  6.158   1.00 29.67  ? 513 TYR A CZ  1 
ATOM   32  O OH  . TYR A 1 13 ? 1.843   -8.691  7.333   1.00 32.55  ? 513 TYR A OH  1 
ATOM   33  N N   . ILE A 1 14 ? -1.295  -4.245  3.100   1.00 27.75  ? 514 ILE A N   1 
ATOM   34  C CA  . ILE A 1 14 ? -1.756  -3.367  4.136   1.00 27.90  ? 514 ILE A CA  1 
ATOM   35  C C   . ILE A 1 14 ? -3.108  -3.909  4.565   1.00 30.47  ? 514 ILE A C   1 
ATOM   36  O O   . ILE A 1 14 ? -3.957  -4.053  3.743   1.00 28.88  ? 514 ILE A O   1 
ATOM   37  C CB  . ILE A 1 14 ? -1.937  -1.922  3.635   1.00 29.30  ? 514 ILE A CB  1 
ATOM   38  C CG1 . ILE A 1 14 ? -0.630  -1.351  3.115   1.00 30.08  ? 514 ILE A CG1 1 
ATOM   39  C CG2 . ILE A 1 14 ? -2.456  -1.046  4.734   1.00 28.14  ? 514 ILE A CG2 1 
ATOM   40  C CD1 . ILE A 1 14 ? -0.747  0.023   2.517   1.00 32.44  ? 514 ILE A CD1 1 
ATOM   41  N N   . VAL A 1 15 ? -3.293  -4.222  5.838   1.00 29.34  ? 515 VAL A N   1 
ATOM   42  C CA  . VAL A 1 15 ? -4.591  -4.617  6.361   1.00 28.87  ? 515 VAL A CA  1 
ATOM   43  C C   . VAL A 1 15 ? -5.325  -3.417  6.942   1.00 31.12  ? 515 VAL A C   1 
ATOM   44  O O   . VAL A 1 15 ? -4.787  -2.714  7.728   1.00 33.18  ? 515 VAL A O   1 
ATOM   45  C CB  . VAL A 1 15 ? -4.473  -5.701  7.438   1.00 28.98  ? 515 VAL A CB  1 
ATOM   46  C CG1 . VAL A 1 15 ? -5.827  -6.196  7.846   1.00 28.64  ? 515 VAL A CG1 1 
ATOM   47  C CG2 . VAL A 1 15 ? -3.594  -6.835  7.000   1.00 26.53  ? 515 VAL A CG2 1 
ATOM   48  N N   . THR A 1 16 ? -6.558  -3.228  6.554   1.00 31.77  ? 516 THR A N   1 
ATOM   49  C CA  . THR A 1 16 ? -7.367  -2.129  7.022   1.00 31.27  ? 516 THR A CA  1 
ATOM   50  C C   . THR A 1 16 ? -8.499  -2.587  7.936   1.00 32.08  ? 516 THR A C   1 
ATOM   51  O O   . THR A 1 16 ? -8.714  -3.757  8.079   1.00 33.53  ? 516 THR A O   1 
ATOM   52  C CB  . THR A 1 16 ? -7.962  -1.361  5.852   1.00 34.14  ? 516 THR A CB  1 
ATOM   53  O OG1 . THR A 1 16 ? -9.065  -2.069  5.330   1.00 32.17  ? 516 THR A OG1 1 
ATOM   54  C CG2 . THR A 1 16 ? -6.951  -1.156  4.776   1.00 32.88  ? 516 THR A CG2 1 
ATOM   55  N N   . ASP A 1 17 ? -9.250  -1.629  8.444   1.00 38.00  ? 517 ASP A N   1 
ATOM   56  C CA  . ASP A 1 17 ? -10.432 -1.879  9.247   1.00 39.76  ? 517 ASP A CA  1 
ATOM   57  C C   . ASP A 1 17 ? -11.687 -1.907  8.405   1.00 41.84  ? 517 ASP A C   1 
ATOM   58  O O   . ASP A 1 17 ? -12.757 -1.945  8.930   1.00 41.35  ? 517 ASP A O   1 
ATOM   59  C CB  . ASP A 1 17 ? -10.575 -0.834  10.357  1.00 42.01  ? 517 ASP A CB  1 
ATOM   60  C CG  . ASP A 1 17 ? -11.034 0.521   9.849   1.00 47.48  ? 517 ASP A CG  1 
ATOM   61  O OD1 . ASP A 1 17 ? -10.792 0.866   8.710   1.00 46.18  ? 517 ASP A OD1 1 
ATOM   62  O OD2 . ASP A 1 17 ? -11.643 1.261   10.605  1.00 49.15  ? 517 ASP A OD2 1 
ATOM   63  N N   . ARG A 1 18 ? -11.542 -1.912  7.097   1.00 37.43  ? 518 ARG A N   1 
ATOM   64  C CA  . ARG A 1 18 ? -12.683 -2.044  6.227   1.00 37.48  ? 518 ARG A CA  1 
ATOM   65  C C   . ARG A 1 18 ? -12.766 -3.439  5.694   1.00 36.51  ? 518 ARG A C   1 
ATOM   66  O O   . ARG A 1 18 ? -11.772 -3.980  5.323   1.00 34.92  ? 518 ARG A O   1 
ATOM   67  C CB  . ARG A 1 18 ? -12.554 -1.125  5.058   1.00 41.84  ? 518 ARG A CB  1 
ATOM   68  C CG  . ARG A 1 18 ? -12.406 0.305   5.446   1.00 49.06  ? 518 ARG A CG  1 
ATOM   69  C CD  . ARG A 1 18 ? -13.755 0.903   5.713   1.00 58.68  ? 518 ARG A CD  1 
ATOM   70  N NE  . ARG A 1 18 ? -13.616 2.091   6.517   1.00 69.15  ? 518 ARG A NE  1 
ATOM   71  C CZ  . ARG A 1 18 ? -13.675 3.306   6.024   1.00 74.76  ? 518 ARG A CZ  1 
ATOM   72  N NH1 . ARG A 1 18 ? -13.891 3.481   4.742   1.00 75.05  ? 518 ARG A NH1 1 
ATOM   73  N NH2 . ARG A 1 18 ? -13.528 4.345   6.816   1.00 79.89  ? 518 ARG A NH2 1 
ATOM   74  N N   . ASP A 1 19 ? -13.957 -4.010  5.643   1.00 36.04  ? 519 ASP A N   1 
ATOM   75  C CA  . ASP A 1 19 ? -14.063 -5.430  5.178   1.00 34.57  ? 519 ASP A CA  1 
ATOM   76  C C   . ASP A 1 19 ? -15.483 -5.710  4.614   1.00 39.17  ? 519 ASP A C   1 
ATOM   77  O O   . ASP A 1 19 ? -16.452 -5.542  5.357   1.00 42.18  ? 519 ASP A O   1 
ATOM   78  C CB  . ASP A 1 19 ? -13.823 -6.321  6.406   1.00 33.76  ? 519 ASP A CB  1 
ATOM   79  C CG  . ASP A 1 19 ? -13.596 -7.783  6.033   1.00 34.98  ? 519 ASP A CG  1 
ATOM   80  O OD1 . ASP A 1 19 ? -13.480 -8.101  4.835   1.00 35.00  ? 519 ASP A OD1 1 
ATOM   81  O OD2 . ASP A 1 19 ? -13.474 -8.588  6.957   1.00 33.40  ? 519 ASP A OD2 1 
ATOM   82  N N   . PRO A 1 20 ? -15.593 -6.050  3.343   1.00 42.71  ? 520 PRO A N   1 
ATOM   83  C CA  . PRO A 1 20 ? -14.450 -6.167  2.447   1.00 38.20  ? 520 PRO A CA  1 
ATOM   84  C C   . PRO A 1 20 ? -13.962 -4.821  1.978   1.00 40.97  ? 520 PRO A C   1 
ATOM   85  O O   . PRO A 1 20 ? -14.753 -3.960  1.757   1.00 40.57  ? 520 PRO A O   1 
ATOM   86  C CB  . PRO A 1 20 ? -15.031 -6.905  1.267   1.00 40.48  ? 520 PRO A CB  1 
ATOM   87  C CG  . PRO A 1 20 ? -16.415 -6.461  1.233   1.00 45.48  ? 520 PRO A CG  1 
ATOM   88  C CD  . PRO A 1 20 ? -16.841 -6.363  2.654   1.00 43.79  ? 520 PRO A CD  1 
ATOM   89  N N   . LEU A 1 21 ? -12.658 -4.648  1.846   1.00 35.47  ? 521 LEU A N   1 
ATOM   90  C CA  . LEU A 1 21 ? -12.109 -3.423  1.320   1.00 35.43  ? 521 LEU A CA  1 
ATOM   91  C C   . LEU A 1 21 ? -12.458 -3.333  -0.157  1.00 38.05  ? 521 LEU A C   1 
ATOM   92  O O   . LEU A 1 21 ? -12.181 -4.241  -0.887  1.00 37.10  ? 521 LEU A O   1 
ATOM   93  C CB  . LEU A 1 21 ? -10.607 -3.392  1.547   1.00 32.28  ? 521 LEU A CB  1 
ATOM   94  C CG  . LEU A 1 21 ? -9.745  -2.220  1.118   1.00 34.00  ? 521 LEU A CG  1 
ATOM   95  C CD1 . LEU A 1 21 ? -10.039 -0.983  1.909   1.00 36.34  ? 521 LEU A CD1 1 
ATOM   96  C CD2 . LEU A 1 21 ? -8.288  -2.544  1.236   1.00 31.77  ? 521 LEU A CD2 1 
ATOM   97  N N   . ARG A 1 22 ? -13.060 -2.237  -0.583  1.00 39.86  ? 522 ARG A N   1 
ATOM   98  C CA  . ARG A 1 22 ? -13.480 -2.039  -1.968  1.00 42.70  ? 522 ARG A CA  1 
ATOM   99  C C   . ARG A 1 22 ? -12.275 -1.929  -2.913  1.00 40.27  ? 522 ARG A C   1 
ATOM   100 O O   . ARG A 1 22 ? -11.328 -1.320  -2.547  1.00 40.45  ? 522 ARG A O   1 
ATOM   101 C CB  . ARG A 1 22 ? -14.312 -0.755  -2.070  1.00 49.05  ? 522 ARG A CB  1 
ATOM   102 C CG  . ARG A 1 22 ? -15.776 -0.836  -1.669  1.00 56.84  ? 522 ARG A CG  1 
ATOM   103 C CD  . ARG A 1 22 ? -16.465 0.541   -1.612  1.00 65.43  ? 522 ARG A CD  1 
ATOM   104 N NE  . ARG A 1 22 ? -16.246 1.406   -2.783  1.00 74.83  ? 522 ARG A NE  1 
ATOM   105 C CZ  . ARG A 1 22 ? -15.501 2.514   -2.795  1.00 77.40  ? 522 ARG A CZ  1 
ATOM   106 N NH1 . ARG A 1 22 ? -14.888 2.921   -1.707  1.00 74.21  ? 522 ARG A NH1 1 
ATOM   107 N NH2 . ARG A 1 22 ? -15.372 3.234   -3.896  1.00 79.97  ? 522 ARG A NH2 1 
ATOM   108 N N   . PRO A 1 23 ? -12.324 -2.475  -4.108  1.00 41.26  ? 523 PRO A N   1 
ATOM   109 C CA  . PRO A 1 23 ? -11.181 -2.366  -5.008  1.00 42.25  ? 523 PRO A CA  1 
ATOM   110 C C   . PRO A 1 23 ? -10.718 -0.930  -5.195  1.00 43.53  ? 523 PRO A C   1 
ATOM   111 O O   . PRO A 1 23 ? -9.571  -0.636  -5.122  1.00 39.74  ? 523 PRO A O   1 
ATOM   112 C CB  . PRO A 1 23 ? -11.716 -2.939  -6.304  1.00 45.25  ? 523 PRO A CB  1 
ATOM   113 C CG  . PRO A 1 23 ? -12.705 -3.921  -5.872  1.00 48.33  ? 523 PRO A CG  1 
ATOM   114 C CD  . PRO A 1 23 ? -13.349 -3.366  -4.651  1.00 45.60  ? 523 PRO A CD  1 
ATOM   115 N N   . GLU A 1 24 ? -11.686 -0.068  -5.383  1.00 47.87  ? 524 GLU A N   1 
ATOM   116 C CA  . GLU A 1 24 ? -11.506 1.345   -5.543  1.00 52.14  ? 524 GLU A CA  1 
ATOM   117 C C   . GLU A 1 24 ? -10.788 1.974   -4.361  1.00 50.28  ? 524 GLU A C   1 
ATOM   118 O O   . GLU A 1 24 ? -9.965  2.827   -4.523  1.00 49.55  ? 524 GLU A O   1 
ATOM   119 C CB  . GLU A 1 24 ? -12.886 1.939   -5.781  1.00 61.91  ? 524 GLU A CB  1 
ATOM   120 C CG  . GLU A 1 24 ? -13.687 1.175   -6.861  1.00 73.53  ? 524 GLU A CG  1 
ATOM   121 C CD  . GLU A 1 24 ? -14.631 0.047   -6.393  1.00 73.71  ? 524 GLU A CD  1 
ATOM   122 O OE1 . GLU A 1 24 ? -14.466 -0.508  -5.323  1.00 69.34  ? 524 GLU A OE1 1 
ATOM   123 O OE2 . GLU A 1 24 ? -15.563 -0.315  -7.119  1.00 78.71  ? 524 GLU A OE2 1 
ATOM   124 N N   . GLU A 1 25 ? -11.076 1.502   -3.163  1.00 48.01  ? 525 GLU A N   1 
ATOM   125 C CA  . GLU A 1 25 ? -10.403 1.976   -1.977  1.00 47.02  ? 525 GLU A CA  1 
ATOM   126 C C   . GLU A 1 25 ? -8.994  1.415   -1.788  1.00 42.45  ? 525 GLU A C   1 
ATOM   127 O O   . GLU A 1 25 ? -8.137  2.134   -1.383  1.00 40.49  ? 525 GLU A O   1 
ATOM   128 C CB  . GLU A 1 25 ? -11.261 1.768   -0.746  1.00 51.54  ? 525 GLU A CB  1 
ATOM   129 C CG  . GLU A 1 25 ? -10.686 2.362   0.513   1.00 56.42  ? 525 GLU A CG  1 
ATOM   130 C CD  . GLU A 1 25 ? -10.555 3.877   0.464   1.00 67.45  ? 525 GLU A CD  1 
ATOM   131 O OE1 . GLU A 1 25 ? -11.450 4.532   -0.102  1.00 69.58  ? 525 GLU A OE1 1 
ATOM   132 O OE2 . GLU A 1 25 ? -9.551  4.398   0.989   1.00 61.71  ? 525 GLU A OE2 1 
ATOM   133 N N   . GLY A 1 26 ? -8.755  0.164   -2.120  1.00 39.14  ? 526 GLY A N   1 
ATOM   134 C CA  . GLY A 1 26 ? -7.407  -0.345  -2.138  1.00 36.79  ? 526 GLY A CA  1 
ATOM   135 C C   . GLY A 1 26 ? -6.534  0.454   -3.072  1.00 37.24  ? 526 GLY A C   1 
ATOM   136 O O   . GLY A 1 26 ? -5.420  0.773   -2.766  1.00 36.04  ? 526 GLY A O   1 
ATOM   137 N N   . ARG A 1 27 ? -7.073  0.805   -4.218  1.00 39.24  ? 527 ARG A N   1 
ATOM   138 C CA  . ARG A 1 27 ? -6.376  1.611   -5.183  1.00 44.63  ? 527 ARG A CA  1 
ATOM   139 C C   . ARG A 1 27 ? -6.025  3.018   -4.657  1.00 44.59  ? 527 ARG A C   1 
ATOM   140 O O   . ARG A 1 27 ? -4.923  3.451   -4.810  1.00 39.60  ? 527 ARG A O   1 
ATOM   141 C CB  . ARG A 1 27 ? -7.197  1.681   -6.456  1.00 47.82  ? 527 ARG A CB  1 
ATOM   142 C CG  . ARG A 1 27 ? -6.602  2.534   -7.532  1.00 61.40  ? 527 ARG A CG  1 
ATOM   143 C CD  . ARG A 1 27 ? -5.170  2.136   -7.755  1.00 76.92  ? 527 ARG A CD  1 
ATOM   144 N NE  . ARG A 1 27 ? -5.088  0.978   -8.634  1.00 94.58  ? 527 ARG A NE  1 
ATOM   145 C CZ  . ARG A 1 27 ? -3.960  0.487   -9.106  1.00 89.25  ? 527 ARG A CZ  1 
ATOM   146 N NH1 . ARG A 1 27 ? -3.992  -0.564  -9.899  1.00 76.84  ? 527 ARG A NH1 1 
ATOM   147 N NH2 . ARG A 1 27 ? -2.818  1.046   -8.766  1.00 82.38  ? 527 ARG A NH2 1 
ATOM   148 N N   . ARG A 1 28 ? -6.954  3.688   -4.006  1.00 44.93  ? 528 ARG A N   1 
ATOM   149 C CA  . ARG A 1 28 ? -6.695  4.993   -3.451  1.00 47.04  ? 528 ARG A CA  1 
ATOM   150 C C   . ARG A 1 28 ? -5.603  4.945   -2.415  1.00 42.94  ? 528 ARG A C   1 
ATOM   151 O O   . ARG A 1 28 ? -4.724  5.753   -2.402  1.00 44.05  ? 528 ARG A O   1 
ATOM   152 C CB  . ARG A 1 28 ? -7.960  5.580   -2.848  1.00 52.13  ? 528 ARG A CB  1 
ATOM   153 C CG  . ARG A 1 28 ? -8.841  6.306   -3.835  1.00 61.51  ? 528 ARG A CG  1 
ATOM   154 C CD  . ARG A 1 28 ? -10.111 6.826   -3.204  1.00 68.87  ? 528 ARG A CD  1 
ATOM   155 N NE  . ARG A 1 28 ? -11.265 6.176   -3.780  1.00 79.04  ? 528 ARG A NE  1 
ATOM   156 C CZ  . ARG A 1 28 ? -12.172 5.511   -3.081  1.00 83.53  ? 528 ARG A CZ  1 
ATOM   157 N NH1 . ARG A 1 28 ? -12.059 5.436   -1.772  1.00 83.96  ? 528 ARG A NH1 1 
ATOM   158 N NH2 . ARG A 1 28 ? -13.185 4.921   -3.689  1.00 81.92  ? 528 ARG A NH2 1 
ATOM   159 N N   . LEU A 1 29 ? -5.648  3.956   -1.548  1.00 38.77  ? 529 LEU A N   1 
ATOM   160 C CA  . LEU A 1 29 ? -4.654  3.789   -0.505  1.00 38.98  ? 529 LEU A CA  1 
ATOM   161 C C   . LEU A 1 29 ? -3.245  3.532   -1.031  1.00 38.81  ? 529 LEU A C   1 
ATOM   162 O O   . LEU A 1 29 ? -2.290  4.079   -0.542  1.00 38.76  ? 529 LEU A O   1 
ATOM   163 C CB  . LEU A 1 29 ? -5.101  2.690   0.462   1.00 36.73  ? 529 LEU A CB  1 
ATOM   164 C CG  . LEU A 1 29 ? -4.261  2.400   1.686   1.00 37.96  ? 529 LEU A CG  1 
ATOM   165 C CD1 . LEU A 1 29 ? -4.120  3.629   2.545   1.00 39.29  ? 529 LEU A CD1 1 
ATOM   166 C CD2 . LEU A 1 29 ? -4.916  1.290   2.451   1.00 36.56  ? 529 LEU A CD2 1 
ATOM   167 N N   . VAL A 1 30 ? -3.151  2.733   -2.074  1.00 35.94  ? 530 VAL A N   1 
ATOM   168 C CA  . VAL A 1 30 ? -1.906  2.532   -2.778  1.00 35.93  ? 530 VAL A CA  1 
ATOM   169 C C   . VAL A 1 30 ? -1.429  3.817   -3.468  1.00 36.93  ? 530 VAL A C   1 
ATOM   170 O O   . VAL A 1 30 ? -0.283  4.108   -3.405  1.00 38.93  ? 530 VAL A O   1 
ATOM   171 C CB  . VAL A 1 30 ? -1.993  1.370   -3.777  1.00 38.53  ? 530 VAL A CB  1 
ATOM   172 C CG1 . VAL A 1 30 ? -0.865  1.430   -4.777  1.00 41.44  ? 530 VAL A CG1 1 
ATOM   173 C CG2 . VAL A 1 30 ? -1.959  0.057   -3.051  1.00 38.02  ? 530 VAL A CG2 1 
ATOM   174 N N   . GLU A 1 31 ? -2.323  4.585   -4.051  1.00 39.96  ? 531 GLU A N   1 
ATOM   175 C CA  . GLU A 1 31 ? -1.969  5.871   -4.619  1.00 45.95  ? 531 GLU A CA  1 
ATOM   176 C C   . GLU A 1 31 ? -1.426  6.842   -3.549  1.00 45.00  ? 531 GLU A C   1 
ATOM   177 O O   . GLU A 1 31 ? -0.460  7.520   -3.776  1.00 45.15  ? 531 GLU A O   1 
ATOM   178 C CB  . GLU A 1 31 ? -3.141  6.412   -5.443  1.00 55.66  ? 531 GLU A CB  1 
ATOM   179 C CG  . GLU A 1 31 ? -3.268  5.669   -6.777  1.00 66.47  ? 531 GLU A CG  1 
ATOM   180 C CD  . GLU A 1 31 ? -4.611  5.730   -7.498  1.00 77.42  ? 531 GLU A CD  1 
ATOM   181 O OE1 . GLU A 1 31 ? -4.702  5.076   -8.552  1.00 80.09  ? 531 GLU A OE1 1 
ATOM   182 O OE2 . GLU A 1 31 ? -5.563  6.398   -7.048  1.00 75.37  ? 531 GLU A OE2 1 
ATOM   183 N N   . ASP A 1 32 ? -2.035  6.859   -2.367  1.00 41.42  ? 532 ASP A N   1 
ATOM   184 C CA  . ASP A 1 32 ? -1.570  7.641   -1.219  1.00 45.66  ? 532 ASP A CA  1 
ATOM   185 C C   . ASP A 1 32 ? -0.160  7.285   -0.821  1.00 43.56  ? 532 ASP A C   1 
ATOM   186 O O   . ASP A 1 32 ? 0.640   8.129   -0.566  1.00 43.56  ? 532 ASP A O   1 
ATOM   187 C CB  . ASP A 1 32 ? -2.453  7.428   0.015   1.00 45.20  ? 532 ASP A CB  1 
ATOM   188 C CG  . ASP A 1 32 ? -3.864  7.864   -0.177  1.00 47.42  ? 532 ASP A CG  1 
ATOM   189 O OD1 . ASP A 1 32 ? -4.114  8.694   -1.024  1.00 50.15  ? 532 ASP A OD1 1 
ATOM   190 O OD2 . ASP A 1 32 ? -4.744  7.380   0.527   1.00 50.65  ? 532 ASP A OD2 1 
ATOM   191 N N   . VAL A 1 33 ? 0.136   6.006   -0.781  1.00 41.74  ? 533 VAL A N   1 
ATOM   192 C CA  . VAL A 1 33 ? 1.447   5.525   -0.448  1.00 42.88  ? 533 VAL A CA  1 
ATOM   193 C C   . VAL A 1 33 ? 2.474   5.863   -1.528  1.00 41.08  ? 533 VAL A C   1 
ATOM   194 O O   . VAL A 1 33 ? 3.566   6.246   -1.228  1.00 43.27  ? 533 VAL A O   1 
ATOM   195 C CB  . VAL A 1 33 ? 1.413   4.007   -0.178  1.00 45.53  ? 533 VAL A CB  1 
ATOM   196 C CG1 . VAL A 1 33 ? 2.796   3.429   -0.066  1.00 50.34  ? 533 VAL A CG1 1 
ATOM   197 C CG2 . VAL A 1 33 ? 0.610   3.690   1.064   1.00 43.55  ? 533 VAL A CG2 1 
ATOM   198 N N   . ALA A 1 34 ? 2.091   5.759   -2.779  1.00 39.13  ? 534 ALA A N   1 
ATOM   199 C CA  . ALA A 1 34 ? 2.960   6.141   -3.872  1.00 42.46  ? 534 ALA A CA  1 
ATOM   200 C C   . ALA A 1 34 ? 3.336   7.606   -3.778  1.00 45.77  ? 534 ALA A C   1 
ATOM   201 O O   . ALA A 1 34 ? 4.437   7.974   -4.046  1.00 47.26  ? 534 ALA A O   1 
ATOM   202 C CB  . ALA A 1 34 ? 2.285   5.870   -5.191  1.00 38.71  ? 534 ALA A CB  1 
ATOM   203 N N   . ARG A 1 35 ? 2.399   8.459   -3.425  1.00 49.71  ? 535 ARG A N   1 
ATOM   204 C CA  . ARG A 1 35 ? 2.696   9.874   -3.325  1.00 53.17  ? 535 ARG A CA  1 
ATOM   205 C C   . ARG A 1 35 ? 3.706   10.185  -2.256  1.00 54.61  ? 535 ARG A C   1 
ATOM   206 O O   . ARG A 1 35 ? 4.528   11.028  -2.433  1.00 54.24  ? 535 ARG A O   1 
ATOM   207 C CB  . ARG A 1 35 ? 1.450   10.659  -3.072  1.00 59.29  ? 535 ARG A CB  1 
ATOM   208 C CG  . ARG A 1 35 ? 0.604   10.799  -4.298  1.00 71.87  ? 535 ARG A CG  1 
ATOM   209 C CD  . ARG A 1 35 ? -0.256  12.021  -4.196  1.00 84.78  ? 535 ARG A CD  1 
ATOM   210 N NE  . ARG A 1 35 ? -1.539  11.688  -3.636  1.00 91.88  ? 535 ARG A NE  1 
ATOM   211 C CZ  . ARG A 1 35 ? -2.548  11.237  -4.351  1.00 93.63  ? 535 ARG A CZ  1 
ATOM   212 N NH1 . ARG A 1 35 ? -3.688  10.958  -3.758  1.00 90.85  ? 535 ARG A NH1 1 
ATOM   213 N NH2 . ARG A 1 35 ? -2.415  11.073  -5.654  1.00 92.30  ? 535 ARG A NH2 1 
ATOM   214 N N   . LEU A 1 36 ? 3.686   9.458   -1.155  1.00 55.00  ? 536 LEU A N   1 
ATOM   215 C CA  . LEU A 1 36 ? 4.640   9.660   -0.089  1.00 58.84  ? 536 LEU A CA  1 
ATOM   216 C C   . LEU A 1 36 ? 6.022   9.400   -0.554  1.00 57.17  ? 536 LEU A C   1 
ATOM   217 O O   . LEU A 1 36 ? 6.956   9.967   -0.079  1.00 57.29  ? 536 LEU A O   1 
ATOM   218 C CB  . LEU A 1 36 ? 4.359   8.680   1.028   1.00 57.69  ? 536 LEU A CB  1 
ATOM   219 C CG  . LEU A 1 36 ? 3.750   9.212   2.296   1.00 66.66  ? 536 LEU A CG  1 
ATOM   220 C CD1 . LEU A 1 36 ? 2.689   10.230  1.977   1.00 69.91  ? 536 LEU A CD1 1 
ATOM   221 C CD2 . LEU A 1 36 ? 3.159   8.027   3.014   1.00 66.78  ? 536 LEU A CD2 1 
ATOM   222 N N   . LEU A 1 37 ? 6.139   8.505   -1.502  1.00 53.70  ? 537 LEU A N   1 
ATOM   223 C CA  . LEU A 1 37 ? 7.420   8.081   -1.983  1.00 52.79  ? 537 LEU A CA  1 
ATOM   224 C C   . LEU A 1 37 ? 7.822   8.738   -3.299  1.00 51.79  ? 537 LEU A C   1 
ATOM   225 O O   . LEU A 1 37 ? 8.844   8.412   -3.838  1.00 50.02  ? 537 LEU A O   1 
ATOM   226 C CB  . LEU A 1 37 ? 7.405   6.581   -2.195  1.00 52.76  ? 537 LEU A CB  1 
ATOM   227 C CG  . LEU A 1 37 ? 7.306   5.585   -1.046  1.00 55.29  ? 537 LEU A CG  1 
ATOM   228 C CD1 . LEU A 1 37 ? 6.912   4.252   -1.622  1.00 56.70  ? 537 LEU A CD1 1 
ATOM   229 C CD2 . LEU A 1 37 ? 8.628   5.462   -0.339  1.00 53.37  ? 537 LEU A CD2 1 
ATOM   230 N N   . GLN A 1 38 ? 7.016   9.624   -3.830  1.00 51.34  ? 538 GLN A N   1 
ATOM   231 C CA  . GLN A 1 38 ? 7.314   10.216  -5.130  1.00 51.53  ? 538 GLN A CA  1 
ATOM   232 C C   . GLN A 1 38 ? 7.611   9.168   -6.195  1.00 47.61  ? 538 GLN A C   1 
ATOM   233 O O   . GLN A 1 38 ? 8.588   9.252   -6.894  1.00 49.60  ? 538 GLN A O   1 
ATOM   234 C CB  . GLN A 1 38 ? 8.467   11.204  -5.027  1.00 55.54  ? 538 GLN A CB  1 
ATOM   235 C CG  . GLN A 1 38 ? 8.104   12.518  -4.378  1.00 62.61  ? 538 GLN A CG  1 
ATOM   236 C CD  . GLN A 1 38 ? 6.987   13.244  -5.080  1.00 65.92  ? 538 GLN A CD  1 
ATOM   237 O OE1 . GLN A 1 38 ? 7.045   13.502  -6.254  1.00 63.40  ? 538 GLN A OE1 1 
ATOM   238 N NE2 . GLN A 1 38 ? 5.969   13.588  -4.342  1.00 68.48  ? 538 GLN A NE2 1 
ATOM   239 N N   . VAL A 1 39 ? 6.723   8.198   -6.347  1.00 46.05  ? 539 VAL A N   1 
ATOM   240 C CA  . VAL A 1 39 ? 6.741   7.278   -7.472  1.00 48.62  ? 539 VAL A CA  1 
ATOM   241 C C   . VAL A 1 39 ? 5.370   7.315   -8.091  1.00 47.97  ? 539 VAL A C   1 
ATOM   242 O O   . VAL A 1 39 ? 4.418   7.506   -7.384  1.00 49.31  ? 539 VAL A O   1 
ATOM   243 C CB  . VAL A 1 39 ? 7.074   5.836   -7.088  1.00 46.52  ? 539 VAL A CB  1 
ATOM   244 C CG1 . VAL A 1 39 ? 8.499   5.707   -6.676  1.00 48.86  ? 539 VAL A CG1 1 
ATOM   245 C CG2 . VAL A 1 39 ? 6.173   5.329   -6.004  1.00 46.14  ? 539 VAL A CG2 1 
ATOM   246 N N   . PRO A 1 40 ? 5.219   7.167   -9.384  1.00 47.60  ? 540 PRO A N   1 
ATOM   247 C CA  . PRO A 1 40 ? 3.864   7.174   -9.899  1.00 45.78  ? 540 PRO A CA  1 
ATOM   248 C C   . PRO A 1 40 ? 3.152   5.894   -9.454  1.00 43.67  ? 540 PRO A C   1 
ATOM   249 O O   . PRO A 1 40 ? 3.824   4.945   -9.177  1.00 39.94  ? 540 PRO A O   1 
ATOM   250 C CB  . PRO A 1 40 ? 4.078   7.210   -11.390 1.00 48.91  ? 540 PRO A CB  1 
ATOM   251 C CG  . PRO A 1 40 ? 5.343   6.518   -11.581 1.00 49.16  ? 540 PRO A CG  1 
ATOM   252 C CD  . PRO A 1 40 ? 6.199   6.846   -10.419 1.00 47.16  ? 540 PRO A CD  1 
ATOM   253 N N   . SER A 1 41 ? 1.838   5.893   -9.390  1.00 42.94  ? 541 SER A N   1 
ATOM   254 C CA  . SER A 1 41 ? 1.106   4.717   -9.017  1.00 43.34  ? 541 SER A CA  1 
ATOM   255 C C   . SER A 1 41 ? 1.313   3.610   -10.014 1.00 43.00  ? 541 SER A C   1 
ATOM   256 O O   . SER A 1 41 ? 1.197   2.464   -9.704  1.00 41.75  ? 541 SER A O   1 
ATOM   257 C CB  . SER A 1 41 ? -0.349  5.043   -8.930  1.00 46.97  ? 541 SER A CB  1 
ATOM   258 O OG  . SER A 1 41 ? -0.722  5.779   -10.047 1.00 53.62  ? 541 SER A OG  1 
ATOM   259 N N   . SER A 1 42 ? 1.701   3.971   -11.218 1.00 42.97  ? 542 SER A N   1 
ATOM   260 C CA  . SER A 1 42 ? 2.051   3.001   -12.229 1.00 46.54  ? 542 SER A CA  1 
ATOM   261 C C   . SER A 1 42 ? 3.199   2.103   -11.810 1.00 44.38  ? 542 SER A C   1 
ATOM   262 O O   . SER A 1 42 ? 3.355   1.058   -12.363 1.00 47.05  ? 542 SER A O   1 
ATOM   263 C CB  . SER A 1 42 ? 2.368   3.687   -13.566 1.00 48.35  ? 542 SER A CB  1 
ATOM   264 O OG  . SER A 1 42 ? 3.659   4.224   -13.592 1.00 49.77  ? 542 SER A OG  1 
ATOM   265 N N   . ALA A 1 43 ? 3.972   2.477   -10.811 1.00 40.28  ? 543 ALA A N   1 
ATOM   266 C CA  . ALA A 1 43 ? 5.006   1.606   -10.323 1.00 41.05  ? 543 ALA A CA  1 
ATOM   267 C C   . ALA A 1 43 ? 4.483   0.432   -9.489  1.00 41.79  ? 543 ALA A C   1 
ATOM   268 O O   . ALA A 1 43 ? 5.202   -0.493  -9.230  1.00 40.65  ? 543 ALA A O   1 
ATOM   269 C CB  . ALA A 1 43 ? 6.000   2.396   -9.530  1.00 41.41  ? 543 ALA A CB  1 
ATOM   270 N N   . PHE A 1 44 ? 3.243   0.475   -9.065  1.00 38.50  ? 544 PHE A N   1 
ATOM   271 C CA  . PHE A 1 44 ? 2.668   -0.606  -8.295  1.00 37.94  ? 544 PHE A CA  1 
ATOM   272 C C   . PHE A 1 44 ? 1.912   -1.546  -9.211  1.00 43.16  ? 544 PHE A C   1 
ATOM   273 O O   . PHE A 1 44 ? 1.043   -1.127  -9.890  1.00 48.18  ? 544 PHE A O   1 
ATOM   274 C CB  . PHE A 1 44 ? 1.757   -0.031  -7.228  1.00 35.66  ? 544 PHE A CB  1 
ATOM   275 C CG  . PHE A 1 44 ? 2.491   0.616   -6.111  1.00 35.58  ? 544 PHE A CG  1 
ATOM   276 C CD1 . PHE A 1 44 ? 2.772   -0.073  -4.961  1.00 38.88  ? 544 PHE A CD1 1 
ATOM   277 C CD2 . PHE A 1 44 ? 2.930   1.905   -6.220  1.00 38.76  ? 544 PHE A CD2 1 
ATOM   278 C CE1 . PHE A 1 44 ? 3.465   0.528   -3.934  1.00 41.83  ? 544 PHE A CE1 1 
ATOM   279 C CE2 . PHE A 1 44 ? 3.627   2.512   -5.204  1.00 39.49  ? 544 PHE A CE2 1 
ATOM   280 C CZ  . PHE A 1 44 ? 3.895   1.822   -4.058  1.00 42.49  ? 544 PHE A CZ  1 
ATOM   281 N N   . ALA A 1 45 ? 2.245   -2.801  -9.251  1.00 41.04  ? 545 ALA A N   1 
ATOM   282 C CA  . ALA A 1 45 ? 1.532   -3.679  -10.128 1.00 41.32  ? 545 ALA A CA  1 
ATOM   283 C C   . ALA A 1 45 ? 0.770   -4.723  -9.344  1.00 39.13  ? 545 ALA A C   1 
ATOM   284 O O   . ALA A 1 45 ? 0.990   -4.884  -8.160  1.00 35.19  ? 545 ALA A O   1 
ATOM   285 C CB  . ALA A 1 45 ? 2.499   -4.346  -11.068 1.00 43.53  ? 545 ALA A CB  1 
ATOM   286 N N   . ASP A 1 46 ? -0.098  -5.436  -10.020 1.00 39.68  ? 546 ASP A N   1 
ATOM   287 C CA  . ASP A 1 46 ? -0.799  -6.527  -9.430  1.00 43.22  ? 546 ASP A CA  1 
ATOM   288 C C   . ASP A 1 46 ? -1.593  -6.075  -8.217  1.00 38.41  ? 546 ASP A C   1 
ATOM   289 O O   . ASP A 1 46 ? -1.648  -6.759  -7.255  1.00 38.11  ? 546 ASP A O   1 
ATOM   290 C CB  . ASP A 1 46 ? 0.190   -7.606  -9.036  1.00 46.24  ? 546 ASP A CB  1 
ATOM   291 C CG  . ASP A 1 46 ? 1.024   -8.110  -10.205 1.00 54.63  ? 546 ASP A CG  1 
ATOM   292 O OD1 . ASP A 1 46 ? 2.162   -8.489  -9.988  1.00 58.81  ? 546 ASP A OD1 1 
ATOM   293 O OD2 . ASP A 1 46 ? 0.549   -8.128  -11.336 1.00 53.90  ? 546 ASP A OD2 1 
ATOM   294 N N   . VAL A 1 47 ? -2.199  -4.914  -8.253  1.00 36.67  ? 547 VAL A N   1 
ATOM   295 C CA  . VAL A 1 47 ? -2.930  -4.409  -7.105  1.00 34.83  ? 547 VAL A CA  1 
ATOM   296 C C   . VAL A 1 47 ? -4.244  -5.172  -6.909  1.00 35.86  ? 547 VAL A C   1 
ATOM   297 O O   . VAL A 1 47 ? -5.035  -5.236  -7.787  1.00 35.54  ? 547 VAL A O   1 
ATOM   298 C CB  . VAL A 1 47 ? -3.198  -2.902  -7.206  1.00 38.34  ? 547 VAL A CB  1 
ATOM   299 C CG1 . VAL A 1 47 ? -4.066  -2.440  -6.079  1.00 35.01  ? 547 VAL A CG1 1 
ATOM   300 C CG2 . VAL A 1 47 ? -1.916  -2.121  -7.196  1.00 37.12  ? 547 VAL A CG2 1 
ATOM   301 N N   . GLU A 1 48 ? -4.450  -5.751  -5.743  1.00 30.15  ? 548 GLU A N   1 
ATOM   302 C CA  . GLU A 1 48 ? -5.612  -6.576  -5.511  1.00 33.54  ? 548 GLU A CA  1 
ATOM   303 C C   . GLU A 1 48 ? -6.138  -6.463  -4.094  1.00 31.36  ? 548 GLU A C   1 
ATOM   304 O O   . GLU A 1 48 ? -5.356  -6.338  -3.196  1.00 31.04  ? 548 GLU A O   1 
ATOM   305 C CB  . GLU A 1 48 ? -5.218  -8.004  -5.750  1.00 39.32  ? 548 GLU A CB  1 
ATOM   306 C CG  . GLU A 1 48 ? -6.395  -8.900  -5.888  1.00 51.00  ? 548 GLU A CG  1 
ATOM   307 C CD  . GLU A 1 48 ? -6.007  -10.268 -6.329  1.00 59.60  ? 548 GLU A CD  1 
ATOM   308 O OE1 . GLU A 1 48 ? -6.908  -11.045 -6.634  1.00 66.62  ? 548 GLU A OE1 1 
ATOM   309 O OE2 . GLU A 1 48 ? -4.809  -10.546 -6.354  1.00 66.22  ? 548 GLU A OE2 1 
ATOM   310 N N   . VAL A 1 49 ? -7.434  -6.509  -3.885  1.00 30.64  ? 549 VAL A N   1 
ATOM   311 C CA  . VAL A 1 49 ? -7.967  -6.526  -2.532  1.00 29.66  ? 549 VAL A CA  1 
ATOM   312 C C   . VAL A 1 49 ? -8.386  -7.941  -2.116  1.00 29.28  ? 549 VAL A C   1 
ATOM   313 O O   . VAL A 1 49 ? -8.902  -8.668  -2.908  1.00 32.32  ? 549 VAL A O   1 
ATOM   314 C CB  . VAL A 1 49 ? -9.131  -5.549  -2.356  1.00 33.06  ? 549 VAL A CB  1 
ATOM   315 C CG1 . VAL A 1 49 ? -8.654  -4.130  -2.377  1.00 33.04  ? 549 VAL A CG1 1 
ATOM   316 C CG2 . VAL A 1 49 ? -10.166 -5.752  -3.425  1.00 34.88  ? 549 VAL A CG2 1 
ATOM   317 N N   . LEU A 1 50 ? -8.106  -8.299  -0.888  1.00 28.43  ? 550 LEU A N   1 
ATOM   318 C CA  . LEU A 1 50 ? -8.395  -9.601  -0.364  1.00 31.59  ? 550 LEU A CA  1 
ATOM   319 C C   . LEU A 1 50 ? -9.017  -9.419  1.012   1.00 28.41  ? 550 LEU A C   1 
ATOM   320 O O   . LEU A 1 50 ? -8.335  -9.148  1.947   1.00 28.54  ? 550 LEU A O   1 
ATOM   321 C CB  . LEU A 1 50 ? -7.123  -10.437 -0.268  1.00 33.11  ? 550 LEU A CB  1 
ATOM   322 C CG  . LEU A 1 50 ? -6.335  -10.700 -1.542  1.00 37.85  ? 550 LEU A CG  1 
ATOM   323 C CD1 . LEU A 1 50 ? -4.953  -11.179 -1.246  1.00 44.45  ? 550 LEU A CD1 1 
ATOM   324 C CD2 . LEU A 1 50 ? -7.021  -11.697 -2.401  1.00 37.43  ? 550 LEU A CD2 1 
ATOM   325 N N   . GLY A 1 51 ? -10.335 -9.504  1.131   1.00 29.41  ? 551 GLY A N   1 
ATOM   326 C CA  . GLY A 1 51 ? -10.955 -9.229  2.421   1.00 28.01  ? 551 GLY A CA  1 
ATOM   327 C C   . GLY A 1 51 ? -10.692 -7.805  2.895   1.00 26.95  ? 551 GLY A C   1 
ATOM   328 O O   . GLY A 1 51 ? -11.075 -6.853  2.214   1.00 31.18  ? 551 GLY A O   1 
ATOM   329 N N   . PRO A 1 52 ? -10.043 -7.642  4.050   1.00 27.99  ? 552 PRO A N   1 
ATOM   330 C CA  . PRO A 1 52 ? -9.745  -6.308  4.558   1.00 27.20  ? 552 PRO A CA  1 
ATOM   331 C C   . PRO A 1 52 ? -8.407  -5.731  4.084   1.00 27.48  ? 552 PRO A C   1 
ATOM   332 O O   . PRO A 1 52 ? -8.040  -4.658  4.513   1.00 32.04  ? 552 PRO A O   1 
ATOM   333 C CB  . PRO A 1 52 ? -9.671  -6.549  6.056   1.00 28.87  ? 552 PRO A CB  1 
ATOM   334 C CG  . PRO A 1 52 ? -9.123  -7.909  6.156   1.00 28.62  ? 552 PRO A CG  1 
ATOM   335 C CD  . PRO A 1 52 ? -9.753  -8.674  5.043   1.00 26.82  ? 552 PRO A CD  1 
ATOM   336 N N   . ALA A 1 53 ? -7.673  -6.463  3.269   1.00 29.46  ? 553 ALA A N   1 
ATOM   337 C CA  . ALA A 1 53 ? -6.335  -6.090  2.898   1.00 28.41  ? 553 ALA A CA  1 
ATOM   338 C C   . ALA A 1 53 ? -6.190  -5.639  1.463   1.00 29.00  ? 553 ALA A C   1 
ATOM   339 O O   . ALA A 1 53 ? -6.919  -6.084  0.623   1.00 28.67  ? 553 ALA A O   1 
ATOM   340 C CB  . ALA A 1 53 ? -5.409  -7.240  3.163   1.00 29.29  ? 553 ALA A CB  1 
ATOM   341 N N   . VAL A 1 54 ? -5.209  -4.810  1.176   1.00 26.92  ? 554 VAL A N   1 
ATOM   342 C CA  . VAL A 1 54 ? -4.779  -4.594  -0.186  1.00 27.17  ? 554 VAL A CA  1 
ATOM   343 C C   . VAL A 1 54 ? -3.367  -5.135  -0.381  1.00 27.83  ? 554 VAL A C   1 
ATOM   344 O O   . VAL A 1 54 ? -2.560  -5.043  0.514   1.00 27.37  ? 554 VAL A O   1 
ATOM   345 C CB  . VAL A 1 54 ? -4.889  -3.124  -0.606  1.00 25.92  ? 554 VAL A CB  1 
ATOM   346 C CG1 . VAL A 1 54 ? -4.030  -2.250  0.272   1.00 28.17  ? 554 VAL A CG1 1 
ATOM   347 C CG2 . VAL A 1 54 ? -4.528  -2.952  -2.061  1.00 26.42  ? 554 VAL A CG2 1 
ATOM   348 N N   . THR A 1 55 ? -3.128  -5.723  -1.527  1.00 28.10  ? 555 THR A N   1 
ATOM   349 C CA  A THR A 1 55 ? -1.781  -6.234  -1.712  0.50 27.84  ? 555 THR A CA  1 
ATOM   350 C CA  B THR A 1 55 ? -1.828  -6.271  -1.715  0.50 29.64  ? 555 THR A CA  1 
ATOM   351 C C   . THR A 1 55 ? -1.206  -5.784  -3.031  1.00 30.75  ? 555 THR A C   1 
ATOM   352 O O   . THR A 1 55 ? -2.017  -5.408  -3.831  1.00 28.28  ? 555 THR A O   1 
ATOM   353 C CB  A THR A 1 55 ? -1.699  -7.756  -1.638  0.50 29.07  ? 555 THR A CB  1 
ATOM   354 C CB  B THR A 1 55 ? -1.908  -7.788  -1.672  0.50 32.85  ? 555 THR A CB  1 
ATOM   355 O OG1 A THR A 1 55 ? -2.248  -8.313  -2.815  0.50 28.37  ? 555 THR A OG1 1 
ATOM   356 O OG1 B THR A 1 55 ? -0.605  -8.316  -1.559  0.50 34.31  ? 555 THR A OG1 1 
ATOM   357 C CG2 A THR A 1 55 ? -2.513  -8.241  -0.517  0.50 25.28  ? 555 THR A CG2 1 
ATOM   358 C CG2 B THR A 1 55 ? -2.500  -8.303  -2.898  0.50 35.32  ? 555 THR A CG2 1 
ATOM   359 N N   . PHE A 1 56 ? 0.091   -5.787  -3.303  1.00 28.98  ? 556 PHE A N   1 
ATOM   360 C CA  . PHE A 1 56 ? 0.672   -5.132  -4.471  1.00 31.56  ? 556 PHE A CA  1 
ATOM   361 C C   . PHE A 1 56 ? 2.129   -5.561  -4.666  1.00 33.54  ? 556 PHE A C   1 
ATOM   362 O O   . PHE A 1 56 ? 2.733   -6.057  -3.750  1.00 32.41  ? 556 PHE A O   1 
ATOM   363 C CB  . PHE A 1 56 ? 0.580   -3.620  -4.319  1.00 30.52  ? 556 PHE A CB  1 
ATOM   364 C CG  . PHE A 1 56 ? 1.051   -3.131  -2.992  1.00 32.61  ? 556 PHE A CG  1 
ATOM   365 C CD1 . PHE A 1 56 ? 2.374   -2.911  -2.769  1.00 33.05  ? 556 PHE A CD1 1 
ATOM   366 C CD2 . PHE A 1 56 ? 0.173   -2.943  -1.952  1.00 34.99  ? 556 PHE A CD2 1 
ATOM   367 C CE1 . PHE A 1 56 ? 2.818   -2.491  -1.551  1.00 31.63  ? 556 PHE A CE1 1 
ATOM   368 C CE2 . PHE A 1 56 ? 0.614   -2.522  -0.723  1.00 31.24  ? 556 PHE A CE2 1 
ATOM   369 C CZ  . PHE A 1 56 ? 1.940   -2.300  -0.523  1.00 31.98  ? 556 PHE A CZ  1 
ATOM   370 N N   . LYS A 1 57 ? 2.685   -5.332  -5.834  1.00 33.59  ? 557 LYS A N   1 
ATOM   371 C CA  . LYS A 1 57 ? 4.096   -5.495  -6.045  1.00 36.94  ? 557 LYS A CA  1 
ATOM   372 C C   . LYS A 1 57 ? 4.654   -4.161  -6.467  1.00 35.03  ? 557 LYS A C   1 
ATOM   373 O O   . LYS A 1 57 ? 4.038   -3.467  -7.200  1.00 36.53  ? 557 LYS A O   1 
ATOM   374 C CB  . LYS A 1 57 ? 4.350   -6.512  -7.127  1.00 43.04  ? 557 LYS A CB  1 
ATOM   375 C CG  . LYS A 1 57 ? 3.605   -7.799  -6.903  1.00 49.17  ? 557 LYS A CG  1 
ATOM   376 C CD  . LYS A 1 57 ? 4.483   -9.021  -7.106  1.00 57.08  ? 557 LYS A CD  1 
ATOM   377 C CE  . LYS A 1 57 ? 3.662   -10.281 -7.130  1.00 54.55  ? 557 LYS A CE  1 
ATOM   378 N NZ  . LYS A 1 57 ? 3.764   -10.983 -8.429  1.00 63.74  ? 557 LYS A NZ  1 
ATOM   379 N N   . VAL A 1 58 ? 5.843   -3.825  -6.046  1.00 35.07  ? 558 VAL A N   1 
ATOM   380 C CA  . VAL A 1 58 ? 6.514   -2.640  -6.526  1.00 37.62  ? 558 VAL A CA  1 
ATOM   381 C C   . VAL A 1 58 ? 7.453   -3.022  -7.671  1.00 39.47  ? 558 VAL A C   1 
ATOM   382 O O   . VAL A 1 58 ? 8.304   -3.840  -7.459  1.00 40.11  ? 558 VAL A O   1 
ATOM   383 C CB  . VAL A 1 58 ? 7.306   -2.016  -5.380  1.00 41.15  ? 558 VAL A CB  1 
ATOM   384 C CG1 . VAL A 1 58 ? 7.856   -0.668  -5.757  1.00 43.47  ? 558 VAL A CG1 1 
ATOM   385 C CG2 . VAL A 1 58 ? 6.430   -1.897  -4.163  1.00 45.31  ? 558 VAL A CG2 1 
ATOM   386 N N   . SER A 1 59 ? 7.284   -2.457  -8.841  1.00 36.45  ? 559 SER A N   1 
ATOM   387 C CA  . SER A 1 59 ? 8.184   -2.745  -9.928  1.00 39.48  ? 559 SER A CA  1 
ATOM   388 C C   . SER A 1 59 ? 9.403   -1.846  -9.862  1.00 38.31  ? 559 SER A C   1 
ATOM   389 O O   . SER A 1 59 ? 9.391   -0.877  -9.183  1.00 38.40  ? 559 SER A O   1 
ATOM   390 C CB  . SER A 1 59 ? 7.457   -2.530  -11.232 1.00 41.62  ? 559 SER A CB  1 
ATOM   391 O OG  . SER A 1 59 ? 6.154   -2.983  -11.103 1.00 50.31  ? 559 SER A OG  1 
ATOM   392 N N   . ALA A 1 60 ? 10.468  -2.186  -10.564 1.00 39.27  ? 560 ALA A N   1 
ATOM   393 C CA  . ALA A 1 60 ? 11.625  -1.307  -10.626 1.00 42.43  ? 560 ALA A CA  1 
ATOM   394 C C   . ALA A 1 60 ? 11.205  0.067   -11.129 1.00 42.16  ? 560 ALA A C   1 
ATOM   395 O O   . ALA A 1 60 ? 10.330  0.179   -11.938 1.00 42.41  ? 560 ALA A O   1 
ATOM   396 C CB  . ALA A 1 60 ? 12.717  -1.892  -11.485 1.00 44.52  ? 560 ALA A CB  1 
ATOM   397 N N   . ASN A 1 61 ? 11.777  1.111   -10.572 1.00 41.52  ? 561 ASN A N   1 
ATOM   398 C CA  . ASN A 1 61 ? 11.304  2.447   -10.834 1.00 42.05  ? 561 ASN A CA  1 
ATOM   399 C C   . ASN A 1 61 ? 12.396  3.515   -10.845 1.00 43.70  ? 561 ASN A C   1 
ATOM   400 O O   . ASN A 1 61 ? 13.487  3.243   -10.428 1.00 44.11  ? 561 ASN A O   1 
ATOM   401 C CB  . ASN A 1 61 ? 10.216  2.799   -9.845  1.00 38.83  ? 561 ASN A CB  1 
ATOM   402 C CG  . ASN A 1 61 ? 10.674  2.672   -8.421  1.00 38.92  ? 561 ASN A CG  1 
ATOM   403 O OD1 . ASN A 1 61 ? 11.293  3.547   -7.893  1.00 43.89  ? 561 ASN A OD1 1 
ATOM   404 N ND2 . ASN A 1 61 ? 10.359  1.579   -7.815  1.00 36.63  ? 561 ASN A ND2 1 
ATOM   405 N N   . VAL A 1 62 ? 12.089  4.720   -11.289 1.00 45.12  ? 562 VAL A N   1 
ATOM   406 C CA  . VAL A 1 62 ? 13.124  5.737   -11.386 1.00 48.30  ? 562 VAL A CA  1 
ATOM   407 C C   . VAL A 1 62 ? 13.572  6.256   -10.043 1.00 50.21  ? 562 VAL A C   1 
ATOM   408 O O   . VAL A 1 62 ? 14.618  6.815   -9.949  1.00 52.17  ? 562 VAL A O   1 
ATOM   409 C CB  . VAL A 1 62 ? 12.719  6.923   -12.251 1.00 51.04  ? 562 VAL A CB  1 
ATOM   410 C CG1 . VAL A 1 62 ? 12.332  6.484   -13.633 1.00 50.22  ? 562 VAL A CG1 1 
ATOM   411 C CG2 . VAL A 1 62 ? 11.618  7.699   -11.600 1.00 51.21  ? 562 VAL A CG2 1 
ATOM   412 N N   . GLN A 1 63 ? 12.789  6.057   -8.997  1.00 49.71  ? 563 GLN A N   1 
ATOM   413 C CA  . GLN A 1 63 ? 13.213  6.475   -7.674  1.00 51.64  ? 563 GLN A CA  1 
ATOM   414 C C   . GLN A 1 63 ? 13.976  5.425   -6.882  1.00 52.03  ? 563 GLN A C   1 
ATOM   415 O O   . GLN A 1 63 ? 14.374  5.684   -5.796  1.00 54.56  ? 563 GLN A O   1 
ATOM   416 C CB  . GLN A 1 63 ? 12.055  7.018   -6.865  1.00 48.79  ? 563 GLN A CB  1 
ATOM   417 C CG  . GLN A 1 63 ? 11.242  8.091   -7.551  1.00 54.92  ? 563 GLN A CG  1 
ATOM   418 C CD  . GLN A 1 63 ? 11.797  9.494   -7.383  1.00 58.46  ? 563 GLN A CD  1 
ATOM   419 O OE1 . GLN A 1 63 ? 12.948  9.726   -7.601  1.00 65.10  ? 563 GLN A OE1 1 
ATOM   420 N NE2 . GLN A 1 63 ? 10.969  10.410  -7.006  1.00 59.23  ? 563 GLN A NE2 1 
ATOM   421 N N   . ASN A 1 64 ? 14.188  4.270   -7.463  1.00 52.25  ? 564 ASN A N   1 
ATOM   422 C CA  . ASN A 1 64 ? 14.854  3.179   -6.803  1.00 53.11  ? 564 ASN A CA  1 
ATOM   423 C C   . ASN A 1 64 ? 14.171  2.717   -5.535  1.00 51.25  ? 564 ASN A C   1 
ATOM   424 O O   . ASN A 1 64 ? 14.803  2.208   -4.651  1.00 54.71  ? 564 ASN A O   1 
ATOM   425 C CB  . ASN A 1 64 ? 16.285  3.538   -6.485  1.00 64.47  ? 564 ASN A CB  1 
ATOM   426 C CG  . ASN A 1 64 ? 17.232  3.191   -7.611  1.00 74.79  ? 564 ASN A CG  1 
ATOM   427 O OD1 . ASN A 1 64 ? 17.669  2.050   -7.742  1.00 82.81  ? 564 ASN A OD1 1 
ATOM   428 N ND2 . ASN A 1 64 ? 17.542  4.175   -8.429  1.00 68.69  ? 564 ASN A ND2 1 
ATOM   429 N N   . VAL A 1 65 ? 12.871  2.921   -5.436  1.00 47.35  ? 565 VAL A N   1 
ATOM   430 C CA  . VAL A 1 65 ? 12.100  2.527   -4.265  1.00 45.57  ? 565 VAL A CA  1 
ATOM   431 C C   . VAL A 1 65 ? 11.837  1.033   -4.286  1.00 46.30  ? 565 VAL A C   1 
ATOM   432 O O   . VAL A 1 65 ? 11.332  0.533   -5.246  1.00 43.74  ? 565 VAL A O   1 
ATOM   433 C CB  . VAL A 1 65 ? 10.771  3.261   -4.257  1.00 45.07  ? 565 VAL A CB  1 
ATOM   434 C CG1 . VAL A 1 65 ? 9.752   2.549   -3.413  1.00 44.36  ? 565 VAL A CG1 1 
ATOM   435 C CG2 . VAL A 1 65 ? 10.951  4.678   -3.795  1.00 47.04  ? 565 VAL A CG2 1 
ATOM   436 N N   . THR A 1 66 ? 12.181  0.317   -3.223  1.00 45.84  ? 566 THR A N   1 
ATOM   437 C CA  . THR A 1 66 ? 11.980  -1.128  -3.137  1.00 47.07  ? 566 THR A CA  1 
ATOM   438 C C   . THR A 1 66 ? 10.743  -1.536  -2.341  1.00 45.12  ? 566 THR A C   1 
ATOM   439 O O   . THR A 1 66 ? 10.092  -0.717  -1.763  1.00 42.20  ? 566 THR A O   1 
ATOM   440 C CB  . THR A 1 66 ? 13.141  -1.811  -2.425  1.00 53.89  ? 566 THR A CB  1 
ATOM   441 O OG1 . THR A 1 66 ? 13.245  -1.263  -1.119  1.00 50.10  ? 566 THR A OG1 1 
ATOM   442 C CG2 . THR A 1 66 ? 14.421  -1.599  -3.164  1.00 56.72  ? 566 THR A CG2 1 
ATOM   443 N N   . THR A 1 67 ? 10.431  -2.820  -2.293  1.00 46.96  ? 567 THR A N   1 
ATOM   444 C CA  . THR A 1 67 ? 9.272   -3.277  -1.536  1.00 45.98  ? 567 THR A CA  1 
ATOM   445 C C   . THR A 1 67 ? 9.430   -2.954  -0.050  1.00 46.36  ? 567 THR A C   1 
ATOM   446 O O   . THR A 1 67 ? 8.506   -2.527  0.600   1.00 40.99  ? 567 THR A O   1 
ATOM   447 C CB  . THR A 1 67 ? 9.045   -4.774  -1.696  1.00 53.64  ? 567 THR A CB  1 
ATOM   448 O OG1 . THR A 1 67 ? 9.174   -5.117  -3.064  1.00 51.97  ? 567 THR A OG1 1 
ATOM   449 C CG2 . THR A 1 67 ? 7.682   -5.135  -1.264  1.00 48.70  ? 567 THR A CG2 1 
ATOM   450 N N   . GLU A 1 68 ? 10.617  -3.124  0.494   1.00 47.68  ? 568 GLU A N   1 
ATOM   451 C CA  . GLU A 1 68 ? 10.822  -2.747  1.881   1.00 53.25  ? 568 GLU A CA  1 
ATOM   452 C C   . GLU A 1 68 ? 10.716  -1.257  2.133   1.00 51.46  ? 568 GLU A C   1 
ATOM   453 O O   . GLU A 1 68 ? 10.185  -0.864  3.139   1.00 48.67  ? 568 GLU A O   1 
ATOM   454 C CB  . GLU A 1 68 ? 12.115  -3.307  2.425   1.00 60.86  ? 568 GLU A CB  1 
ATOM   455 C CG  . GLU A 1 68 ? 12.128  -4.816  2.520   1.00 71.32  ? 568 GLU A CG  1 
ATOM   456 C CD  . GLU A 1 68 ? 11.327  -5.352  3.696   1.00 76.29  ? 568 GLU A CD  1 
ATOM   457 O OE1 . GLU A 1 68 ? 10.953  -4.560  4.567   1.00 81.72  ? 568 GLU A OE1 1 
ATOM   458 O OE2 . GLU A 1 68 ? 11.067  -6.560  3.732   1.00 72.75  ? 568 GLU A OE2 1 
ATOM   459 N N   . ASP A 1 69 ? 11.157  -0.416  1.205   1.00 48.68  ? 569 ASP A N   1 
ATOM   460 C CA  . ASP A 1 69 ? 11.009  1.013   1.378   1.00 46.81  ? 569 ASP A CA  1 
ATOM   461 C C   . ASP A 1 69 ? 9.560   1.387   1.473   1.00 42.18  ? 569 ASP A C   1 
ATOM   462 O O   . ASP A 1 69 ? 9.194   2.260   2.197   1.00 42.74  ? 569 ASP A O   1 
ATOM   463 C CB  . ASP A 1 69 ? 11.612  1.781   0.227   1.00 46.01  ? 569 ASP A CB  1 
ATOM   464 C CG  . ASP A 1 69 ? 13.096  1.688   0.169   1.00 56.34  ? 569 ASP A CG  1 
ATOM   465 O OD1 . ASP A 1 69 ? 13.742  1.301   1.136   1.00 56.10  ? 569 ASP A OD1 1 
ATOM   466 O OD2 . ASP A 1 69 ? 13.629  1.997   -0.889  1.00 55.34  ? 569 ASP A OD2 1 
ATOM   467 N N   . VAL A 1 70 ? 8.719   0.717   0.714   1.00 39.10  ? 570 VAL A N   1 
ATOM   468 C CA  . VAL A 1 70 ? 7.317   1.008   0.750   1.00 38.97  ? 570 VAL A CA  1 
ATOM   469 C C   . VAL A 1 70 ? 6.708   0.601   2.086   1.00 41.59  ? 570 VAL A C   1 
ATOM   470 O O   . VAL A 1 70 ? 5.930   1.298   2.641   1.00 41.94  ? 570 VAL A O   1 
ATOM   471 C CB  . VAL A 1 70 ? 6.580   0.307   -0.390  1.00 37.30  ? 570 VAL A CB  1 
ATOM   472 C CG1 . VAL A 1 70 ? 5.101   0.451   -0.209  1.00 38.15  ? 570 VAL A CG1 1 
ATOM   473 C CG2 . VAL A 1 70 ? 7.008   0.870   -1.727  1.00 36.24  ? 570 VAL A CG2 1 
ATOM   474 N N   . GLU A 1 71 ? 7.108   -0.533  2.602   1.00 40.37  ? 571 GLU A N   1 
ATOM   475 C CA  . GLU A 1 71 ? 6.637   -0.964  3.892   1.00 42.57  ? 571 GLU A CA  1 
ATOM   476 C C   . GLU A 1 71 ? 7.036   0.031   4.966   1.00 43.59  ? 571 GLU A C   1 
ATOM   477 O O   . GLU A 1 71 ? 6.213   0.456   5.717   1.00 43.93  ? 571 GLU A O   1 
ATOM   478 C CB  . GLU A 1 71 ? 7.202   -2.319  4.213   1.00 46.70  ? 571 GLU A CB  1 
ATOM   479 C CG  . GLU A 1 71 ? 6.380   -3.079  5.216   1.00 57.34  ? 571 GLU A CG  1 
ATOM   480 C CD  . GLU A 1 71 ? 7.200   -3.900  6.174   1.00 63.36  ? 571 GLU A CD  1 
ATOM   481 O OE1 . GLU A 1 71 ? 8.060   -4.663  5.742   1.00 70.54  ? 571 GLU A OE1 1 
ATOM   482 O OE2 . GLU A 1 71 ? 6.928   -3.826  7.363   1.00 66.28  ? 571 GLU A OE2 1 
ATOM   483 N N   . LYS A 1 72 ? 8.302   0.409   5.022   1.00 47.15  ? 572 LYS A N   1 
ATOM   484 C CA  . LYS A 1 72 ? 8.792   1.391   5.999   1.00 50.88  ? 572 LYS A CA  1 
ATOM   485 C C   . LYS A 1 72 ? 8.119   2.743   5.923   1.00 50.25  ? 572 LYS A C   1 
ATOM   486 O O   . LYS A 1 72 ? 7.801   3.306   6.926   1.00 54.46  ? 572 LYS A O   1 
ATOM   487 C CB  . LYS A 1 72 ? 10.297  1.539   5.913   1.00 59.71  ? 572 LYS A CB  1 
ATOM   488 C CG  . LYS A 1 72 ? 11.045  0.286   6.305   1.00 65.21  ? 572 LYS A CG  1 
ATOM   489 C CD  . LYS A 1 72 ? 12.548  0.410   6.158   1.00 77.26  ? 572 LYS A CD  1 
ATOM   490 C CE  . LYS A 1 72 ? 13.296  -0.119  7.371   1.00 85.45  ? 572 LYS A CE  1 
ATOM   491 N NZ  . LYS A 1 72 ? 14.193  0.896   7.993   1.00 93.12  ? 572 LYS A NZ  1 
ATOM   492 N N   . ALA A 1 73 ? 7.851   3.248   4.729   1.00 48.27  ? 573 ALA A N   1 
ATOM   493 C CA  . ALA A 1 73 ? 7.160   4.509   4.576   1.00 48.73  ? 573 ALA A CA  1 
ATOM   494 C C   . ALA A 1 73 ? 5.738   4.433   5.061   1.00 45.77  ? 573 ALA A C   1 
ATOM   495 O O   . ALA A 1 73 ? 5.226   5.368   5.583   1.00 48.52  ? 573 ALA A O   1 
ATOM   496 C CB  . ALA A 1 73 ? 7.186   4.949   3.132   1.00 51.30  ? 573 ALA A CB  1 
ATOM   497 N N   . THR A 1 74 ? 5.135   3.264   4.920   1.00 42.57  ? 574 THR A N   1 
ATOM   498 C CA  . THR A 1 74 ? 3.800   3.005   5.397   1.00 41.09  ? 574 THR A CA  1 
ATOM   499 C C   . THR A 1 74 ? 3.756   2.994   6.933   1.00 45.18  ? 574 THR A C   1 
ATOM   500 O O   . THR A 1 74 ? 2.927   3.609   7.522   1.00 47.45  ? 574 THR A O   1 
ATOM   501 C CB  . THR A 1 74 ? 3.227   1.692   4.804   1.00 38.61  ? 574 THR A CB  1 
ATOM   502 O OG1 . THR A 1 74 ? 3.331   1.720   3.386   1.00 40.12  ? 574 THR A OG1 1 
ATOM   503 C CG2 . THR A 1 74 ? 1.808   1.567   5.133   1.00 38.30  ? 574 THR A CG2 1 
ATOM   504 N N   . VAL A 1 75 ? 4.659   2.291   7.560   1.00 46.12  ? 575 VAL A N   1 
ATOM   505 C CA  . VAL A 1 75 ? 4.735   2.330   9.004   1.00 47.76  ? 575 VAL A CA  1 
ATOM   506 C C   . VAL A 1 75 ? 5.007   3.762   9.454   1.00 53.19  ? 575 VAL A C   1 
ATOM   507 O O   . VAL A 1 75 ? 4.314   4.297   10.274  1.00 52.38  ? 575 VAL A O   1 
ATOM   508 C CB  . VAL A 1 75 ? 5.813   1.399   9.525   1.00 48.96  ? 575 VAL A CB  1 
ATOM   509 C CG1 . VAL A 1 75 ? 5.933   1.542   11.021  1.00 56.07  ? 575 VAL A CG1 1 
ATOM   510 C CG2 . VAL A 1 75 ? 5.490   -0.024  9.166   1.00 46.45  ? 575 VAL A CG2 1 
ATOM   511 N N   . ASP A 1 76 ? 6.024   4.414   8.901   1.00 56.55  ? 576 ASP A N   1 
ATOM   512 C CA  . ASP A 1 76 ? 6.403   5.754   9.346   1.00 65.72  ? 576 ASP A CA  1 
ATOM   513 C C   . ASP A 1 76 ? 5.343   6.812   9.152   1.00 67.44  ? 576 ASP A C   1 
ATOM   514 O O   . ASP A 1 76 ? 5.288   7.748   9.913   1.00 69.22  ? 576 ASP A O   1 
ATOM   515 C CB  . ASP A 1 76 ? 7.693   6.238   8.701   1.00 69.44  ? 576 ASP A CB  1 
ATOM   516 C CG  . ASP A 1 76 ? 8.855   5.319   8.939   1.00 73.85  ? 576 ASP A CG  1 
ATOM   517 O OD1 . ASP A 1 76 ? 8.792   4.463   9.825   1.00 76.51  ? 576 ASP A OD1 1 
ATOM   518 O OD2 . ASP A 1 76 ? 9.849   5.437   8.225   1.00 77.35  ? 576 ASP A OD2 1 
ATOM   519 N N   . ASN A 1 77 ? 4.479   6.661   8.167   1.00 59.11  ? 577 ASN A N   1 
ATOM   520 C CA  . ASN A 1 77 ? 3.475   7.667   7.909   1.00 58.59  ? 577 ASN A CA  1 
ATOM   521 C C   . ASN A 1 77 ? 2.065   7.193   8.164   1.00 57.93  ? 577 ASN A C   1 
ATOM   522 O O   . ASN A 1 77 ? 1.137   7.735   7.625   1.00 56.10  ? 577 ASN A O   1 
ATOM   523 C CB  . ASN A 1 77 ? 3.624   8.210   6.493   1.00 56.38  ? 577 ASN A CB  1 
ATOM   524 C CG  . ASN A 1 77 ? 4.981   8.820   6.249   1.00 58.60  ? 577 ASN A CG  1 
ATOM   525 O OD1 . ASN A 1 77 ? 5.191   9.974   6.537   1.00 60.50  ? 577 ASN A OD1 1 
ATOM   526 N ND2 . ASN A 1 77 ? 5.899   8.045   5.743   1.00 57.51  ? 577 ASN A ND2 1 
ATOM   527 N N   . LYS A 1 78 ? 1.899   6.182   8.992   1.00 55.70  ? 578 LYS A N   1 
ATOM   528 C CA  . LYS A 1 78 ? 0.604   5.570   9.196   1.00 52.03  ? 578 LYS A CA  1 
ATOM   529 C C   . LYS A 1 78 ? -0.501  6.539   9.542   1.00 54.34  ? 578 LYS A C   1 
ATOM   530 O O   . LYS A 1 78 ? -1.552  6.519   8.945   1.00 52.73  ? 578 LYS A O   1 
ATOM   531 C CB  . LYS A 1 78 ? 0.711   4.450   10.221  1.00 56.88  ? 578 LYS A CB  1 
ATOM   532 C CG  . LYS A 1 78 ? -0.611  3.850   10.650  1.00 53.92  ? 578 LYS A CG  1 
ATOM   533 C CD  . LYS A 1 78 ? -0.390  2.689   11.585  1.00 52.95  ? 578 LYS A CD  1 
ATOM   534 C CE  . LYS A 1 78 ? -0.653  3.106   13.005  1.00 61.30  ? 578 LYS A CE  1 
ATOM   535 N NZ  . LYS A 1 78 ? -0.504  1.978   13.940  1.00 61.64  ? 578 LYS A NZ  1 
ATOM   536 N N   . ASP A 1 79 ? -0.241  7.411   10.497  1.00 57.40  ? 579 ASP A N   1 
ATOM   537 C CA  . ASP A 1 79 ? -1.227  8.380   10.869  1.00 61.52  ? 579 ASP A CA  1 
ATOM   538 C C   . ASP A 1 79 ? -1.589  9.323   9.726   1.00 63.64  ? 579 ASP A C   1 
ATOM   539 O O   . ASP A 1 79 ? -2.735  9.606   9.543   1.00 66.62  ? 579 ASP A O   1 
ATOM   540 C CB  . ASP A 1 79 ? -0.775  9.180   12.083  1.00 69.53  ? 579 ASP A CB  1 
ATOM   541 C CG  . ASP A 1 79 ? -0.686  8.358   13.340  1.00 70.39  ? 579 ASP A CG  1 
ATOM   542 O OD1 . ASP A 1 79 ? -1.026  7.186   13.356  1.00 66.43  ? 579 ASP A OD1 1 
ATOM   543 O OD2 . ASP A 1 79 ? -0.260  8.909   14.342  1.00 80.63  ? 579 ASP A OD2 1 
ATOM   544 N N   . LYS A 1 80 ? -0.631  9.784   8.942   1.00 64.17  ? 580 LYS A N   1 
ATOM   545 C CA  . LYS A 1 80 ? -0.963  10.650  7.825   1.00 64.70  ? 580 LYS A CA  1 
ATOM   546 C C   . LYS A 1 80 ? -1.811  9.931   6.789   1.00 57.00  ? 580 LYS A C   1 
ATOM   547 O O   . LYS A 1 80 ? -2.761  10.462  6.280   1.00 57.27  ? 580 LYS A O   1 
ATOM   548 C CB  . LYS A 1 80 ? 0.304   11.185  7.196   1.00 65.93  ? 580 LYS A CB  1 
ATOM   549 C CG  . LYS A 1 80 ? 1.262   11.798  8.190   1.00 75.49  ? 580 LYS A CG  1 
ATOM   550 C CD  . LYS A 1 80 ? 2.582   12.168  7.551   1.00 76.85  ? 580 LYS A CD  1 
ATOM   551 C CE  . LYS A 1 80 ? 3.733   12.049  8.521   1.00 80.74  ? 580 LYS A CE  1 
ATOM   552 N NZ  . LYS A 1 80 ? 4.148   13.386  9.030   1.00 87.30  ? 580 LYS A NZ  1 
ATOM   553 N N   . LEU A 1 81 ? -1.462  8.679   6.510   1.00 53.57  ? 581 LEU A N   1 
ATOM   554 C CA  . LEU A 1 81 ? -2.202  7.846   5.562   1.00 49.51  ? 581 LEU A CA  1 
ATOM   555 C C   . LEU A 1 81 ? -3.624  7.609   5.991   1.00 51.46  ? 581 LEU A C   1 
ATOM   556 O O   . LEU A 1 81 ? -4.533  7.686   5.213   1.00 50.64  ? 581 LEU A O   1 
ATOM   557 C CB  . LEU A 1 81 ? -1.510  6.520   5.378   1.00 47.06  ? 581 LEU A CB  1 
ATOM   558 C CG  . LEU A 1 81 ? -0.197  6.581   4.637   1.00 47.31  ? 581 LEU A CG  1 
ATOM   559 C CD1 . LEU A 1 81 ? 0.635   5.337   4.763   1.00 45.23  ? 581 LEU A CD1 1 
ATOM   560 C CD2 . LEU A 1 81 ? -0.469  6.904   3.196   1.00 50.61  ? 581 LEU A CD2 1 
ATOM   561 N N   . GLU A 1 82 ? -3.785  7.366   7.279   1.00 50.52  ? 582 GLU A N   1 
ATOM   562 C CA  . GLU A 1 82 ? -5.083  7.208   7.870   1.00 51.80  ? 582 GLU A CA  1 
ATOM   563 C C   . GLU A 1 82 ? -5.894  8.478   7.732   1.00 57.72  ? 582 GLU A C   1 
ATOM   564 O O   . GLU A 1 82 ? -7.052  8.429   7.421   1.00 57.40  ? 582 GLU A O   1 
ATOM   565 C CB  . GLU A 1 82 ? -4.958  6.773   9.324   1.00 53.43  ? 582 GLU A CB  1 
ATOM   566 C CG  . GLU A 1 82 ? -4.402  5.376   9.497   1.00 47.41  ? 582 GLU A CG  1 
ATOM   567 C CD  . GLU A 1 82 ? -4.266  4.918   10.935  1.00 52.52  ? 582 GLU A CD  1 
ATOM   568 O OE1 . GLU A 1 82 ? -4.271  5.743   11.838  1.00 59.50  ? 582 GLU A OE1 1 
ATOM   569 O OE2 . GLU A 1 82 ? -4.135  3.720   11.177  1.00 50.65  ? 582 GLU A OE2 1 
ATOM   570 N N   . GLU A 1 83 ? -5.291  9.634   7.935   1.00 62.63  ? 583 GLU A N   1 
ATOM   571 C CA  . GLU A 1 83 ? -6.041  10.867  7.763   1.00 69.56  ? 583 GLU A CA  1 
ATOM   572 C C   . GLU A 1 83 ? -6.423  11.095  6.305   1.00 67.78  ? 583 GLU A C   1 
ATOM   573 O O   . GLU A 1 83 ? -7.556  11.390  6.005   1.00 69.97  ? 583 GLU A O   1 
ATOM   574 C CB  . GLU A 1 83 ? -5.288  12.049  8.347   1.00 75.91  ? 583 GLU A CB  1 
ATOM   575 C CG  . GLU A 1 83 ? -5.904  13.398  8.030   1.00 89.40  ? 583 GLU A CG  1 
ATOM   576 C CD  . GLU A 1 83 ? -6.942  13.847  9.040   1.00 98.36  ? 583 GLU A CD  1 
ATOM   577 O OE1 . GLU A 1 83 ? -7.783  14.695  8.671   1.00 106.65 ? 583 GLU A OE1 1 
ATOM   578 O OE2 . GLU A 1 83 ? -6.913  13.351  10.190  1.00 101.61 ? 583 GLU A OE2 1 
ATOM   579 N N   . THR A 1 84 ? -5.464  10.909  5.413   1.00 63.30  ? 584 THR A N   1 
ATOM   580 C CA  . THR A 1 84 ? -5.719  11.047  3.996   1.00 63.76  ? 584 THR A CA  1 
ATOM   581 C C   . THR A 1 84 ? -6.774  10.096  3.502   1.00 61.74  ? 584 THR A C   1 
ATOM   582 O O   . THR A 1 84 ? -7.672  10.487  2.812   1.00 66.73  ? 584 THR A O   1 
ATOM   583 C CB  . THR A 1 84 ? -4.490  10.780  3.156   1.00 59.08  ? 584 THR A CB  1 
ATOM   584 O OG1 . THR A 1 84 ? -3.467  11.699  3.489   1.00 60.32  ? 584 THR A OG1 1 
ATOM   585 C CG2 . THR A 1 84 ? -4.828  10.964  1.751   1.00 59.37  ? 584 THR A CG2 1 
ATOM   586 N N   . SER A 1 85 ? -6.661  8.838   3.881   1.00 58.12  ? 585 SER A N   1 
ATOM   587 C CA  . SER A 1 85 ? -7.570  7.831   3.401   1.00 56.84  ? 585 SER A CA  1 
ATOM   588 C C   . SER A 1 85 ? -8.890  7.808   4.128   1.00 60.49  ? 585 SER A C   1 
ATOM   589 O O   . SER A 1 85 ? -9.867  7.411   3.562   1.00 63.32  ? 585 SER A O   1 
ATOM   590 C CB  . SER A 1 85 ? -6.909  6.470   3.481   1.00 49.82  ? 585 SER A CB  1 
ATOM   591 O OG  . SER A 1 85 ? -6.628  6.137   4.797   1.00 48.93  ? 585 SER A OG  1 
ATOM   592 N N   . GLY A 1 86 ? -8.896  8.152   5.390   1.00 60.97  ? 586 GLY A N   1 
ATOM   593 C CA  . GLY A 1 86 ? -10.111 8.032   6.132   1.00 62.07  ? 586 GLY A CA  1 
ATOM   594 C C   . GLY A 1 86 ? -10.381 6.611   6.563   1.00 58.65  ? 586 GLY A C   1 
ATOM   595 O O   . GLY A 1 86 ? -11.476 6.267   6.898   1.00 61.78  ? 586 GLY A O   1 
ATOM   596 N N   . LEU A 1 87 ? -9.365  5.774   6.646   1.00 52.60  ? 587 LEU A N   1 
ATOM   597 C CA  . LEU A 1 87 ? -9.537  4.459   7.236   1.00 51.26  ? 587 LEU A CA  1 
ATOM   598 C C   . LEU A 1 87 ? -8.424  4.139   8.188   1.00 50.17  ? 587 LEU A C   1 
ATOM   599 O O   . LEU A 1 87 ? -7.494  4.893   8.292   1.00 52.08  ? 587 LEU A O   1 
ATOM   600 C CB  . LEU A 1 87 ? -9.641  3.386   6.166   1.00 47.34  ? 587 LEU A CB  1 
ATOM   601 C CG  . LEU A 1 87 ? -8.579  3.361   5.096   1.00 45.05  ? 587 LEU A CG  1 
ATOM   602 C CD1 . LEU A 1 87 ? -7.314  2.813   5.673   1.00 40.09  ? 587 LEU A CD1 1 
ATOM   603 C CD2 . LEU A 1 87 ? -9.073  2.549   3.935   1.00 43.65  ? 587 LEU A CD2 1 
ATOM   604 N N   . LYS A 1 88 ? -8.512  3.023   8.881   1.00 46.63  ? 588 LYS A N   1 
ATOM   605 C CA  . LYS A 1 88 ? -7.462  2.638   9.781   1.00 47.34  ? 588 LYS A CA  1 
ATOM   606 C C   . LYS A 1 88 ? -6.573  1.538   9.215   1.00 40.64  ? 588 LYS A C   1 
ATOM   607 O O   . LYS A 1 88 ? -7.037  0.602   8.640   1.00 40.51  ? 588 LYS A O   1 
ATOM   608 C CB  . LYS A 1 88 ? -8.023  2.224   11.143  1.00 49.78  ? 588 LYS A CB  1 
ATOM   609 C CG  . LYS A 1 88 ? -8.828  3.290   11.871  1.00 57.45  ? 588 LYS A CG  1 
ATOM   610 C CD  . LYS A 1 88 ? -7.937  4.445   12.279  1.00 65.71  ? 588 LYS A CD  1 
ATOM   611 C CE  . LYS A 1 88 ? -8.633  5.467   13.165  1.00 74.15  ? 588 LYS A CE  1 
ATOM   612 N NZ  . LYS A 1 88 ? -7.703  5.975   14.208  1.00 76.95  ? 588 LYS A NZ  1 
ATOM   613 N N   . ILE A 1 89 ? -5.296  1.643   9.446   1.00 39.82  ? 589 ILE A N   1 
ATOM   614 C CA  . ILE A 1 89 ? -4.368  0.652   9.033   1.00 38.18  ? 589 ILE A CA  1 
ATOM   615 C C   . ILE A 1 89 ? -4.039  -0.178  10.254  1.00 38.99  ? 589 ILE A C   1 
ATOM   616 O O   . ILE A 1 89 ? -3.620  0.362   11.229  1.00 44.09  ? 589 ILE A O   1 
ATOM   617 C CB  . ILE A 1 89 ? -3.120  1.329   8.473   1.00 37.64  ? 589 ILE A CB  1 
ATOM   618 C CG1 . ILE A 1 89 ? -3.444  1.999   7.133   1.00 39.59  ? 589 ILE A CG1 1 
ATOM   619 C CG2 . ILE A 1 89 ? -1.981  0.368   8.363   1.00 36.34  ? 589 ILE A CG2 1 
ATOM   620 C CD1 . ILE A 1 89 ? -2.319  2.831   6.587   1.00 39.21  ? 589 ILE A CD1 1 
ATOM   621 N N   . LEU A 1 90 ? -4.246  -1.487  10.177  1.00 36.42  ? 590 LEU A N   1 
ATOM   622 C CA  . LEU A 1 90 ? -4.077  -2.401  11.291  1.00 38.88  ? 590 LEU A CA  1 
ATOM   623 C C   . LEU A 1 90 ? -2.816  -3.192  11.237  1.00 41.01  ? 590 LEU A C   1 
ATOM   624 O O   . LEU A 1 90 ? -2.365  -3.673  12.225  1.00 44.13  ? 590 LEU A O   1 
ATOM   625 C CB  . LEU A 1 90 ? -5.236  -3.373  11.389  1.00 37.35  ? 590 LEU A CB  1 
ATOM   626 C CG  . LEU A 1 90 ? -6.621  -2.788  11.556  1.00 40.40  ? 590 LEU A CG  1 
ATOM   627 C CD1 . LEU A 1 90 ? -7.694  -3.830  11.582  1.00 40.42  ? 590 LEU A CD1 1 
ATOM   628 C CD2 . LEU A 1 90 ? -6.736  -1.839  12.726  1.00 44.87  ? 590 LEU A CD2 1 
ATOM   629 N N   . GLN A 1 91 ? -2.217  -3.341  10.075  1.00 35.83  ? 591 GLN A N   1 
ATOM   630 C CA  . GLN A 1 91 ? -0.988  -4.089  9.933   1.00 34.90  ? 591 GLN A CA  1 
ATOM   631 C C   . GLN A 1 91 ? -0.409  -3.820  8.572   1.00 33.99  ? 591 GLN A C   1 
ATOM   632 O O   . GLN A 1 91 ? -1.149  -3.570  7.652   1.00 32.06  ? 591 GLN A O   1 
ATOM   633 C CB  . GLN A 1 91 ? -1.232  -5.595  10.083  1.00 35.36  ? 591 GLN A CB  1 
ATOM   634 C CG  . GLN A 1 91 ? 0.008   -6.451  9.984   1.00 34.32  ? 591 GLN A CG  1 
ATOM   635 C CD  . GLN A 1 91 ? -0.166  -7.858  10.505  1.00 37.54  ? 591 GLN A CD  1 
ATOM   636 O OE1 . GLN A 1 91 ? -1.074  -8.149  11.249  1.00 37.42  ? 591 GLN A OE1 1 
ATOM   637 N NE2 . GLN A 1 91 ? 0.695   -8.725  10.098  1.00 34.93  ? 591 GLN A NE2 1 
ATOM   638 N N   . THR A 1 92 ? 0.889   -3.925  8.410   1.00 33.25  ? 592 THR A N   1 
ATOM   639 C CA  . THR A 1 92 ? 1.480   -3.856  7.085   1.00 33.98  ? 592 THR A CA  1 
ATOM   640 C C   . THR A 1 92 ? 2.676   -4.731  7.067   1.00 35.85  ? 592 THR A C   1 
ATOM   641 O O   . THR A 1 92 ? 3.148   -5.055  8.105   1.00 39.01  ? 592 THR A O   1 
ATOM   642 C CB  . THR A 1 92 ? 1.834   -2.427  6.663   1.00 38.01  ? 592 THR A CB  1 
ATOM   643 O OG1 . THR A 1 92 ? 2.237   -2.434  5.294   1.00 42.45  ? 592 THR A OG1 1 
ATOM   644 C CG2 . THR A 1 92 ? 2.929   -1.874  7.507   1.00 39.77  ? 592 THR A CG2 1 
ATOM   645 N N   . GLY A 1 93 ? 3.112   -5.180  5.924   1.00 33.32  ? 593 GLY A N   1 
ATOM   646 C CA  . GLY A 1 93 ? 4.259   -6.022  5.850   1.00 36.17  ? 593 GLY A CA  1 
ATOM   647 C C   . GLY A 1 93 ? 4.559   -6.449  4.451   1.00 34.51  ? 593 GLY A C   1 
ATOM   648 O O   . GLY A 1 93 ? 4.067   -5.873  3.515   1.00 29.84  ? 593 GLY A O   1 
ATOM   649 N N   . VAL A 1 94 ? 5.384   -7.467  4.334   1.00 35.74  ? 594 VAL A N   1 
ATOM   650 C CA  . VAL A 1 94 ? 5.746   -8.066  3.074   1.00 38.45  ? 594 VAL A CA  1 
ATOM   651 C C   . VAL A 1 94 ? 5.466   -9.566  3.142   1.00 38.56  ? 594 VAL A C   1 
ATOM   652 O O   . VAL A 1 94 ? 5.659   -10.157 4.151   1.00 41.89  ? 594 VAL A O   1 
ATOM   653 C CB  . VAL A 1 94 ? 7.218   -7.787  2.739   1.00 43.10  ? 594 VAL A CB  1 
ATOM   654 C CG1 . VAL A 1 94 ? 7.592   -8.418  1.426   1.00 48.23  ? 594 VAL A CG1 1 
ATOM   655 C CG2 . VAL A 1 94 ? 7.480   -6.307  2.685   1.00 43.23  ? 594 VAL A CG2 1 
ATOM   656 N N   . GLY A 1 95 ? 4.983   -10.189 2.092   1.00 39.04  ? 595 GLY A N   1 
ATOM   657 C CA  . GLY A 1 95 ? 4.577   -11.570 2.177   1.00 41.25  ? 595 GLY A CA  1 
ATOM   658 C C   . GLY A 1 95 ? 5.697   -12.552 1.970   1.00 46.92  ? 595 GLY A C   1 
ATOM   659 O O   . GLY A 1 95 ? 6.743   -12.131 1.567   1.00 46.71  ? 595 GLY A O   1 
ATOM   660 N N   . SER A 1 96 ? 5.491   -13.838 2.226   1.00 49.30  ? 596 SER A N   1 
ATOM   661 C CA  . SER A 1 96 ? 6.522   -14.847 2.052   1.00 59.62  ? 596 SER A CA  1 
ATOM   662 C C   . SER A 1 96 ? 5.998   -15.972 1.193   1.00 64.36  ? 596 SER A C   1 
ATOM   663 O O   . SER A 1 96 ? 4.939   -16.473 1.484   1.00 57.24  ? 596 SER A O   1 
ATOM   664 C CB  . SER A 1 96 ? 6.924   -15.443 3.396   1.00 64.28  ? 596 SER A CB  1 
ATOM   665 O OG  . SER A 1 96 ? 6.986   -14.501 4.441   1.00 66.29  ? 596 SER A OG  1 
ATOM   666 N N   . LYS A 1 97 ? 6.732   -16.383 0.180   1.00 68.55  ? 597 LYS A N   1 
ATOM   667 C CA  . LYS A 1 97 ? 6.272   -17.489 -0.644  1.00 74.29  ? 597 LYS A CA  1 
ATOM   668 C C   . LYS A 1 97 ? 6.172   -18.808 0.104   1.00 78.25  ? 597 LYS A C   1 
ATOM   669 O O   . LYS A 1 97 ? 6.915   -19.052 1.044   1.00 88.88  ? 597 LYS A O   1 
ATOM   670 C CB  . LYS A 1 97 ? 7.122   -17.621 -1.890  1.00 75.82  ? 597 LYS A CB  1 
ATOM   671 C CG  . LYS A 1 97 ? 6.550   -16.832 -3.032  1.00 74.44  ? 597 LYS A CG  1 
ATOM   672 C CD  . LYS A 1 97 ? 7.575   -16.551 -4.104  1.00 85.03  ? 597 LYS A CD  1 
ATOM   673 C CE  . LYS A 1 97 ? 7.205   -15.331 -4.939  1.00 85.97  ? 597 LYS A CE  1 
ATOM   674 N NZ  . LYS A 1 97 ? 8.393   -14.622 -5.514  1.00 84.89  ? 597 LYS A NZ  1 
HETATM 675 O O   . HOH B 2 .  ? 2.433   -2.912  10.655  1.00 52.19  ? 601 HOH A O   1 
HETATM 676 O O   . HOH B 2 .  ? 4.494   -3.300  2.227   1.00 38.41  ? 602 HOH A O   1 
HETATM 677 O O   . HOH B 2 .  ? -1.870  -6.542  13.459  1.00 30.97  ? 603 HOH A O   1 
HETATM 678 O O   . HOH B 2 .  ? 6.545   -8.302  7.056   1.00 41.63  ? 604 HOH A O   1 
HETATM 679 O O   . HOH B 2 .  ? 10.018  -1.564  -14.028 1.00 40.30  ? 605 HOH A O   1 
HETATM 680 O O   . HOH B 2 .  ? -11.845 -9.673  -1.426  1.00 38.75  ? 606 HOH A O   1 
HETATM 681 O O   . HOH B 2 .  ? 4.105   -9.973  7.469   1.00 36.04  ? 607 HOH A O   1 
HETATM 682 O O   . HOH B 2 .  ? -11.915 -6.869  -0.466  1.00 33.06  ? 608 HOH A O   1 
HETATM 683 O O   . HOH B 2 .  ? 5.340   -3.712  9.877   1.00 44.50  ? 609 HOH A O   1 
HETATM 684 O O   . HOH B 2 .  ? 6.157   -3.494  -0.098  1.00 44.28  ? 610 HOH A O   1 
HETATM 685 O O   . HOH B 2 .  ? 7.965   1.190   -12.727 1.00 43.27  ? 611 HOH A O   1 
HETATM 686 O O   . HOH B 2 .  ? -0.669  8.405   -6.557  1.00 49.09  ? 612 HOH A O   1 
HETATM 687 O O   . HOH B 2 .  ? -0.823  10.696  3.091   1.00 54.47  ? 613 HOH A O   1 
HETATM 688 O O   . HOH B 2 .  ? -0.924  -4.753  -12.929 1.00 52.90  ? 614 HOH A O   1 
HETATM 689 O O   . HOH B 2 .  ? 13.179  11.067  -10.273 1.00 39.52  ? 615 HOH A O   1 
HETATM 690 O O   . HOH B 2 .  ? 3.832   -6.900  10.141  1.00 44.35  ? 616 HOH A O   1 
HETATM 691 O O   . HOH B 2 .  ? -7.200  -9.572  9.153   0.50 37.02  ? 617 HOH A O   1 
HETATM 692 O O   . HOH B 2 .  ? -6.079  -10.035 6.646   0.50 35.18  ? 618 HOH A O   1 
HETATM 693 O O   . HOH B 2 .  ? -8.475  -7.169  10.126  1.00 38.04  ? 619 HOH A O   1 
HETATM 694 O O   . HOH B 2 .  ? 1.843   -4.353  12.534  1.00 50.39  ? 620 HOH A O   1 
HETATM 695 O O   . HOH B 2 .  ? -12.128 3.611   10.029  1.00 54.22  ? 621 HOH A O   1 
HETATM 696 O O   . HOH B 2 .  ? 12.685  -1.452  -6.964  1.00 50.17  ? 622 HOH A O   1 
HETATM 697 O O   . HOH B 2 .  ? -2.615  -3.208  -10.781 1.00 45.13  ? 623 HOH A O   1 
HETATM 698 O O   . HOH B 2 .  ? 0.919   6.526   -12.802 1.00 48.29  ? 624 HOH A O   1 
HETATM 699 O O   . HOH B 2 .  ? -6.753  -10.820 4.023   1.00 32.99  ? 625 HOH A O   1 
HETATM 700 O O   . HOH B 2 .  ? 0.180   -13.364 -8.030  0.50 35.26  ? 626 HOH A O   1 
HETATM 701 O O   . HOH B 2 .  ? 0.659   8.968   -9.978  1.00 55.15  ? 627 HOH A O   1 
HETATM 702 O O   . HOH B 2 .  ? 3.037   -1.293  2.824   1.00 46.64  ? 628 HOH A O   1 
HETATM 703 O O   . HOH B 2 .  ? 12.156  -4.912  -4.235  1.00 54.74  ? 629 HOH A O   1 
HETATM 704 O O   . HOH B 2 .  ? -5.446  -11.028 2.950   1.00 41.12  ? 630 HOH A O   1 
HETATM 705 O O   . HOH B 2 .  ? -1.787  3.135   -12.573 1.00 57.38  ? 631 HOH A O   1 
HETATM 706 O O   . HOH B 2 .  ? 0.143   4.285   16.231  1.00 58.80  ? 632 HOH A O   1 
HETATM 707 O O   . HOH B 2 .  ? 6.655   -12.609 5.459   1.00 53.77  ? 633 HOH A O   1 
HETATM 708 O O   . HOH B 2 .  ? -0.846  -11.793 -8.764  1.00 53.41  ? 634 HOH A O   1 
HETATM 709 O O   . HOH B 2 .  ? 3.608   -9.707  10.318  1.00 48.71  ? 635 HOH A O   1 
HETATM 710 O O   . HOH B 2 .  ? -13.656 0.039   1.279   1.00 45.82  ? 636 HOH A O   1 
HETATM 711 O O   . HOH B 2 .  ? 1.974   9.764   -7.432  1.00 47.54  ? 637 HOH A O   1 
HETATM 712 O O   . HOH B 2 .  ? -0.386  10.721  0.359   1.00 48.67  ? 638 HOH A O   1 
HETATM 713 O O   . HOH B 2 .  ? 11.123  4.157   3.118   1.00 51.90  ? 639 HOH A O   1 
HETATM 714 O O   . HOH B 2 .  ? -1.311  0.928   -9.910  1.00 49.05  ? 640 HOH A O   1 
# 
loop_
_atom_site_anisotrop.id 
_atom_site_anisotrop.type_symbol 
_atom_site_anisotrop.pdbx_label_atom_id 
_atom_site_anisotrop.pdbx_label_alt_id 
_atom_site_anisotrop.pdbx_label_comp_id 
_atom_site_anisotrop.pdbx_label_asym_id 
_atom_site_anisotrop.pdbx_label_seq_id 
_atom_site_anisotrop.pdbx_PDB_ins_code 
_atom_site_anisotrop.U[1][1] 
_atom_site_anisotrop.U[2][2] 
_atom_site_anisotrop.U[3][3] 
_atom_site_anisotrop.U[1][2] 
_atom_site_anisotrop.U[1][3] 
_atom_site_anisotrop.U[2][3] 
_atom_site_anisotrop.pdbx_auth_seq_id 
_atom_site_anisotrop.pdbx_auth_comp_id 
_atom_site_anisotrop.pdbx_auth_asym_id 
_atom_site_anisotrop.pdbx_auth_atom_id 
1   N N   . ALA A 10 ? 0.7132 0.7982 0.8817 0.0454  0.2192  0.0364  510 ALA A N   
2   C CA  . ALA A 10 ? 0.7827 0.8594 0.9341 0.0424  0.1815  0.0528  510 ALA A CA  
3   C C   . ALA A 10 ? 0.7090 0.7778 0.7923 0.0110  0.1437  0.0319  510 ALA A C   
4   O O   . ALA A 10 ? 0.7371 0.8313 0.7994 -0.0062 0.1285  0.0298  510 ALA A O   
5   C CB  . ALA A 10 ? 0.7452 0.8788 0.9442 0.0553  0.1576  0.1063  510 ALA A CB  
6   N N   . ARG A 11 ? 0.6430 0.6755 0.6964 0.0055  0.1321  0.0193  511 ARG A N   
7   C CA  . ARG A 11 ? 0.5929 0.6161 0.5939 -0.0166 0.1021  0.0043  511 ARG A CA  
8   C C   . ARG A 11 ? 0.5692 0.6060 0.5631 -0.0215 0.0686  0.0294  511 ARG A C   
9   O O   . ARG A 11 ? 0.5620 0.6089 0.5828 -0.0109 0.0664  0.0543  511 ARG A O   
10  C CB  . ARG A 11 ? 0.6275 0.6112 0.6059 -0.0208 0.1112  -0.0220 511 ARG A CB  
11  C CG  . ARG A 11 ? 0.8447 0.8131 0.8028 -0.0340 0.1368  -0.0567 511 ARG A CG  
12  C CD  . ARG A 11 ? 0.8674 0.8186 0.7918 -0.0504 0.1273  -0.0777 511 ARG A CD  
13  N NE  . ARG A 11 ? 1.1367 1.0784 1.0366 -0.0722 0.1519  -0.1116 511 ARG A NE  
14  C CZ  . ARG A 11 ? 1.0056 0.9689 0.8684 -0.0979 0.1369  -0.1259 511 ARG A CZ  
15  N NH1 . ARG A 11 ? 1.1615 1.1202 0.9972 -0.1257 0.1610  -0.1574 511 ARG A NH1 
16  N NH2 . ARG A 11 ? 0.7550 0.7445 0.6080 -0.0976 0.1010  -0.1075 511 ARG A NH2 
17  N N   . GLY A 12 ? 0.4663 0.5000 0.4213 -0.0394 0.0457  0.0230  512 GLY A N   
18  C CA  . GLY A 12 ? 0.4568 0.4851 0.3907 -0.0501 0.0224  0.0344  512 GLY A CA  
19  C C   . GLY A 12 ? 0.4414 0.4339 0.3522 -0.0492 0.0227  0.0149  512 GLY A C   
20  O O   . GLY A 12 ? 0.4188 0.4010 0.3266 -0.0459 0.0341  -0.0045 512 GLY A O   
21  N N   . TYR A 13 ? 0.4259 0.4056 0.3202 -0.0559 0.0113  0.0204  513 TYR A N   
22  C CA  . TYR A 13 ? 0.4412 0.3920 0.3171 -0.0553 0.0134  0.0038  513 TYR A CA  
23  C C   . TYR A 13 ? 0.4458 0.3796 0.2905 -0.0700 0.0030  0.0056  513 TYR A C   
24  O O   . TYR A 13 ? 0.4519 0.3975 0.2875 -0.0845 -0.0065 0.0206  513 TYR A O   
25  C CB  . TYR A 13 ? 0.3901 0.3326 0.2838 -0.0455 0.0261  0.0028  513 TYR A CB  
26  C CG  . TYR A 13 ? 0.4177 0.3680 0.3177 -0.0477 0.0204  0.0272  513 TYR A CG  
27  C CD1 . TYR A 13 ? 0.3926 0.3694 0.3264 -0.0384 0.0228  0.0535  513 TYR A CD1 
28  C CD2 . TYR A 13 ? 0.4126 0.3490 0.2858 -0.0599 0.0136  0.0271  513 TYR A CD2 
29  C CE1 . TYR A 13 ? 0.3993 0.3963 0.3423 -0.0413 0.0135  0.0854  513 TYR A CE1 
30  C CE2 . TYR A 13 ? 0.4220 0.3732 0.2941 -0.0682 0.0056  0.0529  513 TYR A CE2 
31  C CZ  . TYR A 13 ? 0.4115 0.3965 0.3191 -0.0592 0.0029  0.0850  513 TYR A CZ  
32  O OH  . TYR A 13 ? 0.4387 0.4496 0.3483 -0.0681 -0.0087 0.1187  513 TYR A OH  
33  N N   . ILE A 14 ? 0.4385 0.3476 0.2683 -0.0679 0.0078  -0.0096 514 ILE A N   
34  C CA  . ILE A 14 ? 0.4597 0.3407 0.2596 -0.0799 0.0092  -0.0147 514 ILE A CA  
35  C C   . ILE A 14 ? 0.4943 0.3641 0.2994 -0.0706 0.0204  -0.0267 514 ILE A C   
36  O O   . ILE A 14 ? 0.4656 0.3427 0.2890 -0.0570 0.0248  -0.0337 514 ILE A O   
37  C CB  . ILE A 14 ? 0.4912 0.3475 0.2745 -0.0819 0.0121  -0.0194 514 ILE A CB  
38  C CG1 . ILE A 14 ? 0.4995 0.3671 0.2760 -0.0952 0.0022  -0.0083 514 ILE A CG1 
39  C CG2 . ILE A 14 ? 0.5014 0.3152 0.2526 -0.0944 0.0244  -0.0299 514 ILE A CG2 
40  C CD1 . ILE A 14 ? 0.5447 0.3822 0.3054 -0.0973 0.0070  -0.0091 514 ILE A CD1 
41  N N   . VAL A 15 ? 0.4889 0.3486 0.2773 -0.0819 0.0239  -0.0269 515 VAL A N   
42  C CA  . VAL A 15 ? 0.4859 0.3347 0.2761 -0.0770 0.0374  -0.0389 515 VAL A CA  
43  C C   . VAL A 15 ? 0.5328 0.3496 0.2997 -0.0816 0.0523  -0.0525 515 VAL A C   
44  O O   . VAL A 15 ? 0.5785 0.3728 0.3094 -0.1024 0.0545  -0.0548 515 VAL A O   
45  C CB  . VAL A 15 ? 0.4879 0.3415 0.2716 -0.0874 0.0372  -0.0303 515 VAL A CB  
46  C CG1 . VAL A 15 ? 0.4846 0.3306 0.2728 -0.0839 0.0524  -0.0432 515 VAL A CG1 
47  C CG2 . VAL A 15 ? 0.4405 0.3162 0.2511 -0.0796 0.0294  -0.0120 515 VAL A CG2 
48  N N   . THR A 16 ? 0.5337 0.3505 0.3226 -0.0638 0.0651  -0.0610 516 THR A N   
49  C CA  . THR A 16 ? 0.5408 0.3257 0.3214 -0.0594 0.0878  -0.0716 516 THR A CA  
50  C C   . THR A 16 ? 0.5504 0.3345 0.3338 -0.0597 0.1073  -0.0831 516 THR A C   
51  O O   . THR A 16 ? 0.5570 0.3667 0.3502 -0.0634 0.1002  -0.0811 516 THR A O   
52  C CB  . THR A 16 ? 0.5627 0.3562 0.3780 -0.0333 0.0908  -0.0635 516 THR A CB  
53  O OG1 . THR A 16 ? 0.5096 0.3471 0.3656 -0.0175 0.0897  -0.0600 516 THR A OG1 
54  C CG2 . THR A 16 ? 0.5428 0.3478 0.3586 -0.0338 0.0702  -0.0508 516 THR A CG2 
55  N N   . ASP A 17 ? 0.6373 0.3899 0.4164 -0.0539 0.1358  -0.0944 517 ASP A N   
56  C CA  . ASP A 17 ? 0.6563 0.4101 0.4441 -0.0512 0.1612  -0.1062 517 ASP A CA  
57  C C   . ASP A 17 ? 0.6476 0.4432 0.4987 -0.0193 0.1675  -0.0967 517 ASP A C   
58  O O   . ASP A 17 ? 0.6321 0.4362 0.5027 -0.0120 0.1916  -0.1035 517 ASP A O   
59  C CB  . ASP A 17 ? 0.7181 0.4123 0.4656 -0.0647 0.1979  -0.1268 517 ASP A CB  
60  C CG  . ASP A 17 ? 0.7902 0.4507 0.5631 -0.0372 0.2251  -0.1264 517 ASP A CG  
61  O OD1 . ASP A 17 ? 0.7588 0.4339 0.5618 -0.0166 0.2079  -0.1072 517 ASP A OD1 
62  O OD2 . ASP A 17 ? 0.8299 0.4451 0.5922 -0.0358 0.2677  -0.1440 517 ASP A OD2 
63  N N   . ARG A 18 ? 0.5698 0.3997 0.4526 -0.0037 0.1448  -0.0792 518 ARG A N   
64  C CA  . ARG A 18 ? 0.5315 0.4198 0.4728 0.0187  0.1429  -0.0644 518 ARG A CA  
65  C C   . ARG A 18 ? 0.4997 0.4380 0.4492 0.0037  0.1196  -0.0644 518 ARG A C   
66  O O   . ARG A 18 ? 0.4900 0.4211 0.4156 -0.0102 0.1002  -0.0658 518 ARG A O   
67  C CB  . ARG A 18 ? 0.5743 0.4741 0.5411 0.0401  0.1333  -0.0419 518 ARG A CB  
68  C CG  . ARG A 18 ? 0.6892 0.5268 0.6478 0.0554  0.1607  -0.0406 518 ARG A CG  
69  C CD  . ARG A 18 ? 0.7903 0.6386 0.8007 0.0859  0.1942  -0.0314 518 ARG A CD  
70  N NE  . ARG A 18 ? 0.9582 0.7226 0.9466 0.0929  0.2355  -0.0440 518 ARG A NE  
71  C CZ  . ARG A 18 ? 1.0323 0.7637 1.0444 0.1204  0.2538  -0.0243 518 ARG A CZ  
72  N NH1 . ARG A 18 ? 1.0014 0.7880 1.0621 0.1444  0.2296  0.0140  518 ARG A NH1 
73  N NH2 . ARG A 18 ? 1.1366 0.7776 1.1210 0.1210  0.2989  -0.0424 518 ARG A NH2 
74  N N   . ASP A 19 ? 0.4652 0.4534 0.4505 0.0051  0.1251  -0.0632 519 ASP A N   
75  C CA  . ASP A 19 ? 0.4345 0.4596 0.4193 -0.0179 0.1086  -0.0689 519 ASP A CA  
76  C C   . ASP A 19 ? 0.4499 0.5529 0.4851 -0.0169 0.1085  -0.0598 519 ASP A C   
77  O O   . ASP A 19 ? 0.4748 0.5928 0.5351 -0.0093 0.1298  -0.0603 519 ASP A O   
78  C CB  . ASP A 19 ? 0.4484 0.4353 0.3988 -0.0380 0.1197  -0.0853 519 ASP A CB  
79  C CG  . ASP A 19 ? 0.4641 0.4600 0.4051 -0.0611 0.1091  -0.0916 519 ASP A CG  
80  O OD1 . ASP A 19 ? 0.4514 0.4755 0.4027 -0.0659 0.0946  -0.0896 519 ASP A OD1 
81  O OD2 . ASP A 19 ? 0.4606 0.4288 0.3795 -0.0758 0.1181  -0.0980 519 ASP A OD2 
82  N N   . PRO A 20 ? 0.4725 0.6286 0.5216 -0.0270 0.0868  -0.0508 520 PRO A N   
83  C CA  . PRO A 20 ? 0.4314 0.5690 0.4510 -0.0357 0.0677  -0.0519 520 PRO A CA  
84  C C   . PRO A 20 ? 0.4681 0.5947 0.4940 -0.0099 0.0613  -0.0315 520 PRO A C   
85  O O   . PRO A 20 ? 0.4375 0.6002 0.5036 0.0119  0.0645  -0.0090 520 PRO A O   
86  C CB  . PRO A 20 ? 0.4329 0.6404 0.4644 -0.0610 0.0521  -0.0506 520 PRO A CB  
87  C CG  . PRO A 20 ? 0.4543 0.7355 0.5381 -0.0508 0.0534  -0.0303 520 PRO A CG  
88  C CD  . PRO A 20 ? 0.4415 0.6879 0.5343 -0.0365 0.0795  -0.0388 520 PRO A CD  
89  N N   . LEU A 21 ? 0.4265 0.5043 0.4168 -0.0121 0.0549  -0.0366 521 LEU A N   
90  C CA  . LEU A 21 ? 0.4306 0.4940 0.4213 0.0060  0.0490  -0.0180 521 LEU A CA  
91  C C   . LEU A 21 ? 0.4346 0.5656 0.4455 0.0027  0.0283  0.0029  521 LEU A C   
92  O O   . LEU A 21 ? 0.4203 0.5756 0.4136 -0.0229 0.0162  -0.0082 521 LEU A O   
93  C CB  . LEU A 21 ? 0.4241 0.4301 0.3722 -0.0026 0.0460  -0.0288 521 LEU A CB  
94  C CG  . LEU A 21 ? 0.4592 0.4373 0.3951 0.0070  0.0415  -0.0150 521 LEU A CG  
95  C CD1 . LEU A 21 ? 0.5022 0.4363 0.4422 0.0257  0.0622  -0.0091 521 LEU A CD1 
96  C CD2 . LEU A 21 ? 0.4537 0.3992 0.3540 -0.0091 0.0350  -0.0255 521 LEU A CD2 
97  N N   . ARG A 22 ? 0.4358 0.5959 0.4826 0.0271  0.0270  0.0348  522 ARG A N   
98  C CA  . ARG A 22 ? 0.4388 0.6762 0.5072 0.0232  0.0040  0.0648  522 ARG A CA  
99  C C   . ARG A 22 ? 0.4270 0.6477 0.4551 0.0079  -0.0117 0.0645  522 ARG A C   
100 O O   . ARG A 22 ? 0.4589 0.6132 0.4649 0.0180  -0.0036 0.0601  522 ARG A O   
101 C CB  . ARG A 22 ? 0.4921 0.7557 0.6158 0.0619  0.0103  0.1088  522 ARG A CB  
102 C CG  . ARG A 22 ? 0.5495 0.8762 0.7339 0.0775  0.0204  0.1249  522 ARG A CG  
103 C CD  . ARG A 22 ? 0.6347 0.9689 0.8822 0.1268  0.0379  0.1707  522 ARG A CD  
104 N NE  . ARG A 22 ? 0.7392 1.1027 1.0009 0.1400  0.0186  0.2172  522 ARG A NE  
105 C CZ  . ARG A 22 ? 0.8020 1.0879 1.0506 0.1628  0.0319  0.2298  522 ARG A CZ  
106 N NH1 . ARG A 22 ? 0.8086 0.9846 1.0264 0.1713  0.0643  0.1969  522 ARG A NH1 
107 N NH2 . ARG A 22 ? 0.8192 1.1378 1.0816 0.1725  0.0133  0.2766  522 ARG A NH2 
108 N N   . PRO A 23 ? 0.4230 0.7050 0.4394 -0.0202 -0.0320 0.0685  523 PRO A N   
109 C CA  . PRO A 23 ? 0.4538 0.7205 0.4310 -0.0360 -0.0420 0.0663  523 PRO A CA  
110 C C   . PRO A 23 ? 0.4772 0.7153 0.4613 -0.0087 -0.0435 0.0990  523 PRO A C   
111 O O   . PRO A 23 ? 0.4578 0.6400 0.4121 -0.0099 -0.0385 0.0887  523 PRO A O   
112 C CB  . PRO A 23 ? 0.4651 0.8195 0.4346 -0.0711 -0.0622 0.0738  523 PRO A CB  
113 C CG  . PRO A 23 ? 0.4875 0.8765 0.4721 -0.0874 -0.0577 0.0556  523 PRO A CG  
114 C CD  . PRO A 23 ? 0.4459 0.8118 0.4749 -0.0485 -0.0436 0.0673  523 PRO A CD  
115 N N   . GLU A 24 ? 0.5035 0.7823 0.5329 0.0164  -0.0476 0.1408  524 GLU A N   
116 C CA  . GLU A 24 ? 0.5618 0.8112 0.6079 0.0470  -0.0433 0.1790  524 GLU A CA  
117 C C   . GLU A 24 ? 0.5791 0.7212 0.6099 0.0654  -0.0153 0.1580  524 GLU A C   
118 O O   . GLU A 24 ? 0.5937 0.6845 0.6044 0.0698  -0.0108 0.1673  524 GLU A O   
119 C CB  . GLU A 24 ? 0.6401 0.9593 0.7529 0.0759  -0.0467 0.2293  524 GLU A CB  
120 C CG  . GLU A 24 ? 0.7419 1.1852 0.8664 0.0460  -0.0782 0.2483  524 GLU A CG  
121 C CD  . GLU A 24 ? 0.7206 1.2170 0.8629 0.0280  -0.0776 0.2237  524 GLU A CD  
122 O OE1 . GLU A 24 ? 0.6898 1.1256 0.8190 0.0282  -0.0565 0.1810  524 GLU A OE1 
123 O OE2 . GLU A 24 ? 0.7390 1.3450 0.9065 0.0087  -0.0999 0.2491  524 GLU A OE2 
124 N N   . GLU A 25 ? 0.5598 0.6703 0.5939 0.0691  0.0034  0.1278  525 GLU A N   
125 C CA  . GLU A 25 ? 0.5870 0.6036 0.5959 0.0748  0.0287  0.1035  525 GLU A CA  
126 C C   . GLU A 25 ? 0.5595 0.5385 0.5146 0.0451  0.0218  0.0717  525 GLU A C   
127 O O   . GLU A 25 ? 0.5641 0.4814 0.4928 0.0427  0.0320  0.0667  525 GLU A O   
128 C CB  . GLU A 25 ? 0.6428 0.6431 0.6723 0.0874  0.0529  0.0868  525 GLU A CB  
129 C CG  . GLU A 25 ? 0.7466 0.6530 0.7440 0.0874  0.0819  0.0623  525 GLU A CG  
130 C CD  . GLU A 25 ? 0.9049 0.7502 0.9074 0.1092  0.1046  0.0830  525 GLU A CD  
131 O OE1 . GLU A 25 ? 0.9051 0.7783 0.9602 0.1416  0.1114  0.1207  525 GLU A OE1 
132 O OE2 . GLU A 25 ? 0.8729 0.6437 0.8279 0.0920  0.1164  0.0639  525 GLU A OE2 
133 N N   . GLY A 26 ? 0.5094 0.5263 0.4513 0.0223  0.0073  0.0530  526 GLY A N   
134 C CA  . GLY A 26 ? 0.5002 0.4926 0.4049 0.0007  0.0026  0.0326  526 GLY A CA  
135 C C   . GLY A 26 ? 0.5129 0.5002 0.4016 -0.0039 -0.0062 0.0501  526 GLY A C   
136 O O   . GLY A 26 ? 0.5190 0.4668 0.3835 -0.0127 -0.0028 0.0429  526 GLY A O   
137 N N   . ARG A 27 ? 0.5176 0.5525 0.4207 -0.0005 -0.0187 0.0770  527 ARG A N   
138 C CA  . ARG A 27 ? 0.5911 0.6256 0.4787 -0.0056 -0.0272 0.0994  527 ARG A CA  
139 C C   . ARG A 27 ? 0.6146 0.5803 0.4993 0.0106  -0.0126 0.1153  527 ARG A C   
140 O O   . ARG A 27 ? 0.5712 0.5053 0.4280 -0.0033 -0.0119 0.1130  527 ARG A O   
141 C CB  . ARG A 27 ? 0.6013 0.7105 0.5051 -0.0073 -0.0455 0.1313  527 ARG A CB  
142 C CG  . ARG A 27 ? 0.7766 0.8926 0.6636 -0.0139 -0.0556 0.1615  527 ARG A CG  
143 C CD  . ARG A 27 ? 0.9946 1.0874 0.8407 -0.0401 -0.0531 0.1336  527 ARG A CD  
144 N NE  . ARG A 27 ? 1.2055 1.3552 1.0328 -0.0693 -0.0612 0.1143  527 ARG A NE  
145 C CZ  . ARG A 27 ? 1.1492 1.2952 0.9467 -0.0925 -0.0556 0.0923  527 ARG A CZ  
146 N NH1 . ARG A 27 ? 0.9840 1.1730 0.7625 -0.1201 -0.0548 0.0710  527 ARG A NH1 
147 N NH2 . ARG A 27 ? 1.0809 1.1808 0.8682 -0.0902 -0.0474 0.0907  527 ARG A NH2 
148 N N   . ARG A 28 ? 0.6180 0.5579 0.5311 0.0373  0.0035  0.1283  528 ARG A N   
149 C CA  . ARG A 28 ? 0.6735 0.5337 0.5800 0.0499  0.0269  0.1373  528 ARG A CA  
150 C C   . ARG A 28 ? 0.6567 0.4548 0.5199 0.0259  0.0384  0.1005  528 ARG A C   
151 O O   . ARG A 28 ? 0.6967 0.4452 0.5314 0.0124  0.0456  0.1018  528 ARG A O   
152 C CB  . ARG A 28 ? 0.7301 0.5712 0.6793 0.0850  0.0512  0.1526  528 ARG A CB  
153 C CG  . ARG A 28 ? 0.8193 0.7010 0.8167 0.1156  0.0470  0.2077  528 ARG A CG  
154 C CD  . ARG A 28 ? 0.8976 0.7680 0.9510 0.1561  0.0762  0.2257  528 ARG A CD  
155 N NE  . ARG A 28 ? 0.9728 0.9516 1.0788 0.1692  0.0549  0.2530  528 ARG A NE  
156 C CZ  . ARG A 28 ? 1.0088 1.0204 1.1446 0.1771  0.0634  0.2369  528 ARG A CZ  
157 N NH1 . ARG A 28 ? 1.0445 0.9848 1.1605 0.1753  0.0937  0.1948  528 ARG A NH1 
158 N NH2 . ARG A 28 ? 0.9369 1.0570 1.1186 0.1813  0.0410  0.2633  528 ARG A NH2 
159 N N   . LEU A 29 ? 0.6027 0.4100 0.4604 0.0166  0.0386  0.0703  529 LEU A N   
160 C CA  . LEU A 29 ? 0.6316 0.3982 0.4512 -0.0090 0.0446  0.0417  529 LEU A CA  
161 C C   . LEU A 29 ? 0.6317 0.4156 0.4271 -0.0347 0.0271  0.0398  529 LEU A C   
162 O O   . LEU A 29 ? 0.6537 0.4004 0.4187 -0.0567 0.0321  0.0327  529 LEU A O   
163 C CB  . LEU A 29 ? 0.5962 0.3791 0.4203 -0.0110 0.0463  0.0187  529 LEU A CB  
164 C CG  . LEU A 29 ? 0.6332 0.3875 0.4214 -0.0374 0.0501  -0.0041 529 LEU A CG  
165 C CD1 . LEU A 29 ? 0.6852 0.3663 0.4411 -0.0493 0.0747  -0.0129 529 LEU A CD1 
166 C CD2 . LEU A 29 ? 0.6046 0.3808 0.4035 -0.0346 0.0514  -0.0180 529 LEU A CD2 
167 N N   . VAL A 30 ? 0.5709 0.4142 0.3802 -0.0344 0.0093  0.0461  530 VAL A N   
168 C CA  . VAL A 30 ? 0.5686 0.4337 0.3629 -0.0541 -0.0017 0.0470  530 VAL A CA  
169 C C   . VAL A 30 ? 0.5948 0.4346 0.3737 -0.0601 -0.0004 0.0685  530 VAL A C   
170 O O   . VAL A 30 ? 0.6309 0.4591 0.3891 -0.0816 -0.0009 0.0655  530 VAL A O   
171 C CB  . VAL A 30 ? 0.5767 0.5030 0.3842 -0.0552 -0.0123 0.0435  530 VAL A CB  
172 C CG1 . VAL A 30 ? 0.6107 0.5586 0.4048 -0.0723 -0.0173 0.0489  530 VAL A CG1 
173 C CG2 . VAL A 30 ? 0.5633 0.5014 0.3797 -0.0566 -0.0091 0.0211  530 VAL A CG2 
174 N N   . GLU A 31 ? 0.6310 0.4636 0.4233 -0.0411 0.0022  0.0935  531 GLU A N   
175 C CA  . GLU A 31 ? 0.7233 0.5200 0.5024 -0.0440 0.0076  0.1191  531 GLU A CA  
176 C C   . GLU A 31 ? 0.7484 0.4613 0.5000 -0.0574 0.0295  0.1068  531 GLU A C   
177 O O   . GLU A 31 ? 0.7681 0.4543 0.4928 -0.0806 0.0319  0.1111  531 GLU A O   
178 C CB  . GLU A 31 ? 0.8304 0.6451 0.6391 -0.0158 0.0056  0.1576  531 GLU A CB  
179 C CG  . GLU A 31 ? 0.9367 0.8376 0.7510 -0.0230 -0.0193 0.1719  531 GLU A CG  
180 C CD  . GLU A 31 ? 1.0453 1.0012 0.8948 -0.0007 -0.0304 0.2083  531 GLU A CD  
181 O OE1 . GLU A 31 ? 1.0566 1.0858 0.9003 -0.0171 -0.0507 0.2152  531 GLU A OE1 
182 O OE2 . GLU A 31 ? 1.0160 0.9483 0.8994 0.0304  -0.0177 0.2306  531 GLU A OE2 
183 N N   . ASP A 32 ? 0.7156 0.3891 0.4691 -0.0489 0.0473  0.0883  532 ASP A N   
184 C CA  . ASP A 32 ? 0.8078 0.4025 0.5245 -0.0715 0.0713  0.0675  532 ASP A CA  
185 C C   . ASP A 32 ? 0.7870 0.3982 0.4696 -0.1139 0.0579  0.0488  532 ASP A C   
186 O O   . ASP A 32 ? 0.8142 0.3796 0.4612 -0.1448 0.0680  0.0443  532 ASP A O   
187 C CB  . ASP A 32 ? 0.8105 0.3758 0.5310 -0.0607 0.0915  0.0453  532 ASP A CB  
188 C CG  . ASP A 32 ? 0.8303 0.3793 0.5921 -0.0175 0.1113  0.0645  532 ASP A CG  
189 O OD1 . ASP A 32 ? 0.8644 0.3971 0.6440 0.0017  0.1176  0.0964  532 ASP A OD1 
190 O OD2 . ASP A 32 ? 0.8623 0.4191 0.6428 -0.0019 0.1214  0.0516  532 ASP A OD2 
191 N N   . VAL A 33 ? 0.7361 0.4160 0.4335 -0.1156 0.0365  0.0405  533 VAL A N   
192 C CA  . VAL A 33 ? 0.7445 0.4584 0.4262 -0.1479 0.0227  0.0318  533 VAL A CA  
193 C C   . VAL A 33 ? 0.7143 0.4534 0.3930 -0.1632 0.0131  0.0477  533 VAL A C   
194 O O   . VAL A 33 ? 0.7499 0.4883 0.4058 -0.1976 0.0111  0.0457  533 VAL A O   
195 C CB  . VAL A 33 ? 0.7483 0.5245 0.4569 -0.1371 0.0084  0.0245  533 VAL A CB  
196 C CG1 . VAL A 33 ? 0.7919 0.6182 0.5024 -0.1606 -0.0056 0.0273  533 VAL A CG1 
197 C CG2 . VAL A 33 ? 0.7330 0.4854 0.4362 -0.1324 0.0176  0.0085  533 VAL A CG2 
198 N N   . ALA A 34 ? 0.6741 0.4394 0.3730 -0.1419 0.0075  0.0646  534 ALA A N   
199 C CA  . ALA A 34 ? 0.7114 0.4983 0.4034 -0.1572 0.0016  0.0805  534 ALA A CA  
200 C C   . ALA A 34 ? 0.7870 0.5062 0.4457 -0.1796 0.0153  0.0895  534 ALA A C   
201 O O   . ALA A 34 ? 0.8085 0.5367 0.4502 -0.2099 0.0129  0.0934  534 ALA A O   
202 C CB  . ALA A 34 ? 0.6459 0.4686 0.3561 -0.1349 -0.0054 0.0980  534 ALA A CB  
203 N N   . ARG A 35 ? 0.8626 0.5113 0.5147 -0.1642 0.0337  0.0940  535 ARG A N   
204 C CA  . ARG A 35 ? 0.9450 0.5116 0.5637 -0.1850 0.0552  0.1011  535 ARG A CA  
205 C C   . ARG A 35 ? 0.9865 0.5243 0.5641 -0.2341 0.0624  0.0752  535 ARG A C   
206 O O   . ARG A 35 ? 1.0027 0.5086 0.5495 -0.2691 0.0698  0.0790  535 ARG A O   
207 C CB  . ARG A 35 ? 1.0445 0.5361 0.6719 -0.1534 0.0819  0.1105  535 ARG A CB  
208 C CG  . ARG A 35 ? 1.1834 0.7000 0.8471 -0.1138 0.0750  0.1508  535 ARG A CG  
209 C CD  . ARG A 35 ? 1.3739 0.8012 1.0458 -0.0878 0.1086  0.1734  535 ARG A CD  
210 N NE  . ARG A 35 ? 1.4507 0.8794 1.1604 -0.0484 0.1195  0.1706  535 ARG A NE  
211 C CZ  . ARG A 35 ? 1.4345 0.9293 1.1936 -0.0095 0.1035  0.2011  535 ARG A CZ  
212 N NH1 . ARG A 35 ? 1.3860 0.8846 1.1813 0.0229  0.1158  0.1976  535 ARG A NH1 
213 N NH2 . ARG A 35 ? 1.3921 0.9533 1.1615 -0.0077 0.0758  0.2353  535 ARG A NH2 
214 N N   . LEU A 36 ? 0.9855 0.5431 0.5610 -0.2418 0.0580  0.0509  536 LEU A N   
215 C CA  . LEU A 36 ? 1.0507 0.5996 0.5853 -0.2948 0.0593  0.0298  536 LEU A CA  
216 C C   . LEU A 36 ? 1.0046 0.6257 0.5419 -0.3263 0.0372  0.0403  536 LEU A C   
217 O O   . LEU A 36 ? 1.0210 0.6335 0.5223 -0.3777 0.0390  0.0333  536 LEU A O   
218 C CB  . LEU A 36 ? 1.0230 0.6055 0.5631 -0.2927 0.0509  0.0117  536 LEU A CB  
219 C CG  . LEU A 36 ? 1.1758 0.6815 0.6752 -0.3100 0.0778  -0.0148 536 LEU A CG  
220 C CD1 . LEU A 36 ? 1.2497 0.6589 0.7474 -0.2811 0.1135  -0.0137 536 LEU A CD1 
221 C CD2 . LEU A 36 ? 1.1546 0.7062 0.6764 -0.2887 0.0664  -0.0229 536 LEU A CD2 
222 N N   . LEU A 37 ? 0.9210 0.6172 0.5023 -0.2971 0.0186  0.0564  537 LEU A N   
223 C CA  . LEU A 37 ? 0.8778 0.6532 0.4745 -0.3187 0.0019  0.0670  537 LEU A CA  
224 C C   . LEU A 37 ? 0.8671 0.6400 0.4605 -0.3235 0.0056  0.0856  537 LEU A C   
225 O O   . LEU A 37 ? 0.8171 0.6568 0.4265 -0.3388 -0.0036 0.0946  537 LEU A O   
226 C CB  . LEU A 37 ? 0.8334 0.6909 0.4802 -0.2860 -0.0128 0.0696  537 LEU A CB  
227 C CG  . LEU A 37 ? 0.8493 0.7390 0.5125 -0.2802 -0.0215 0.0605  537 LEU A CG  
228 C CD1 . LEU A 37 ? 0.8352 0.7733 0.5455 -0.2377 -0.0254 0.0632  537 LEU A CD1 
229 C CD2 . LEU A 37 ? 0.8051 0.7537 0.4691 -0.3204 -0.0341 0.0682  537 LEU A CD2 
230 N N   . GLN A 38 ? 0.8908 0.5920 0.4678 -0.3085 0.0203  0.0950  538 GLN A N   
231 C CA  . GLN A 38 ? 0.8946 0.5960 0.4670 -0.3118 0.0221  0.1189  538 GLN A CA  
232 C C   . GLN A 38 ? 0.8027 0.5968 0.4092 -0.2944 0.0066  0.1277  538 GLN A C   
233 O O   . GLN A 38 ? 0.8149 0.6499 0.4197 -0.3177 0.0045  0.1367  538 GLN A O   
234 C CB  . GLN A 38 ? 0.9662 0.6423 0.5015 -0.3666 0.0300  0.1203  538 GLN A CB  
235 C CG  . GLN A 38 ? 1.1099 0.6688 0.5999 -0.3875 0.0562  0.1140  538 GLN A CG  
236 C CD  . GLN A 38 ? 1.1756 0.6607 0.6683 -0.3486 0.0737  0.1377  538 GLN A CD  
237 O OE1 . GLN A 38 ? 1.1366 0.6362 0.6360 -0.3395 0.0696  0.1671  538 GLN A OE1 
238 N NE2 . GLN A 38 ? 1.2344 0.6438 0.7236 -0.3260 0.0944  0.1283  538 GLN A NE2 
239 N N   . VAL A 39 ? 0.7637 0.5871 0.3988 -0.2559 0.0000  0.1233  539 VAL A N   
240 C CA  . VAL A 39 ? 0.7657 0.6582 0.4232 -0.2406 -0.0070 0.1279  539 VAL A CA  
241 C C   . VAL A 39 ? 0.7616 0.6387 0.4223 -0.2095 -0.0094 0.1411  539 VAL A C   
242 O O   . VAL A 39 ? 0.7912 0.6258 0.4564 -0.1894 -0.0066 0.1390  539 VAL A O   
243 C CB  . VAL A 39 ? 0.7072 0.6619 0.3984 -0.2300 -0.0107 0.1081  539 VAL A CB  
244 C CG1 . VAL A 39 ? 0.7197 0.7154 0.4213 -0.2575 -0.0105 0.1058  539 VAL A CG1 
245 C CG2 . VAL A 39 ? 0.7063 0.6379 0.4089 -0.2078 -0.0130 0.0939  539 VAL A CG2 
246 N N   . PRO A 40 ? 0.7451 0.6604 0.4030 -0.2077 -0.0139 0.1565  540 PRO A N   
247 C CA  . PRO A 40 ? 0.7197 0.6356 0.3839 -0.1817 -0.0208 0.1743  540 PRO A CA  
248 C C   . PRO A 40 ? 0.6736 0.6222 0.3633 -0.1612 -0.0248 0.1494  540 PRO A C   
249 O O   . PRO A 40 ? 0.6132 0.5916 0.3126 -0.1681 -0.0213 0.1237  540 PRO A O   
250 C CB  . PRO A 40 ? 0.7493 0.7125 0.3963 -0.1970 -0.0265 0.1946  540 PRO A CB  
251 C CG  . PRO A 40 ? 0.7394 0.7439 0.3843 -0.2205 -0.0192 0.1702  540 PRO A CG  
252 C CD  . PRO A 40 ? 0.7236 0.6939 0.3743 -0.2302 -0.0125 0.1574  540 PRO A CD  
253 N N   . SER A 41 ? 0.6612 0.6051 0.3650 -0.1365 -0.0301 0.1603  541 SER A N   
254 C CA  . SER A 41 ? 0.6493 0.6231 0.3742 -0.1219 -0.0330 0.1379  541 SER A CA  
255 C C   . SER A 41 ? 0.6256 0.6634 0.3447 -0.1369 -0.0357 0.1236  541 SER A C   
256 O O   . SER A 41 ? 0.5995 0.6560 0.3306 -0.1341 -0.0310 0.0961  541 SER A O   
257 C CB  . SER A 41 ? 0.6906 0.6593 0.4346 -0.0959 -0.0381 0.1588  541 SER A CB  
258 O OG  . SER A 41 ? 0.7701 0.7591 0.5080 -0.0964 -0.0475 0.1986  541 SER A OG  
259 N N   . SER A 42 ? 0.6237 0.6891 0.3197 -0.1564 -0.0390 0.1409  542 SER A N   
260 C CA  . SER A 42 ? 0.6561 0.7755 0.3364 -0.1786 -0.0339 0.1222  542 SER A CA  
261 C C   . SER A 42 ? 0.6248 0.7451 0.3162 -0.1841 -0.0144 0.0875  542 SER A C   
262 O O   . SER A 42 ? 0.6497 0.8008 0.3369 -0.1950 -0.0008 0.0629  542 SER A O   
263 C CB  . SER A 42 ? 0.6810 0.8281 0.3279 -0.2036 -0.0391 0.1492  542 SER A CB  
264 O OG  . SER A 42 ? 0.7078 0.8373 0.3456 -0.2176 -0.0285 0.1504  542 SER A OG  
265 N N   . ALA A 43 ? 0.5781 0.6667 0.2853 -0.1775 -0.0108 0.0867  543 ALA A N   
266 C CA  . ALA A 43 ? 0.5758 0.6778 0.3060 -0.1779 0.0049  0.0641  543 ALA A CA  
267 C C   . ALA A 43 ? 0.5778 0.6755 0.3342 -0.1577 0.0104  0.0420  543 ALA A C   
268 O O   . ALA A 43 ? 0.5503 0.6632 0.3311 -0.1534 0.0266  0.0268  543 ALA A O   
269 C CB  . ALA A 43 ? 0.5842 0.6681 0.3210 -0.1849 0.0026  0.0753  543 ALA A CB  
270 N N   . PHE A 44 ? 0.5430 0.6212 0.2984 -0.1442 -0.0010 0.0437  544 PHE A N   
271 C CA  . PHE A 44 ? 0.5308 0.6032 0.3072 -0.1287 0.0044  0.0242  544 PHE A CA  
272 C C   . PHE A 44 ? 0.5918 0.6896 0.3583 -0.1364 0.0120  0.0067  544 PHE A C   
273 O O   . PHE A 44 ? 0.6563 0.7699 0.4044 -0.1439 -0.0007 0.0179  544 PHE A O   
274 C CB  . PHE A 44 ? 0.5120 0.5501 0.2930 -0.1131 -0.0083 0.0333  544 PHE A CB  
275 C CG  . PHE A 44 ? 0.5198 0.5283 0.3037 -0.1135 -0.0104 0.0399  544 PHE A CG  
276 C CD1 . PHE A 44 ? 0.5574 0.5608 0.3587 -0.1075 -0.0070 0.0301  544 PHE A CD1 
277 C CD2 . PHE A 44 ? 0.5735 0.5605 0.3386 -0.1254 -0.0148 0.0572  544 PHE A CD2 
278 C CE1 . PHE A 44 ? 0.6021 0.5883 0.3987 -0.1175 -0.0113 0.0368  544 PHE A CE1 
279 C CE2 . PHE A 44 ? 0.5937 0.5539 0.3525 -0.1365 -0.0151 0.0592  544 PHE A CE2 
280 C CZ  . PHE A 44 ? 0.6256 0.5902 0.3985 -0.1349 -0.0149 0.0486  544 PHE A CZ  
281 N N   . ALA A 45 ? 0.5595 0.6622 0.3375 -0.1370 0.0342  -0.0188 545 ALA A N   
282 C CA  . ALA A 45 ? 0.5638 0.6835 0.3225 -0.1540 0.0458  -0.0412 545 ALA A CA  
283 C C   . ALA A 45 ? 0.5370 0.6372 0.3125 -0.1432 0.0537  -0.0598 545 ALA A C   
284 O O   . ALA A 45 ? 0.4858 0.5612 0.2898 -0.1211 0.0537  -0.0551 545 ALA A O   
285 C CB  . ALA A 45 ? 0.5910 0.7229 0.3399 -0.1711 0.0770  -0.0626 545 ALA A CB  
286 N N   . ASP A 46 ? 0.5465 0.6607 0.3002 -0.1644 0.0607  -0.0802 546 ASP A N   
287 C CA  . ASP A 46 ? 0.5946 0.6887 0.3589 -0.1619 0.0734  -0.1016 546 ASP A CA  
288 C C   . ASP A 46 ? 0.5293 0.6130 0.3167 -0.1386 0.0499  -0.0822 546 ASP A C   
289 O O   . ASP A 46 ? 0.5281 0.5834 0.3362 -0.1242 0.0600  -0.0900 546 ASP A O   
290 C CB  . ASP A 46 ? 0.6369 0.6950 0.4248 -0.1493 0.1099  -0.1207 546 ASP A CB  
291 C CG  . ASP A 46 ? 0.7482 0.8098 0.5177 -0.1697 0.1444  -0.1440 546 ASP A CG  
292 O OD1 . ASP A 46 ? 0.7962 0.8421 0.5961 -0.1513 0.1705  -0.1443 546 ASP A OD1 
293 O OD2 . ASP A 46 ? 0.7457 0.8306 0.4715 -0.2055 0.1467  -0.1605 546 ASP A OD2 
294 N N   . VAL A 47 ? 0.5015 0.6056 0.2861 -0.1340 0.0222  -0.0556 547 VAL A N   
295 C CA  . VAL A 47 ? 0.4761 0.5648 0.2823 -0.1113 0.0078  -0.0400 547 VAL A CA  
296 C C   . VAL A 47 ? 0.4822 0.5862 0.2940 -0.1182 0.0080  -0.0521 547 VAL A C   
297 O O   . VAL A 47 ? 0.4679 0.6153 0.2670 -0.1387 -0.0003 -0.0510 547 VAL A O   
298 C CB  . VAL A 47 ? 0.5177 0.6141 0.3249 -0.1005 -0.0130 -0.0066 547 VAL A CB  
299 C CG1 . VAL A 47 ? 0.4748 0.5516 0.3037 -0.0783 -0.0185 0.0042  547 VAL A CG1 
300 C CG2 . VAL A 47 ? 0.5120 0.5860 0.3122 -0.0976 -0.0120 0.0042  547 VAL A CG2 
301 N N   . GLU A 48 ? 0.4143 0.4876 0.2436 -0.1047 0.0168  -0.0616 548 GLU A N   
302 C CA  . GLU A 48 ? 0.4517 0.5367 0.2859 -0.1148 0.0207  -0.0754 548 GLU A CA  
303 C C   . GLU A 48 ? 0.4247 0.4858 0.2807 -0.0933 0.0194  -0.0689 548 GLU A C   
304 O O   . GLU A 48 ? 0.4313 0.4555 0.2925 -0.0775 0.0240  -0.0651 548 GLU A O   
305 C CB  . GLU A 48 ? 0.5361 0.5988 0.3589 -0.1330 0.0478  -0.1069 548 GLU A CB  
306 C CG  . GLU A 48 ? 0.6810 0.7600 0.4967 -0.1581 0.0542  -0.1262 548 GLU A CG  
307 C CD  . GLU A 48 ? 0.8071 0.8535 0.6038 -0.1822 0.0884  -0.1611 548 GLU A CD  
308 O OE1 . GLU A 48 ? 0.8976 0.9553 0.6782 -0.2142 0.0972  -0.1826 548 GLU A OE1 
309 O OE2 . GLU A 48 ? 0.9019 0.9117 0.7023 -0.1696 0.1089  -0.1662 548 GLU A OE2 
310 N N   . VAL A 49 ? 0.4027 0.4906 0.2709 -0.0959 0.0137  -0.0664 549 VAL A N   
311 C CA  . VAL A 49 ? 0.3923 0.4568 0.2777 -0.0796 0.0185  -0.0649 549 VAL A CA  
312 C C   . VAL A 49 ? 0.3920 0.4447 0.2759 -0.0956 0.0347  -0.0880 549 VAL A C   
313 O O   . VAL A 49 ? 0.4243 0.5037 0.2997 -0.1216 0.0385  -0.1027 549 VAL A O   
314 C CB  . VAL A 49 ? 0.4165 0.5139 0.3257 -0.0653 0.0080  -0.0437 549 VAL A CB  
315 C CG1 . VAL A 49 ? 0.4207 0.5021 0.3323 -0.0440 0.0010  -0.0205 549 VAL A CG1 
316 C CG2 . VAL A 49 ? 0.4128 0.5814 0.3311 -0.0845 -0.0034 -0.0377 549 VAL A CG2 
317 N N   . LEU A 50 ? 0.3938 0.4050 0.2814 -0.0842 0.0450  -0.0897 550 LEU A N   
318 C CA  . LEU A 50 ? 0.4416 0.4304 0.3283 -0.0963 0.0626  -0.1058 550 LEU A CA  
319 C C   . LEU A 50 ? 0.4022 0.3792 0.2979 -0.0855 0.0636  -0.0983 550 LEU A C   
320 O O   . LEU A 50 ? 0.4152 0.3621 0.3068 -0.0722 0.0636  -0.0881 550 LEU A O   
321 C CB  . LEU A 50 ? 0.4772 0.4219 0.3587 -0.0931 0.0791  -0.1102 550 LEU A CB  
322 C CG  . LEU A 50 ? 0.5397 0.4863 0.4118 -0.1027 0.0880  -0.1214 550 LEU A CG  
323 C CD1 . LEU A 50 ? 0.6319 0.5425 0.5145 -0.0865 0.1036  -0.1141 550 LEU A CD1 
324 C CD2 . LEU A 50 ? 0.5382 0.4891 0.3950 -0.1345 0.1056  -0.1492 550 LEU A CD2 
325 N N   . GLY A 51 ? 0.4007 0.4089 0.3079 -0.0944 0.0643  -0.1022 551 GLY A N   
326 C CA  . GLY A 51 ? 0.3833 0.3822 0.2986 -0.0845 0.0697  -0.0966 551 GLY A CA  
327 C C   . GLY A 51 ? 0.3722 0.3624 0.2892 -0.0614 0.0633  -0.0817 551 GLY A C   
328 O O   . GLY A 51 ? 0.4103 0.4314 0.3431 -0.0508 0.0548  -0.0711 551 GLY A O   
329 N N   . PRO A 52 ? 0.4055 0.3535 0.3043 -0.0566 0.0686  -0.0792 552 PRO A N   
330 C CA  . PRO A 52 ? 0.4052 0.3336 0.2948 -0.0439 0.0683  -0.0715 552 PRO A CA  
331 C C   . PRO A 52 ? 0.4188 0.3315 0.2934 -0.0414 0.0561  -0.0633 552 PRO A C   
332 O O   . PRO A 52 ? 0.4895 0.3785 0.3494 -0.0378 0.0577  -0.0594 552 PRO A O   
333 C CB  . PRO A 52 ? 0.4445 0.3413 0.3111 -0.0527 0.0796  -0.0752 552 PRO A CB  
334 C CG  . PRO A 52 ? 0.4447 0.3361 0.3063 -0.0640 0.0769  -0.0735 552 PRO A CG  
335 C CD  . PRO A 52 ? 0.4052 0.3243 0.2896 -0.0671 0.0777  -0.0817 552 PRO A CD  
336 N N   . ALA A 53 ? 0.4402 0.3625 0.3167 -0.0464 0.0487  -0.0629 553 ALA A N   
337 C CA  . ALA A 53 ? 0.4333 0.3466 0.2994 -0.0459 0.0398  -0.0545 553 ALA A CA  
338 C C   . ALA A 53 ? 0.4305 0.3677 0.3035 -0.0435 0.0317  -0.0521 553 ALA A C   
339 O O   . ALA A 53 ? 0.4136 0.3787 0.2969 -0.0479 0.0319  -0.0583 553 ALA A O   
340 C CB  . ALA A 53 ? 0.4470 0.3518 0.3140 -0.0504 0.0429  -0.0515 553 ALA A CB  
341 N N   . VAL A 54 ? 0.4100 0.3397 0.2730 -0.0422 0.0243  -0.0426 554 VAL A N   
342 C CA  . VAL A 54 ? 0.4053 0.3572 0.2695 -0.0444 0.0177  -0.0390 554 VAL A CA  
343 C C   . VAL A 54 ? 0.4152 0.3647 0.2774 -0.0495 0.0198  -0.0383 554 VAL A C   
344 O O   . VAL A 54 ? 0.4152 0.3503 0.2742 -0.0498 0.0185  -0.0303 554 VAL A O   
345 C CB  . VAL A 54 ? 0.3918 0.3416 0.2514 -0.0381 0.0103  -0.0243 554 VAL A CB  
346 C CG1 . VAL A 54 ? 0.4387 0.3509 0.2803 -0.0406 0.0114  -0.0191 554 VAL A CG1 
347 C CG2 . VAL A 54 ? 0.3892 0.3680 0.2463 -0.0442 0.0024  -0.0174 554 VAL A CG2 
348 N N   . THR A 55 ? 0.4113 0.3797 0.2763 -0.0555 0.0250  -0.0460 555 THR A N   
349 C CA  A THR A 55 ? 0.4058 0.3734 0.2782 -0.0554 0.0336  -0.0439 555 THR A CA  
350 C CA  B THR A 55 ? 0.4287 0.3961 0.3012 -0.0555 0.0340  -0.0445 555 THR A CA  
351 C C   . THR A 55 ? 0.4387 0.4268 0.3027 -0.0635 0.0330  -0.0440 555 THR A C   
352 O O   . THR A 55 ? 0.4064 0.4107 0.2574 -0.0715 0.0265  -0.0474 555 THR A O   
353 C CB  A THR A 55 ? 0.4203 0.3766 0.3077 -0.0539 0.0555  -0.0561 555 THR A CB  
354 C CB  B THR A 55 ? 0.4687 0.4249 0.3543 -0.0553 0.0555  -0.0585 555 THR A CB  
355 O OG1 A THR A 55 ? 0.4120 0.3767 0.2893 -0.0682 0.0679  -0.0778 555 THR A OG1 
356 O OG1 B THR A 55 ? 0.4813 0.4348 0.3873 -0.0463 0.0679  -0.0489 555 THR A OG1 
357 C CG2 A THR A 55 ? 0.3771 0.3156 0.2678 -0.0506 0.0563  -0.0565 555 THR A CG2 
358 C CG2 B THR A 55 ? 0.5003 0.4672 0.3744 -0.0708 0.0669  -0.0803 555 THR A CG2 
359 N N   . PHE A 56 ? 0.4113 0.4067 0.2831 -0.0632 0.0391  -0.0375 556 PHE A N   
360 C CA  . PHE A 56 ? 0.4414 0.4568 0.3006 -0.0736 0.0376  -0.0349 556 PHE A CA  
361 C C   . PHE A 56 ? 0.4555 0.4832 0.3354 -0.0708 0.0535  -0.0309 556 PHE A C   
362 O O   . PHE A 56 ? 0.4330 0.4584 0.3399 -0.0587 0.0581  -0.0205 556 PHE A O   
363 C CB  . PHE A 56 ? 0.4350 0.4469 0.2777 -0.0762 0.0163  -0.0168 556 PHE A CB  
364 C CG  . PHE A 56 ? 0.4663 0.4596 0.3131 -0.0725 0.0085  -0.0047 556 PHE A CG  
365 C CD1 . PHE A 56 ? 0.4651 0.4712 0.3193 -0.0789 0.0075  0.0071  556 PHE A CD1 
366 C CD2 . PHE A 56 ? 0.5059 0.4752 0.3480 -0.0671 0.0037  -0.0057 556 PHE A CD2 
367 C CE1 . PHE A 56 ? 0.4508 0.4489 0.3018 -0.0853 -0.0018 0.0181  556 PHE A CE1 
368 C CE2 . PHE A 56 ? 0.4663 0.4191 0.3015 -0.0724 -0.0014 0.0018  556 PHE A CE2 
369 C CZ  . PHE A 56 ? 0.4696 0.4386 0.3068 -0.0841 -0.0058 0.0140  556 PHE A CZ  
370 N N   . LYS A 57 ? 0.4530 0.4999 0.3231 -0.0823 0.0618  -0.0350 557 LYS A N   
371 C CA  . LYS A 57 ? 0.4808 0.5477 0.3751 -0.0792 0.0772  -0.0272 557 LYS A CA  
372 C C   . LYS A 57 ? 0.4565 0.5416 0.3326 -0.0937 0.0599  -0.0114 557 LYS A C   
373 O O   . LYS A 57 ? 0.4868 0.5705 0.3304 -0.1069 0.0492  -0.0129 557 LYS A O   
374 C CB  . LYS A 57 ? 0.5563 0.6254 0.4536 -0.0835 0.1132  -0.0511 557 LYS A CB  
375 C CG  . LYS A 57 ? 0.6421 0.6805 0.5457 -0.0769 0.1349  -0.0726 557 LYS A CG  
376 C CD  . LYS A 57 ? 0.7338 0.7610 0.6740 -0.0629 0.1808  -0.0824 557 LYS A CD  
377 C CE  . LYS A 57 ? 0.7184 0.7020 0.6524 -0.0651 0.2096  -0.1105 557 LYS A CE  
378 N NZ  . LYS A 57 ? 0.8476 0.8156 0.7584 -0.0863 0.2538  -0.1481 557 LYS A NZ  
379 N N   . VAL A 58 ? 0.4424 0.5490 0.3410 -0.0933 0.0579  0.0073  558 VAL A N   
380 C CA  . VAL A 58 ? 0.4751 0.5980 0.3561 -0.1121 0.0469  0.0207  558 VAL A CA  
381 C C   . VAL A 58 ? 0.4833 0.6395 0.3767 -0.1180 0.0727  0.0148  558 VAL A C   
382 O O   . VAL A 58 ? 0.4688 0.6488 0.4065 -0.1043 0.0934  0.0180  558 VAL A O   
383 C CB  . VAL A 58 ? 0.5115 0.6459 0.4060 -0.1180 0.0299  0.0432  558 VAL A CB  
384 C CG1 . VAL A 58 ? 0.5485 0.6868 0.4163 -0.1437 0.0185  0.0552  558 VAL A CG1 
385 C CG2 . VAL A 58 ? 0.5794 0.6798 0.4620 -0.1129 0.0137  0.0434  558 VAL A CG2 
386 N N   . SER A 59 ? 0.4560 0.6154 0.3133 -0.1370 0.0737  0.0091  559 SER A N   
387 C CA  . SER A 59 ? 0.4824 0.6730 0.3445 -0.1476 0.1012  0.0013  559 SER A CA  
388 C C   . SER A 59 ? 0.4529 0.6753 0.3273 -0.1602 0.0947  0.0247  559 SER A C   
389 O O   . SER A 59 ? 0.4613 0.6729 0.3247 -0.1683 0.0679  0.0430  559 SER A O   
390 C CB  . SER A 59 ? 0.5279 0.7151 0.3381 -0.1701 0.1034  -0.0128 559 SER A CB  
391 O OG  . SER A 59 ? 0.6516 0.8149 0.4449 -0.1655 0.0954  -0.0260 559 SER A OG  
392 N N   . ALA A 60 ? 0.4446 0.7056 0.3419 -0.1647 0.1233  0.0220  560 ALA A N   
393 C CA  . ALA A 60 ? 0.4681 0.7679 0.3759 -0.1828 0.1179  0.0444  560 ALA A CA  
394 C C   . ALA A 60 ? 0.4925 0.7693 0.3401 -0.2120 0.0930  0.0539  560 ALA A C   
395 O O   . ALA A 60 ? 0.5175 0.7717 0.3222 -0.2196 0.0914  0.0438  560 ALA A O   
396 C CB  . ALA A 60 ? 0.4681 0.8147 0.4086 -0.1833 0.1583  0.0378  560 ALA A CB  
397 N N   . ASN A 61 ? 0.4837 0.7651 0.3287 -0.2295 0.0732  0.0762  561 ASN A N   
398 C CA  . ASN A 61 ? 0.5213 0.7632 0.3132 -0.2525 0.0524  0.0889  561 ASN A CA  
399 C C   . ASN A 61 ? 0.5385 0.7984 0.3234 -0.2856 0.0481  0.1086  561 ASN A C   
400 O O   . ASN A 61 ? 0.5129 0.8241 0.3389 -0.2909 0.0548  0.1146  561 ASN A O   
401 C CB  . ASN A 61 ? 0.5042 0.6902 0.2806 -0.2401 0.0299  0.0903  561 ASN A CB  
402 C CG  . ASN A 61 ? 0.4936 0.6858 0.2992 -0.2372 0.0207  0.0943  561 ASN A CG  
403 O OD1 . ASN A 61 ? 0.5607 0.7506 0.3563 -0.2627 0.0109  0.1070  561 ASN A OD1 
404 N ND2 . ASN A 61 ? 0.4512 0.6519 0.2886 -0.2109 0.0243  0.0844  561 ASN A ND2 
405 N N   . VAL A 62 ? 0.5861 0.8057 0.3226 -0.3079 0.0376  0.1221  562 VAL A N   
406 C CA  . VAL A 62 ? 0.6267 0.8576 0.3509 -0.3454 0.0372  0.1391  562 VAL A CA  
407 C C   . VAL A 62 ? 0.6522 0.8716 0.3838 -0.3621 0.0234  0.1448  562 VAL A C   
408 O O   . VAL A 62 ? 0.6665 0.9156 0.4002 -0.3964 0.0243  0.1556  562 VAL A O   
409 C CB  . VAL A 62 ? 0.6958 0.8788 0.3646 -0.3665 0.0334  0.1565  562 VAL A CB  
410 C CG1 . VAL A 62 ? 0.6834 0.8895 0.3350 -0.3614 0.0439  0.1546  562 VAL A CG1 
411 C CG2 . VAL A 62 ? 0.7345 0.8353 0.3756 -0.3565 0.0183  0.1641  562 VAL A CG2 
412 N N   . GLN A 63 ? 0.6582 0.8391 0.3911 -0.3431 0.0116  0.1367  563 GLN A N   
413 C CA  . GLN A 63 ? 0.6850 0.8596 0.4172 -0.3660 -0.0004 0.1389  563 GLN A CA  
414 C C   . GLN A 63 ? 0.6445 0.8985 0.4339 -0.3576 -0.0040 0.1411  563 GLN A C   
415 O O   . GLN A 63 ? 0.6731 0.9384 0.4614 -0.3816 -0.0169 0.1461  563 GLN A O   
416 C CB  . GLN A 63 ? 0.6902 0.7773 0.3860 -0.3591 -0.0079 0.1305  563 GLN A CB  
417 C CG  . GLN A 63 ? 0.8097 0.8167 0.4601 -0.3601 -0.0023 0.1374  563 GLN A CG  
418 C CD  . GLN A 63 ? 0.8856 0.8422 0.4933 -0.4070 0.0027  0.1459  563 GLN A CD  
419 O OE1 . GLN A 63 ? 0.9540 0.9559 0.5635 -0.4426 0.0036  0.1528  563 GLN A OE1 
420 N NE2 . GLN A 63 ? 0.9389 0.8009 0.5106 -0.4069 0.0097  0.1456  563 GLN A NE2 
421 N N   . ASN A 64 ? 0.6132 0.9215 0.4505 -0.3262 0.0101  0.1391  564 ASN A N   
422 C CA  . ASN A 64 ? 0.5781 0.9591 0.4807 -0.3077 0.0120  0.1481  564 ASN A CA  
423 C C   . ASN A 64 ? 0.5611 0.9185 0.4674 -0.2909 -0.0034 0.1456  564 ASN A C   
424 O O   . ASN A 64 ? 0.5715 0.9871 0.5198 -0.2906 -0.0118 0.1631  564 ASN A O   
425 C CB  . ASN A 64 ? 0.6846 1.1469 0.6180 -0.3424 0.0068  0.1719  564 ASN A CB  
426 C CG  . ASN A 64 ? 0.7787 1.3084 0.7542 -0.3383 0.0326  0.1788  564 ASN A CG  
427 O OD1 . ASN A 64 ? 0.8384 1.4263 0.8815 -0.3040 0.0525  0.1849  564 ASN A OD1 
428 N ND2 . ASN A 64 ? 0.7191 1.2360 0.6547 -0.3731 0.0368  0.1782  564 ASN A ND2 
429 N N   . VAL A 65 ? 0.5527 0.8298 0.4162 -0.2782 -0.0077 0.1276  565 VAL A N   
430 C CA  . VAL A 65 ? 0.5410 0.7889 0.4014 -0.2641 -0.0194 0.1222  565 VAL A CA  
431 C C   . VAL A 65 ? 0.5249 0.7987 0.4353 -0.2205 -0.0075 0.1194  565 VAL A C   
432 O O   . VAL A 65 ? 0.4972 0.7548 0.4099 -0.1982 0.0093  0.1050  565 VAL A O   
433 C CB  . VAL A 65 ? 0.5833 0.7402 0.3889 -0.2619 -0.0221 0.1054  565 VAL A CB  
434 C CG1 . VAL A 65 ? 0.5820 0.7112 0.3920 -0.2354 -0.0257 0.0947  565 VAL A CG1 
435 C CG2 . VAL A 65 ? 0.6396 0.7522 0.3953 -0.3042 -0.0291 0.1071  565 VAL A CG2 
436 N N   . THR A 66 ? 0.4936 0.8067 0.4413 -0.2120 -0.0152 0.1348  566 THR A N   
437 C CA  . THR A 66 ? 0.4866 0.8165 0.4852 -0.1701 -0.0001 0.1366  566 THR A CA  
438 C C   . THR A 66 ? 0.4876 0.7623 0.4645 -0.1545 -0.0072 0.1236  566 THR A C   
439 O O   . THR A 66 ? 0.4819 0.7118 0.4097 -0.1742 -0.0231 0.1145  566 THR A O   
440 C CB  . THR A 66 ? 0.5219 0.9374 0.5882 -0.1637 -0.0026 0.1728  566 THR A CB  
441 O OG1 . THR A 66 ? 0.4769 0.9064 0.5202 -0.1947 -0.0331 0.1891  566 THR A OG1 
442 C CG2 . THR A 66 ? 0.5216 1.0072 0.6263 -0.1739 0.0088  0.1895  566 THR A CG2 
443 N N   . THR A 67 ? 0.4980 0.7731 0.5129 -0.1196 0.0089  0.1225  567 THR A N   
444 C CA  . THR A 67 ? 0.5076 0.7351 0.5044 -0.1067 0.0038  0.1112  567 THR A CA  
445 C C   . THR A 67 ? 0.5108 0.7538 0.4966 -0.1267 -0.0219 0.1316  567 THR A C   
446 O O   . THR A 67 ? 0.4735 0.6689 0.4148 -0.1376 -0.0323 0.1173  567 THR A O   
447 C CB  . THR A 67 ? 0.5908 0.8152 0.6321 -0.0699 0.0293  0.1092  567 THR A CB  
448 O OG1 . THR A 67 ? 0.5677 0.7882 0.6187 -0.0598 0.0578  0.0903  567 THR A OG1 
449 C CG2 . THR A 67 ? 0.5565 0.7246 0.5691 -0.0619 0.0275  0.0895  567 THR A CG2 
450 N N   . GLU A 68 ? 0.4899 0.8060 0.5157 -0.1352 -0.0314 0.1664  568 GLU A N   
451 C CA  . GLU A 68 ? 0.5592 0.8999 0.5641 -0.1661 -0.0587 0.1865  568 GLU A CA  
452 C C   . GLU A 68 ? 0.5710 0.8794 0.5050 -0.2153 -0.0739 0.1686  568 GLU A C   
453 O O   . GLU A 68 ? 0.5613 0.8389 0.4488 -0.2393 -0.0857 0.1607  568 GLU A O   
454 C CB  . GLU A 68 ? 0.6003 1.0428 0.6692 -0.1663 -0.0691 0.2361  568 GLU A CB  
455 C CG  . GLU A 68 ? 0.7028 1.1652 0.8417 -0.1161 -0.0515 0.2605  568 GLU A CG  
456 C CD  . GLU A 68 ? 0.7808 1.2170 0.9005 -0.1131 -0.0630 0.2675  568 GLU A CD  
457 O OE1 . GLU A 68 ? 0.8758 1.2966 0.9326 -0.1538 -0.0867 0.2587  568 GLU A OE1 
458 O OE2 . GLU A 68 ? 0.7246 1.1502 0.8892 -0.0723 -0.0441 0.2799  568 GLU A OE2 
459 N N   . ASP A 69 ? 0.5409 0.8462 0.4625 -0.2312 -0.0687 0.1596  569 ASP A N   
460 C CA  . ASP A 69 ? 0.5560 0.8133 0.4092 -0.2762 -0.0758 0.1418  569 ASP A CA  
461 C C   . ASP A 69 ? 0.5456 0.7065 0.3504 -0.2655 -0.0667 0.1103  569 ASP A C   
462 O O   . ASP A 69 ? 0.5868 0.6994 0.3376 -0.2969 -0.0693 0.0965  569 ASP A O   
463 C CB  . ASP A 69 ? 0.5458 0.8068 0.3955 -0.2896 -0.0679 0.1392  569 ASP A CB  
464 C CG  . ASP A 69 ? 0.6293 0.9889 0.5226 -0.3099 -0.0758 0.1697  569 ASP A CG  
465 O OD1 . ASP A 69 ? 0.5947 1.0238 0.5131 -0.3248 -0.0928 0.1965  569 ASP A OD1 
466 O OD2 . ASP A 69 ? 0.6074 0.9825 0.5128 -0.3114 -0.0648 0.1701  569 ASP A OD2 
467 N N   . VAL A 70 ? 0.5086 0.6429 0.3340 -0.2224 -0.0530 0.0985  570 VAL A N   
468 C CA  . VAL A 70 ? 0.5432 0.6022 0.3350 -0.2089 -0.0451 0.0747  570 VAL A CA  
469 C C   . VAL A 70 ? 0.5857 0.6298 0.3645 -0.2107 -0.0498 0.0710  570 VAL A C   
470 O O   . VAL A 70 ? 0.6232 0.6102 0.3598 -0.2227 -0.0451 0.0541  570 VAL A O   
471 C CB  . VAL A 70 ? 0.5168 0.5667 0.3335 -0.1700 -0.0322 0.0652  570 VAL A CB  
472 C CG1 . VAL A 70 ? 0.5544 0.5464 0.3485 -0.1549 -0.0270 0.0473  570 VAL A CG1 
473 C CG2 . VAL A 70 ? 0.5020 0.5582 0.3165 -0.1743 -0.0265 0.0665  570 VAL A CG2 
474 N N   . GLU A 71 ? 0.5402 0.6362 0.3571 -0.1985 -0.0562 0.0896  571 GLU A N   
475 C CA  . GLU A 71 ? 0.5747 0.6650 0.3776 -0.2044 -0.0624 0.0918  571 GLU A CA  
476 C C   . GLU A 71 ? 0.6065 0.6937 0.3558 -0.2573 -0.0743 0.0913  571 GLU A C   
477 O O   . GLU A 71 ? 0.6439 0.6780 0.3471 -0.2718 -0.0680 0.0711  571 GLU A O   
478 C CB  . GLU A 71 ? 0.5875 0.7406 0.4462 -0.1831 -0.0675 0.1223  571 GLU A CB  
479 C CG  . GLU A 71 ? 0.7302 0.8657 0.5825 -0.1739 -0.0675 0.1232  571 GLU A CG  
480 C CD  . GLU A 71 ? 0.7727 0.9776 0.6568 -0.1787 -0.0829 0.1659  571 GLU A CD  
481 O OE1 . GLU A 71 ? 0.8245 1.0841 0.7717 -0.1547 -0.0806 0.1961  571 GLU A OE1 
482 O OE2 . GLU A 71 ? 0.8219 1.0264 0.6700 -0.2047 -0.0945 0.1712  571 GLU A OE2 
483 N N   . LYS A 72 ? 0.6309 0.7760 0.3844 -0.2900 -0.0885 0.1121  572 LYS A N   
484 C CA  . LYS A 72 ? 0.6972 0.8443 0.3916 -0.3535 -0.0996 0.1095  572 LYS A CA  
485 C C   . LYS A 72 ? 0.7446 0.7930 0.3713 -0.3783 -0.0802 0.0712  572 LYS A C   
486 O O   . LYS A 72 ? 0.8311 0.8397 0.3985 -0.4172 -0.0754 0.0532  572 LYS A O   
487 C CB  . LYS A 72 ? 0.7706 1.0091 0.4890 -0.3858 -0.1188 0.1411  572 LYS A CB  
488 C CG  . LYS A 72 ? 0.7822 1.1262 0.5693 -0.3668 -0.1373 0.1882  572 LYS A CG  
489 C CD  . LYS A 72 ? 0.8863 1.3367 0.7124 -0.3938 -0.1552 0.2259  572 LYS A CD  
490 C CE  . LYS A 72 ? 0.9487 1.5040 0.7936 -0.4225 -0.1848 0.2735  572 LYS A CE  
491 N NZ  . LYS A 72 ? 1.0439 1.6540 0.8401 -0.5043 -0.2073 0.2811  572 LYS A NZ  
492 N N   . ALA A 73 ? 0.7311 0.7362 0.3668 -0.3545 -0.0655 0.0598  573 ALA A N   
493 C CA  . ALA A 73 ? 0.7869 0.6942 0.3702 -0.3678 -0.0429 0.0314  573 ALA A CA  
494 C C   . ALA A 73 ? 0.7775 0.6169 0.3446 -0.3426 -0.0245 0.0093  573 ALA A C   
495 O O   . ALA A 73 ? 0.8545 0.6180 0.3709 -0.3651 -0.0032 -0.0141 573 ALA A O   
496 C CB  . ALA A 73 ? 0.8185 0.7076 0.4228 -0.3436 -0.0347 0.0349  573 ALA A CB  
497 N N   . THR A 74 ? 0.7122 0.5808 0.3243 -0.2976 -0.0295 0.0167  574 THR A N   
498 C CA  . THR A 74 ? 0.7108 0.5333 0.3169 -0.2733 -0.0143 -0.0006 574 THR A CA  
499 C C   . THR A 74 ? 0.7804 0.5957 0.3405 -0.3119 -0.0135 -0.0106 574 THR A C   
500 O O   . THR A 74 ? 0.8446 0.5928 0.3654 -0.3211 0.0100  -0.0354 574 THR A O   
501 C CB  . THR A 74 ? 0.6481 0.5072 0.3116 -0.2228 -0.0196 0.0093  574 THR A CB  
502 O OG1 . THR A 74 ? 0.6531 0.5229 0.3480 -0.1977 -0.0197 0.0161  574 THR A OG1 
503 C CG2 . THR A 74 ? 0.6604 0.4746 0.3201 -0.1999 -0.0030 -0.0081 574 THR A CG2 
504 N N   . VAL A 75 ? 0.7656 0.6542 0.3325 -0.3346 -0.0376 0.0118  575 VAL A N   
505 C CA  . VAL A 75 ? 0.8019 0.6955 0.3169 -0.3816 -0.0412 0.0071  575 VAL A CA  
506 C C   . VAL A 75 ? 0.9150 0.7510 0.3547 -0.4414 -0.0253 -0.0197 575 VAL A C   
507 O O   . VAL A 75 ? 0.9453 0.7160 0.3288 -0.4659 -0.0010 -0.0497 575 VAL A O   
508 C CB  . VAL A 75 ? 0.7738 0.7714 0.3150 -0.3981 -0.0744 0.0476  575 VAL A CB  
509 C CG1 . VAL A 75 ? 0.8808 0.8916 0.3579 -0.4575 -0.0817 0.0460  575 VAL A CG1 
510 C CG2 . VAL A 75 ? 0.7062 0.7413 0.3174 -0.3400 -0.0804 0.0710  575 VAL A CG2 
511 N N   . ASP A 76 ? 0.9524 0.8075 0.3886 -0.4681 -0.0340 -0.0116 576 ASP A N   
512 C CA  . ASP A 76 ? 1.1130 0.9115 0.4725 -0.5347 -0.0173 -0.0374 576 ASP A CA  
513 C C   . ASP A 76 ? 1.1896 0.8592 0.5133 -0.5232 0.0283  -0.0759 576 ASP A C   
514 O O   . ASP A 76 ? 1.2601 0.8605 0.5094 -0.5771 0.0545  -0.1071 576 ASP A O   
515 C CB  . ASP A 76 ? 1.1419 0.9874 0.5089 -0.5658 -0.0343 -0.0195 576 ASP A CB  
516 C CG  . ASP A 76 ? 1.1391 1.1195 0.5472 -0.5804 -0.0758 0.0235  576 ASP A CG  
517 O OD1 . ASP A 76 ? 1.1529 1.1872 0.5666 -0.5831 -0.0928 0.0399  576 ASP A OD1 
518 O OD2 . ASP A 76 ? 1.1537 1.1911 0.5942 -0.5873 -0.0904 0.0454  576 ASP A OD2 
519 N N   . ASN A 77 ? 1.0771 0.7151 0.4535 -0.4550 0.0403  -0.0726 577 ASN A N   
520 C CA  . ASN A 77 ? 1.1140 0.6401 0.4720 -0.4359 0.0833  -0.0978 577 ASN A CA  
521 C C   . ASN A 77 ? 1.1068 0.6045 0.4894 -0.3870 0.1025  -0.1078 577 ASN A C   
522 O O   . ASN A 77 ? 1.0982 0.5325 0.5006 -0.3474 0.1311  -0.1131 577 ASN A O   
523 C CB  . ASN A 77 ? 1.0798 0.5888 0.4732 -0.4051 0.0851  -0.0812 577 ASN A CB  
524 C CG  . ASN A 77 ? 1.1109 0.6395 0.4761 -0.4581 0.0724  -0.0742 577 ASN A CG  
525 O OD1 . ASN A 77 ? 1.1803 0.6309 0.4876 -0.5031 0.0995  -0.0949 577 ASN A OD1 
526 N ND2 . ASN A 77 ? 1.0494 0.6798 0.4560 -0.4547 0.0355  -0.0461 577 ASN A ND2 
527 N N   . LYS A 78 ? 1.0608 0.6103 0.4452 -0.3901 0.0869  -0.1060 578 LYS A N   
528 C CA  . LYS A 78 ? 1.0084 0.5462 0.4221 -0.3450 0.1011  -0.1122 578 LYS A CA  
529 C C   . LYS A 78 ? 1.0802 0.5160 0.4685 -0.3373 0.1526  -0.1427 578 LYS A C   
530 O O   . LYS A 78 ? 1.0497 0.4666 0.4871 -0.2826 0.1685  -0.1381 578 LYS A O   
531 C CB  . LYS A 78 ? 1.0521 0.6521 0.4568 -0.3629 0.0801  -0.1060 578 LYS A CB  
532 C CG  . LYS A 78 ? 1.0137 0.5986 0.4362 -0.3293 0.0983  -0.1165 578 LYS A CG  
533 C CD  . LYS A 78 ? 0.9825 0.6318 0.3974 -0.3478 0.0742  -0.1028 578 LYS A CD  
534 C CE  . LYS A 78 ? 1.1270 0.7372 0.4647 -0.4003 0.0980  -0.1307 578 LYS A CE  
535 N NZ  . LYS A 78 ? 1.1128 0.7879 0.4413 -0.4188 0.0739  -0.1114 578 LYS A NZ  
536 N N   . ASP A 79 ? 1.1656 0.5374 0.4775 -0.3948 0.1810  -0.1733 579 ASP A N   
537 C CA  . ASP A 79 ? 1.2623 0.5258 0.5493 -0.3884 0.2401  -0.2051 579 ASP A CA  
538 C C   . ASP A 79 ? 1.2969 0.4976 0.6232 -0.3444 0.2648  -0.1945 579 ASP A C   
539 O O   . ASP A 79 ? 1.3375 0.4926 0.7011 -0.2960 0.2997  -0.1961 579 ASP A O   
540 C CB  . ASP A 79 ? 1.4196 0.6169 0.6051 -0.4689 0.2717  -0.2456 579 ASP A CB  
541 C CG  . ASP A 79 ? 1.4278 0.6781 0.5684 -0.5126 0.2562  -0.2561 579 ASP A CG  
542 O OD1 . ASP A 79 ? 1.3363 0.6635 0.5242 -0.4783 0.2260  -0.2330 579 ASP A OD1 
543 O OD2 . ASP A 79 ? 1.6002 0.8121 0.6510 -0.5874 0.2760  -0.2876 579 ASP A OD2 
544 N N   . LYS A 80 ? 1.3027 0.5088 0.6263 -0.3595 0.2461  -0.1784 580 LYS A N   
545 C CA  . LYS A 80 ? 1.3153 0.4664 0.6762 -0.3181 0.2669  -0.1609 580 LYS A CA  
546 C C   . LYS A 80 ? 1.1673 0.3810 0.6175 -0.2427 0.2455  -0.1257 580 LYS A C   
547 O O   . LYS A 80 ? 1.1715 0.3417 0.6625 -0.1948 0.2739  -0.1133 580 LYS A O   
548 C CB  . LYS A 80 ? 1.3375 0.4929 0.6744 -0.3553 0.2473  -0.1493 580 LYS A CB  
549 C CG  . LYS A 80 ? 1.5027 0.6170 0.7483 -0.4420 0.2602  -0.1821 580 LYS A CG  
550 C CD  . LYS A 80 ? 1.5158 0.6586 0.7454 -0.4817 0.2338  -0.1665 580 LYS A CD  
551 C CE  . LYS A 80 ? 1.5728 0.7607 0.7341 -0.5681 0.2129  -0.1836 580 LYS A CE  
552 N NZ  . LYS A 80 ? 1.7215 0.8003 0.7950 -0.6406 0.2565  -0.2192 580 LYS A NZ  
553 N N   . LEU A 81 ? 1.0784 0.3978 0.5590 -0.2349 0.1962  -0.1085 581 LEU A N   
554 C CA  . LEU A 81 ? 0.9802 0.3661 0.5348 -0.1762 0.1739  -0.0806 581 LEU A CA  
555 C C   . LEU A 81 ? 0.9988 0.3719 0.5842 -0.1389 0.1993  -0.0874 581 LEU A C   
556 O O   . LEU A 81 ? 0.9663 0.3501 0.6074 -0.0905 0.2047  -0.0658 581 LEU A O   
557 C CB  . LEU A 81 ? 0.9104 0.3956 0.4818 -0.1828 0.1271  -0.0689 581 LEU A CB  
558 C CG  . LEU A 81 ? 0.9032 0.4251 0.4693 -0.2049 0.0997  -0.0529 581 LEU A CG  
559 C CD1 . LEU A 81 ? 0.8433 0.4531 0.4221 -0.2171 0.0636  -0.0439 581 LEU A CD1 
560 C CD2 . LEU A 81 ? 0.9295 0.4573 0.5361 -0.1681 0.0959  -0.0280 581 LEU A CD2 
561 N N   . GLU A 82 ? 1.0062 0.3607 0.5526 -0.1665 0.2154  -0.1164 582 GLU A N   
562 C CA  . GLU A 82 ? 1.0209 0.3581 0.5888 -0.1392 0.2464  -0.1283 582 GLU A CA  
563 C C   . GLU A 82 ? 1.1206 0.3690 0.7032 -0.1109 0.3004  -0.1306 582 GLU A C   
564 O O   . GLU A 82 ? 1.0924 0.3528 0.7357 -0.0607 0.3166  -0.1154 582 GLU A O   
565 C CB  . GLU A 82 ? 1.0632 0.3938 0.5730 -0.1845 0.2550  -0.1599 582 GLU A CB  
566 C CG  . GLU A 82 ? 0.9548 0.3782 0.4681 -0.1987 0.2056  -0.1477 582 GLU A CG  
567 C CD  . GLU A 82 ? 1.0377 0.4640 0.4936 -0.2449 0.2097  -0.1696 582 GLU A CD  
568 O OE1 . GLU A 82 ? 1.1698 0.5275 0.5631 -0.2838 0.2462  -0.2001 582 GLU A OE1 
569 O OE2 . GLU A 82 ? 0.9866 0.4817 0.4558 -0.2457 0.1782  -0.1557 582 GLU A OE2 
570 N N   . GLU A 83 ? 1.2295 0.3890 0.7607 -0.1425 0.3306  -0.1465 583 GLU A N   
571 C CA  . GLU A 83 ? 1.3430 0.4061 0.8938 -0.1105 0.3892  -0.1447 583 GLU A CA  
572 C C   . GLU A 83 ? 1.2834 0.3794 0.9124 -0.0519 0.3727  -0.0933 583 GLU A C   
573 O O   . GLU A 83 ? 1.2923 0.3807 0.9854 0.0030  0.4002  -0.0713 583 GLU A O   
574 C CB  . GLU A 83 ? 1.4890 0.4364 0.9586 -0.1649 0.4312  -0.1777 583 GLU A CB  
575 C CG  . GLU A 83 ? 1.6907 0.5235 1.1823 -0.1303 0.4960  -0.1709 583 GLU A CG  
576 C CD  . GLU A 83 ? 1.8339 0.5827 1.3205 -0.1180 0.5696  -0.2039 583 GLU A CD  
577 O OE1 . GLU A 83 ? 1.9434 0.6236 1.4848 -0.0634 0.6220  -0.1846 583 GLU A OE1 
578 O OE2 . GLU A 83 ? 1.8922 0.6458 1.3227 -0.1620 0.5763  -0.2458 583 GLU A OE2 
579 N N   . THR A 84 ? 1.2124 0.3556 0.8368 -0.0659 0.3265  -0.0717 584 THR A N   
580 C CA  . THR A 84 ? 1.1834 0.3689 0.8702 -0.0207 0.3048  -0.0224 584 THR A CA  
581 C C   . THR A 84 ? 1.1011 0.3840 0.8608 0.0267  0.2802  0.0034  584 THR A C   
582 O O   . THR A 84 ? 1.1399 0.4337 0.9616 0.0752  0.2912  0.0402  584 THR A O   
583 C CB  . THR A 84 ? 1.1144 0.3496 0.7807 -0.0490 0.2573  -0.0084 584 THR A CB  
584 O OG1 . THR A 84 ? 1.1786 0.3333 0.7799 -0.0973 0.2764  -0.0276 584 THR A OG1 
585 C CG2 . THR A 84 ? 1.0859 0.3619 0.8078 -0.0077 0.2392  0.0406  584 THR A CG2 
586 N N   . SER A 85 ? 1.0332 0.3891 0.7858 0.0098  0.2477  -0.0138 585 SER A N   
587 C CA  . SER A 85 ? 0.9658 0.4153 0.7783 0.0434  0.2225  0.0059  585 SER A CA  
588 C C   . SER A 85 ? 1.0028 0.4440 0.8515 0.0725  0.2580  -0.0010 585 SER A C   
589 O O   . SER A 85 ? 0.9949 0.5036 0.9072 0.1086  0.2481  0.0260  585 SER A O   
590 C CB  . SER A 85 ? 0.8598 0.3809 0.6519 0.0145  0.1792  -0.0084 585 SER A CB  
591 O OG  . SER A 85 ? 0.8732 0.3665 0.6191 -0.0180 0.1911  -0.0439 585 SER A OG  
592 N N   . GLY A 86 ? 1.0477 0.4156 0.8531 0.0508  0.2977  -0.0385 586 GLY A N   
593 C CA  . GLY A 86 ? 1.0517 0.4169 0.8894 0.0751  0.3337  -0.0487 586 GLY A CA  
594 C C   . GLY A 86 ? 0.9812 0.4261 0.8208 0.0622  0.3039  -0.0616 586 GLY A C   
595 O O   . GLY A 86 ? 0.9973 0.4715 0.8784 0.0857  0.3215  -0.0611 586 GLY A O   
596 N N   . LEU A 87 ? 0.9090 0.3859 0.7037 0.0232  0.2630  -0.0732 587 LEU A N   
597 C CA  . LEU A 87 ? 0.8752 0.4084 0.6637 0.0074  0.2426  -0.0866 587 LEU A CA  
598 C C   . LEU A 87 ? 0.8940 0.4045 0.6078 -0.0451 0.2323  -0.1123 587 LEU A C   
599 O O   . LEU A 87 ? 0.9494 0.4115 0.6179 -0.0722 0.2363  -0.1201 587 LEU A O   
600 C CB  . LEU A 87 ? 0.7802 0.4054 0.6130 0.0227  0.1973  -0.0615 587 LEU A CB  
601 C CG  . LEU A 87 ? 0.7464 0.3930 0.5721 0.0147  0.1617  -0.0443 587 LEU A CG  
602 C CD1 . LEU A 87 ? 0.7033 0.3450 0.4749 -0.0262 0.1424  -0.0611 587 LEU A CD1 
603 C CD2 . LEU A 87 ? 0.6848 0.4135 0.5601 0.0349  0.1323  -0.0210 587 LEU A CD2 
604 N N   . LYS A 88 ? 0.8400 0.3898 0.5420 -0.0619 0.2184  -0.1215 588 LYS A N   
605 C CA  . LYS A 88 ? 0.8719 0.4169 0.5098 -0.1108 0.2034  -0.1351 588 LYS A CA  
606 C C   . LYS A 88 ? 0.7605 0.3725 0.4111 -0.1160 0.1547  -0.1138 588 LYS A C   
607 O O   . LYS A 88 ? 0.7272 0.3892 0.4224 -0.0919 0.1382  -0.1006 588 LYS A O   
608 C CB  . LYS A 88 ? 0.9173 0.4516 0.5222 -0.1331 0.2258  -0.1574 588 LYS A CB  
609 C CG  . LYS A 88 ? 1.0461 0.5064 0.6304 -0.1339 0.2839  -0.1854 588 LYS A CG  
610 C CD  . LYS A 88 ? 1.1984 0.5841 0.7142 -0.1745 0.3041  -0.2061 588 LYS A CD  
611 C CE  . LYS A 88 ? 1.3470 0.6430 0.8273 -0.1852 0.3717  -0.2423 588 LYS A CE  
612 N NZ  . LYS A 88 ? 1.4341 0.6776 0.8117 -0.2581 0.3846  -0.2743 588 LYS A NZ  
613 N N   . ILE A 89 ? 0.7636 0.3757 0.3736 -0.1508 0.1359  -0.1115 589 ILE A N   
614 C CA  . ILE A 89 ? 0.7178 0.3898 0.3429 -0.1547 0.0974  -0.0899 589 ILE A CA  
615 C C   . ILE A 89 ? 0.7312 0.4258 0.3244 -0.1857 0.0880  -0.0888 589 ILE A C   
616 O O   . ILE A 89 ? 0.8224 0.4933 0.3594 -0.2265 0.0961  -0.1003 589 ILE A O   
617 C CB  . ILE A 89 ? 0.7163 0.3870 0.3265 -0.1721 0.0823  -0.0808 589 ILE A CB  
618 C CG1 . ILE A 89 ? 0.7337 0.3908 0.3796 -0.1390 0.0874  -0.0738 589 ILE A CG1 
619 C CG2 . ILE A 89 ? 0.6754 0.4085 0.2965 -0.1831 0.0486  -0.0583 589 ILE A CG2 
620 C CD1 . ILE A 89 ? 0.7391 0.3845 0.3662 -0.1583 0.0788  -0.0667 589 ILE A CD1 
621 N N   . LEU A 90 ? 0.6728 0.4115 0.2994 -0.1691 0.0728  -0.0736 590 LEU A N   
622 C CA  . LEU A 90 ? 0.7034 0.4655 0.3082 -0.1919 0.0646  -0.0643 590 LEU A CA  
623 C C   . LEU A 90 ? 0.7093 0.5224 0.3264 -0.2001 0.0333  -0.0321 590 LEU A C   
624 O O   . LEU A 90 ? 0.7491 0.5860 0.3415 -0.2266 0.0223  -0.0157 590 LEU A O   
625 C CB  . LEU A 90 ? 0.6718 0.4416 0.3057 -0.1694 0.0750  -0.0669 590 LEU A CB  
626 C CG  . LEU A 90 ? 0.7216 0.4567 0.3567 -0.1575 0.1082  -0.0930 590 LEU A CG  
627 C CD1 . LEU A 90 ? 0.7039 0.4599 0.3720 -0.1398 0.1149  -0.0924 590 LEU A CD1 
628 C CD2 . LEU A 90 ? 0.8134 0.5037 0.3875 -0.1913 0.1345  -0.1160 590 LEU A CD2 
629 N N   . GLN A 91 ? 0.6228 0.4575 0.2809 -0.1772 0.0200  -0.0193 591 GLN A N   
630 C CA  . GLN A 91 ? 0.5860 0.4716 0.2684 -0.1781 -0.0037 0.0136  591 GLN A CA  
631 C C   . GLN A 91 ? 0.5595 0.4558 0.2759 -0.1580 -0.0089 0.0163  591 GLN A C   
632 O O   . GLN A 91 ? 0.5375 0.4106 0.2697 -0.1353 0.0027  -0.0014 591 GLN A O   
633 C CB  . GLN A 91 ? 0.5728 0.4797 0.2910 -0.1573 -0.0050 0.0332  591 GLN A CB  
634 C CG  . GLN A 91 ? 0.5307 0.4875 0.2857 -0.1503 -0.0222 0.0732  591 GLN A CG  
635 C CD  . GLN A 91 ? 0.5593 0.5270 0.3398 -0.1367 -0.0196 0.0988  591 GLN A CD  
636 O OE1 . GLN A 91 ? 0.5730 0.5188 0.3300 -0.1450 -0.0108 0.0900  591 GLN A OE1 
637 N NE2 . GLN A 91 ? 0.4993 0.4975 0.3300 -0.1148 -0.0231 0.1310  591 GLN A NE2 
638 N N   . THR A 92 ? 0.5310 0.4703 0.2618 -0.1662 -0.0262 0.0413  592 THR A N   
639 C CA  . THR A 92 ? 0.5232 0.4780 0.2898 -0.1464 -0.0281 0.0451  592 THR A CA  
640 C C   . THR A 92 ? 0.5139 0.5266 0.3213 -0.1403 -0.0403 0.0806  592 THR A C   
641 O O   . THR A 92 ? 0.5454 0.5898 0.3468 -0.1580 -0.0528 0.1056  592 THR A O   
642 C CB  . THR A 92 ? 0.5904 0.5261 0.3277 -0.1663 -0.0287 0.0322  592 THR A CB  
643 O OG1 . THR A 92 ? 0.6307 0.5806 0.4014 -0.1456 -0.0283 0.0350  592 THR A OG1 
644 C CG2 . THR A 92 ? 0.6137 0.5773 0.3201 -0.2090 -0.0440 0.0471  592 THR A CG2 
645 N N   . GLY A 93 ? 0.4621 0.4907 0.3131 -0.1146 -0.0342 0.0854  593 GLY A N   
646 C CA  . GLY A 93 ? 0.4634 0.5461 0.3646 -0.1020 -0.0380 0.1209  593 GLY A CA  
647 C C   . GLY A 93 ? 0.4280 0.5130 0.3702 -0.0742 -0.0206 0.1141  593 GLY A C   
648 O O   . GLY A 93 ? 0.3843 0.4406 0.3086 -0.0736 -0.0135 0.0857  593 GLY A O   
649 N N   . VAL A 94 ? 0.4129 0.5339 0.4112 -0.0520 -0.0114 0.1433  594 VAL A N   
650 C CA  . VAL A 94 ? 0.4337 0.5540 0.4729 -0.0259 0.0143  0.1359  594 VAL A CA  
651 C C   . VAL A 94 ? 0.4297 0.5271 0.5081 0.0044  0.0411  0.1435  594 VAL A C   
652 O O   . VAL A 94 ? 0.4595 0.5734 0.5585 0.0108  0.0352  0.1771  594 VAL A O   
653 C CB  . VAL A 94 ? 0.4581 0.6426 0.5366 -0.0262 0.0105  0.1644  594 VAL A CB  
654 C CG1 . VAL A 94 ? 0.5114 0.6913 0.6296 -0.0005 0.0446  0.1527  594 VAL A CG1 
655 C CG2 . VAL A 94 ? 0.4702 0.6680 0.5043 -0.0619 -0.0131 0.1553  594 VAL A CG2 
656 N N   . GLY A 95 ? 0.4473 0.5042 0.5317 0.0189  0.0717  0.1130  595 GLY A N   
657 C CA  . GLY A 95 ? 0.4796 0.4978 0.5898 0.0405  0.1021  0.1131  595 GLY A CA  
658 C C   . GLY A 95 ? 0.5221 0.5577 0.7029 0.0724  0.1326  0.1444  595 GLY A C   
659 O O   . GLY A 95 ? 0.4941 0.5772 0.7032 0.0768  0.1309  0.1602  595 GLY A O   
660 N N   . SER A 96 ? 0.5549 0.5511 0.7669 0.0953  0.1639  0.1546  596 SER A N   
661 C CA  . SER A 96 ? 0.6577 0.6609 0.9466 0.1333  0.2022  0.1885  596 SER A CA  
662 C C   . SER A 96 ? 0.7443 0.6649 1.0358 0.1448  0.2596  0.1499  596 SER A C   
663 O O   . SER A 96 ? 0.6838 0.5490 0.9417 0.1337  0.2654  0.1294  596 SER A O   
664 C CB  . SER A 96 ? 0.6918 0.7240 1.0262 0.1535  0.1900  0.2537  596 SER A CB  
665 O OG  . SER A 96 ? 0.7070 0.7996 1.0121 0.1273  0.1348  0.2801  596 SER A OG  
666 N N   . LYS A 97 ? 0.7882 0.6994 1.1169 0.1631  0.3045  0.1388  597 LYS A N   
667 C CA  . LYS A 97 ? 0.8916 0.7156 1.2153 0.1671  0.3670  0.0966  597 LYS A CA  
668 C C   . LYS A 97 ? 0.9458 0.7142 1.3131 0.1968  0.4021  0.1267  597 LYS A C   
669 O O   . LYS A 97 ? 1.0452 0.8547 1.4769 0.2299  0.3919  0.1932  597 LYS A O   
670 C CB  . LYS A 97 ? 0.9028 0.7255 1.2526 0.1773  0.4144  0.0749  597 LYS A CB  
671 C CG  . LYS A 97 ? 0.9113 0.7317 1.1851 0.1333  0.4045  0.0144  597 LYS A CG  
672 C CD  . LYS A 97 ? 1.0281 0.8788 1.3237 0.1381  0.4331  0.0041  597 LYS A CD  
673 C CE  . LYS A 97 ? 1.0525 0.9366 1.2773 0.0951  0.3973  -0.0308 597 LYS A CE  
674 N NZ  . LYS A 97 ? 1.0081 0.9558 1.2613 0.1007  0.3975  -0.0162 597 LYS A NZ  
# 
loop_
_pdbx_poly_seq_scheme.asym_id 
_pdbx_poly_seq_scheme.entity_id 
_pdbx_poly_seq_scheme.seq_id 
_pdbx_poly_seq_scheme.mon_id 
_pdbx_poly_seq_scheme.ndb_seq_num 
_pdbx_poly_seq_scheme.pdb_seq_num 
_pdbx_poly_seq_scheme.auth_seq_num 
_pdbx_poly_seq_scheme.pdb_mon_id 
_pdbx_poly_seq_scheme.auth_mon_id 
_pdbx_poly_seq_scheme.pdb_strand_id 
_pdbx_poly_seq_scheme.pdb_ins_code 
_pdbx_poly_seq_scheme.hetero 
A 1 1  MET 1  501 ?   ?   ?   A . n 
A 1 2  GLU 2  502 ?   ?   ?   A . n 
A 1 3  VAL 3  503 ?   ?   ?   A . n 
A 1 4  GLN 4  504 ?   ?   ?   A . n 
A 1 5  PRO 5  505 ?   ?   ?   A . n 
A 1 6  SER 6  506 ?   ?   ?   A . n 
A 1 7  GLU 7  507 ?   ?   ?   A . n 
A 1 8  GLU 8  508 ?   ?   ?   A . n 
A 1 9  GLU 9  509 ?   ?   ?   A . n 
A 1 10 ALA 10 510 510 ALA ALA A . n 
A 1 11 ARG 11 511 511 ARG ARG A . n 
A 1 12 GLY 12 512 512 GLY GLY A . n 
A 1 13 TYR 13 513 513 TYR TYR A . n 
A 1 14 ILE 14 514 514 ILE ILE A . n 
A 1 15 VAL 15 515 515 VAL VAL A . n 
A 1 16 THR 16 516 516 THR THR A . n 
A 1 17 ASP 17 517 517 ASP ASP A . n 
A 1 18 ARG 18 518 518 ARG ARG A . n 
A 1 19 ASP 19 519 519 ASP ASP A . n 
A 1 20 PRO 20 520 520 PRO PRO A . n 
A 1 21 LEU 21 521 521 LEU LEU A . n 
A 1 22 ARG 22 522 522 ARG ARG A . n 
A 1 23 PRO 23 523 523 PRO PRO A . n 
A 1 24 GLU 24 524 524 GLU GLU A . n 
A 1 25 GLU 25 525 525 GLU GLU A . n 
A 1 26 GLY 26 526 526 GLY GLY A . n 
A 1 27 ARG 27 527 527 ARG ARG A . n 
A 1 28 ARG 28 528 528 ARG ARG A . n 
A 1 29 LEU 29 529 529 LEU LEU A . n 
A 1 30 VAL 30 530 530 VAL VAL A . n 
A 1 31 GLU 31 531 531 GLU GLU A . n 
A 1 32 ASP 32 532 532 ASP ASP A . n 
A 1 33 VAL 33 533 533 VAL VAL A . n 
A 1 34 ALA 34 534 534 ALA ALA A . n 
A 1 35 ARG 35 535 535 ARG ARG A . n 
A 1 36 LEU 36 536 536 LEU LEU A . n 
A 1 37 LEU 37 537 537 LEU LEU A . n 
A 1 38 GLN 38 538 538 GLN GLN A . n 
A 1 39 VAL 39 539 539 VAL VAL A . n 
A 1 40 PRO 40 540 540 PRO PRO A . n 
A 1 41 SER 41 541 541 SER SER A . n 
A 1 42 SER 42 542 542 SER SER A . n 
A 1 43 ALA 43 543 543 ALA ALA A . n 
A 1 44 PHE 44 544 544 PHE PHE A . n 
A 1 45 ALA 45 545 545 ALA ALA A . n 
A 1 46 ASP 46 546 546 ASP ASP A . n 
A 1 47 VAL 47 547 547 VAL VAL A . n 
A 1 48 GLU 48 548 548 GLU GLU A . n 
A 1 49 VAL 49 549 549 VAL VAL A . n 
A 1 50 LEU 50 550 550 LEU LEU A . n 
A 1 51 GLY 51 551 551 GLY GLY A . n 
A 1 52 PRO 52 552 552 PRO PRO A . n 
A 1 53 ALA 53 553 553 ALA ALA A . n 
A 1 54 VAL 54 554 554 VAL VAL A . n 
A 1 55 THR 55 555 555 THR THR A . n 
A 1 56 PHE 56 556 556 PHE PHE A . n 
A 1 57 LYS 57 557 557 LYS LYS A . n 
A 1 58 VAL 58 558 558 VAL VAL A . n 
A 1 59 SER 59 559 559 SER SER A . n 
A 1 60 ALA 60 560 560 ALA ALA A . n 
A 1 61 ASN 61 561 561 ASN ASN A . n 
A 1 62 VAL 62 562 562 VAL VAL A . n 
A 1 63 GLN 63 563 563 GLN GLN A . n 
A 1 64 ASN 64 564 564 ASN ASN A . n 
A 1 65 VAL 65 565 565 VAL VAL A . n 
A 1 66 THR 66 566 566 THR THR A . n 
A 1 67 THR 67 567 567 THR THR A . n 
A 1 68 GLU 68 568 568 GLU GLU A . n 
A 1 69 ASP 69 569 569 ASP ASP A . n 
A 1 70 VAL 70 570 570 VAL VAL A . n 
A 1 71 GLU 71 571 571 GLU GLU A . n 
A 1 72 LYS 72 572 572 LYS LYS A . n 
A 1 73 ALA 73 573 573 ALA ALA A . n 
A 1 74 THR 74 574 574 THR THR A . n 
A 1 75 VAL 75 575 575 VAL VAL A . n 
A 1 76 ASP 76 576 576 ASP ASP A . n 
A 1 77 ASN 77 577 577 ASN ASN A . n 
A 1 78 LYS 78 578 578 LYS LYS A . n 
A 1 79 ASP 79 579 579 ASP ASP A . n 
A 1 80 LYS 80 580 580 LYS LYS A . n 
A 1 81 LEU 81 581 581 LEU LEU A . n 
A 1 82 GLU 82 582 582 GLU GLU A . n 
A 1 83 GLU 83 583 583 GLU GLU A . n 
A 1 84 THR 84 584 584 THR THR A . n 
A 1 85 SER 85 585 585 SER SER A . n 
A 1 86 GLY 86 586 586 GLY GLY A . n 
A 1 87 LEU 87 587 587 LEU LEU A . n 
A 1 88 LYS 88 588 588 LYS LYS A . n 
A 1 89 ILE 89 589 589 ILE ILE A . n 
A 1 90 LEU 90 590 590 LEU LEU A . n 
A 1 91 GLN 91 591 591 GLN GLN A . n 
A 1 92 THR 92 592 592 THR THR A . n 
A 1 93 GLY 93 593 593 GLY GLY A . n 
A 1 94 VAL 94 594 594 VAL VAL A . n 
A 1 95 GLY 95 595 595 GLY GLY A . n 
A 1 96 SER 96 596 596 SER SER A . n 
A 1 97 LYS 97 597 597 LYS LYS A . n 
A 1 98 SER 98 598 ?   ?   ?   A . n 
A 1 99 LYS 99 599 ?   ?   ?   A . n 
# 
loop_
_pdbx_nonpoly_scheme.asym_id 
_pdbx_nonpoly_scheme.entity_id 
_pdbx_nonpoly_scheme.mon_id 
_pdbx_nonpoly_scheme.ndb_seq_num 
_pdbx_nonpoly_scheme.pdb_seq_num 
_pdbx_nonpoly_scheme.auth_seq_num 
_pdbx_nonpoly_scheme.pdb_mon_id 
_pdbx_nonpoly_scheme.auth_mon_id 
_pdbx_nonpoly_scheme.pdb_strand_id 
_pdbx_nonpoly_scheme.pdb_ins_code 
B 2 HOH 1  601 1  HOH HOH A . 
B 2 HOH 2  602 2  HOH HOH A . 
B 2 HOH 3  603 3  HOH HOH A . 
B 2 HOH 4  604 4  HOH HOH A . 
B 2 HOH 5  605 5  HOH HOH A . 
B 2 HOH 6  606 6  HOH HOH A . 
B 2 HOH 7  607 7  HOH HOH A . 
B 2 HOH 8  608 8  HOH HOH A . 
B 2 HOH 9  609 9  HOH HOH A . 
B 2 HOH 10 610 10 HOH HOH A . 
B 2 HOH 11 611 11 HOH HOH A . 
B 2 HOH 12 612 12 HOH HOH A . 
B 2 HOH 13 613 13 HOH HOH A . 
B 2 HOH 14 614 14 HOH HOH A . 
B 2 HOH 15 615 15 HOH HOH A . 
B 2 HOH 16 616 16 HOH HOH A . 
B 2 HOH 17 617 17 HOH HOH A . 
B 2 HOH 18 618 18 HOH HOH A . 
B 2 HOH 19 619 19 HOH HOH A . 
B 2 HOH 20 620 20 HOH HOH A . 
B 2 HOH 21 621 21 HOH HOH A . 
B 2 HOH 22 622 22 HOH HOH A . 
B 2 HOH 23 623 23 HOH HOH A . 
B 2 HOH 24 624 24 HOH HOH A . 
B 2 HOH 25 625 25 HOH HOH A . 
B 2 HOH 26 626 26 HOH HOH A . 
B 2 HOH 27 627 27 HOH HOH A . 
B 2 HOH 28 628 28 HOH HOH A . 
B 2 HOH 29 629 29 HOH HOH A . 
B 2 HOH 30 630 30 HOH HOH A . 
B 2 HOH 31 631 31 HOH HOH A . 
B 2 HOH 32 632 32 HOH HOH A . 
B 2 HOH 33 633 33 HOH HOH A . 
B 2 HOH 34 634 34 HOH HOH A . 
B 2 HOH 35 635 35 HOH HOH A . 
B 2 HOH 36 636 36 HOH HOH A . 
B 2 HOH 37 637 37 HOH HOH A . 
B 2 HOH 38 638 38 HOH HOH A . 
B 2 HOH 39 639 39 HOH HOH A . 
B 2 HOH 40 640 40 HOH HOH A . 
# 
_pdbx_struct_assembly.id                   1 
_pdbx_struct_assembly.details              author_defined_assembly 
_pdbx_struct_assembly.method_details       ? 
_pdbx_struct_assembly.oligomeric_details   monomeric 
_pdbx_struct_assembly.oligomeric_count     1 
# 
_pdbx_struct_assembly_gen.assembly_id       1 
_pdbx_struct_assembly_gen.oper_expression   1 
_pdbx_struct_assembly_gen.asym_id_list      A,B 
# 
_pdbx_struct_oper_list.id                   1 
_pdbx_struct_oper_list.type                 'identity operation' 
_pdbx_struct_oper_list.name                 1_555 
_pdbx_struct_oper_list.symmetry_operation   x,y,z 
_pdbx_struct_oper_list.matrix[1][1]         1.0000000000 
_pdbx_struct_oper_list.matrix[1][2]         0.0000000000 
_pdbx_struct_oper_list.matrix[1][3]         0.0000000000 
_pdbx_struct_oper_list.vector[1]            0.0000000000 
_pdbx_struct_oper_list.matrix[2][1]         0.0000000000 
_pdbx_struct_oper_list.matrix[2][2]         1.0000000000 
_pdbx_struct_oper_list.matrix[2][3]         0.0000000000 
_pdbx_struct_oper_list.vector[2]            0.0000000000 
_pdbx_struct_oper_list.matrix[3][1]         0.0000000000 
_pdbx_struct_oper_list.matrix[3][2]         0.0000000000 
_pdbx_struct_oper_list.matrix[3][3]         1.0000000000 
_pdbx_struct_oper_list.vector[3]            0.0000000000 
# 
loop_
_pdbx_struct_special_symmetry.id 
_pdbx_struct_special_symmetry.PDB_model_num 
_pdbx_struct_special_symmetry.auth_asym_id 
_pdbx_struct_special_symmetry.auth_comp_id 
_pdbx_struct_special_symmetry.auth_seq_id 
_pdbx_struct_special_symmetry.PDB_ins_code 
_pdbx_struct_special_symmetry.label_asym_id 
_pdbx_struct_special_symmetry.label_comp_id 
_pdbx_struct_special_symmetry.label_seq_id 
1 1 A HOH 617 ? B HOH . 
2 1 A HOH 618 ? B HOH . 
# 
loop_
_pdbx_audit_revision_history.ordinal 
_pdbx_audit_revision_history.data_content_type 
_pdbx_audit_revision_history.major_revision 
_pdbx_audit_revision_history.minor_revision 
_pdbx_audit_revision_history.revision_date 
1 'Structure model' 1 0 2012-11-28 
2 'Structure model' 1 1 2012-12-19 
3 'Structure model' 1 2 2013-03-20 
4 'Structure model' 1 3 2013-07-24 
5 'Structure model' 1 4 2015-03-18 
6 'Structure model' 1 5 2017-11-15 
7 'Structure model' 1 6 2023-09-20 
# 
_pdbx_audit_revision_details.ordinal             1 
_pdbx_audit_revision_details.revision_ordinal    1 
_pdbx_audit_revision_details.data_content_type   'Structure model' 
_pdbx_audit_revision_details.provider            repository 
_pdbx_audit_revision_details.type                'Initial release' 
_pdbx_audit_revision_details.description         ? 
_pdbx_audit_revision_details.details             ? 
# 
loop_
_pdbx_audit_revision_group.ordinal 
_pdbx_audit_revision_group.revision_ordinal 
_pdbx_audit_revision_group.data_content_type 
_pdbx_audit_revision_group.group 
1 2 'Structure model' 'Database references'    
2 3 'Structure model' 'Database references'    
3 4 'Structure model' 'Database references'    
4 5 'Structure model' 'Database references'    
5 6 'Structure model' 'Refinement description' 
6 7 'Structure model' 'Data collection'        
7 7 'Structure model' 'Database references'    
8 7 'Structure model' 'Refinement description' 
# 
loop_
_pdbx_audit_revision_category.ordinal 
_pdbx_audit_revision_category.revision_ordinal 
_pdbx_audit_revision_category.data_content_type 
_pdbx_audit_revision_category.category 
1 6 'Structure model' software                      
2 7 'Structure model' chem_comp_atom                
3 7 'Structure model' chem_comp_bond                
4 7 'Structure model' database_2                    
5 7 'Structure model' pdbx_initial_refinement_model 
6 7 'Structure model' struct_ref_seq_dif            
# 
loop_
_pdbx_audit_revision_item.ordinal 
_pdbx_audit_revision_item.revision_ordinal 
_pdbx_audit_revision_item.data_content_type 
_pdbx_audit_revision_item.item 
1 7 'Structure model' '_database_2.pdbx_DOI'                
2 7 'Structure model' '_database_2.pdbx_database_accession' 
3 7 'Structure model' '_struct_ref_seq_dif.details'         
# 
_pdbx_refine_tls.pdbx_refine_id   'X-RAY DIFFRACTION' 
_pdbx_refine_tls.id               1 
_pdbx_refine_tls.details          ? 
_pdbx_refine_tls.method           refined 
_pdbx_refine_tls.origin_x         -0.2121 
_pdbx_refine_tls.origin_y         0.2996 
_pdbx_refine_tls.origin_z         0.2087 
_pdbx_refine_tls.T[1][1]          0.2462 
_pdbx_refine_tls.T[2][2]          0.1187 
_pdbx_refine_tls.T[3][3]          0.0292 
_pdbx_refine_tls.T[1][2]          -0.0857 
_pdbx_refine_tls.T[1][3]          -0.0019 
_pdbx_refine_tls.T[2][3]          0.0060 
_pdbx_refine_tls.L[1][1]          6.7082 
_pdbx_refine_tls.L[2][2]          4.4997 
_pdbx_refine_tls.L[3][3]          6.9451 
_pdbx_refine_tls.L[1][2]          3.7084 
_pdbx_refine_tls.L[1][3]          -3.5733 
_pdbx_refine_tls.L[2][3]          -2.2917 
_pdbx_refine_tls.S[1][1]          0.1787 
_pdbx_refine_tls.S[2][2]          -0.2099 
_pdbx_refine_tls.S[3][3]          0.0313 
_pdbx_refine_tls.S[1][2]          0.1890 
_pdbx_refine_tls.S[1][3]          0.2951 
_pdbx_refine_tls.S[2][3]          0.1466 
_pdbx_refine_tls.S[2][1]          0.2896 
_pdbx_refine_tls.S[3][1]          -0.7655 
_pdbx_refine_tls.S[3][2]          0.3318 
# 
_pdbx_refine_tls_group.pdbx_refine_id      'X-RAY DIFFRACTION' 
_pdbx_refine_tls_group.id                  1 
_pdbx_refine_tls_group.refine_tls_id       1 
_pdbx_refine_tls_group.beg_auth_asym_id    A 
_pdbx_refine_tls_group.beg_auth_seq_id     510 
_pdbx_refine_tls_group.end_auth_asym_id    A 
_pdbx_refine_tls_group.end_auth_seq_id     597 
_pdbx_refine_tls_group.selection_details   ? 
_pdbx_refine_tls_group.beg_label_asym_id   . 
_pdbx_refine_tls_group.beg_label_seq_id    . 
_pdbx_refine_tls_group.end_label_asym_id   . 
_pdbx_refine_tls_group.end_label_seq_id    . 
_pdbx_refine_tls_group.selection           ? 
# 
_phasing.method   MR 
# 
loop_
_software.pdbx_ordinal 
_software.name 
_software.version 
_software.date 
_software.type 
_software.contact_author 
_software.contact_author_email 
_software.classification 
_software.location 
_software.language 
_software.citation_id 
1 DENZO       .        ?                package 'Zbyszek Otwinowski' hkl@hkl-xray.com         'data reduction'  
http://www.hkl-xray.com/                     ?          ? 
2 SCALEPACK   .        ?                package 'Zbyszek Otwinowski' hkl@hkl-xray.com         'data scaling'    
http://www.hkl-xray.com/                     ?          ? 
3 MOLREP      .        ?                program 'Alexei Vaguine'     alexei@ysbl.york.ac.uk   phasing           
http://www.ccp4.ac.uk/dist/html/molrep.html  Fortran_77 ? 
4 REFMAC      5.6.0117 ?                program 'Garib N. Murshudov' garib@ysbl.york.ac.uk    refinement        
http://www.ccp4.ac.uk/dist/html/refmac5.html Fortran_77 ? 
5 PDB_EXTRACT 3.11     'April 22, 2011' package PDB                  deposit@deposit.rcsb.org 'data extraction' 
http://sw-tools.pdb.org/apps/PDB_EXTRACT/    C++        ? 
6 HKL-2000    .        ?                ?       ?                    ?                        'data collection' ? ?          ? 
7 HKL-2000    .        ?                ?       ?                    ?                        'data reduction'  ? ?          ? 
8 HKL-2000    .        ?                ?       ?                    ?                        'data scaling'    ? ?          ? 
# 
loop_
_pdbx_validate_close_contact.id 
_pdbx_validate_close_contact.PDB_model_num 
_pdbx_validate_close_contact.auth_atom_id_1 
_pdbx_validate_close_contact.auth_asym_id_1 
_pdbx_validate_close_contact.auth_comp_id_1 
_pdbx_validate_close_contact.auth_seq_id_1 
_pdbx_validate_close_contact.PDB_ins_code_1 
_pdbx_validate_close_contact.label_alt_id_1 
_pdbx_validate_close_contact.auth_atom_id_2 
_pdbx_validate_close_contact.auth_asym_id_2 
_pdbx_validate_close_contact.auth_comp_id_2 
_pdbx_validate_close_contact.auth_seq_id_2 
_pdbx_validate_close_contact.PDB_ins_code_2 
_pdbx_validate_close_contact.label_alt_id_2 
_pdbx_validate_close_contact.dist 
1 1 O   A HOH 625 ? ? O   A HOH 630 ? ? 1.70 
2 1 NH2 A ARG 527 ? ? O   A HOH 640 ? ? 1.90 
3 1 OE1 A GLU 525 ? ? NH1 A ARG 528 ? ? 1.99 
4 1 OG  A SER 596 ? ? O   A HOH 633 ? ? 2.17 
# 
_pdbx_validate_symm_contact.id                1 
_pdbx_validate_symm_contact.PDB_model_num     1 
_pdbx_validate_symm_contact.auth_atom_id_1    O 
_pdbx_validate_symm_contact.auth_asym_id_1    A 
_pdbx_validate_symm_contact.auth_comp_id_1    HOH 
_pdbx_validate_symm_contact.auth_seq_id_1     630 
_pdbx_validate_symm_contact.PDB_ins_code_1    ? 
_pdbx_validate_symm_contact.label_alt_id_1    ? 
_pdbx_validate_symm_contact.site_symmetry_1   1_555 
_pdbx_validate_symm_contact.auth_atom_id_2    O 
_pdbx_validate_symm_contact.auth_asym_id_2    A 
_pdbx_validate_symm_contact.auth_comp_id_2    HOH 
_pdbx_validate_symm_contact.auth_seq_id_2     630 
_pdbx_validate_symm_contact.PDB_ins_code_2    ? 
_pdbx_validate_symm_contact.label_alt_id_2    ? 
_pdbx_validate_symm_contact.site_symmetry_2   10_444 
_pdbx_validate_symm_contact.dist              2.01 
# 
loop_
_pdbx_unobs_or_zero_occ_residues.id 
_pdbx_unobs_or_zero_occ_residues.PDB_model_num 
_pdbx_unobs_or_zero_occ_residues.polymer_flag 
_pdbx_unobs_or_zero_occ_residues.occupancy_flag 
_pdbx_unobs_or_zero_occ_residues.auth_asym_id 
_pdbx_unobs_or_zero_occ_residues.auth_comp_id 
_pdbx_unobs_or_zero_occ_residues.auth_seq_id 
_pdbx_unobs_or_zero_occ_residues.PDB_ins_code 
_pdbx_unobs_or_zero_occ_residues.label_asym_id 
_pdbx_unobs_or_zero_occ_residues.label_comp_id 
_pdbx_unobs_or_zero_occ_residues.label_seq_id 
1  1 Y 1 A MET 501 ? A MET 1  
2  1 Y 1 A GLU 502 ? A GLU 2  
3  1 Y 1 A VAL 503 ? A VAL 3  
4  1 Y 1 A GLN 504 ? A GLN 4  
5  1 Y 1 A PRO 505 ? A PRO 5  
6  1 Y 1 A SER 506 ? A SER 6  
7  1 Y 1 A GLU 507 ? A GLU 7  
8  1 Y 1 A GLU 508 ? A GLU 8  
9  1 Y 1 A GLU 509 ? A GLU 9  
10 1 Y 1 A SER 598 ? A SER 98 
11 1 Y 1 A LYS 599 ? A LYS 99 
# 
loop_
_chem_comp_atom.comp_id 
_chem_comp_atom.atom_id 
_chem_comp_atom.type_symbol 
_chem_comp_atom.pdbx_aromatic_flag 
_chem_comp_atom.pdbx_stereo_config 
_chem_comp_atom.pdbx_ordinal 
ALA N    N N N 1   
ALA CA   C N S 2   
ALA C    C N N 3   
ALA O    O N N 4   
ALA CB   C N N 5   
ALA OXT  O N N 6   
ALA H    H N N 7   
ALA H2   H N N 8   
ALA HA   H N N 9   
ALA HB1  H N N 10  
ALA HB2  H N N 11  
ALA HB3  H N N 12  
ALA HXT  H N N 13  
ARG N    N N N 14  
ARG CA   C N S 15  
ARG C    C N N 16  
ARG O    O N N 17  
ARG CB   C N N 18  
ARG CG   C N N 19  
ARG CD   C N N 20  
ARG NE   N N N 21  
ARG CZ   C N N 22  
ARG NH1  N N N 23  
ARG NH2  N N N 24  
ARG OXT  O N N 25  
ARG H    H N N 26  
ARG H2   H N N 27  
ARG HA   H N N 28  
ARG HB2  H N N 29  
ARG HB3  H N N 30  
ARG HG2  H N N 31  
ARG HG3  H N N 32  
ARG HD2  H N N 33  
ARG HD3  H N N 34  
ARG HE   H N N 35  
ARG HH11 H N N 36  
ARG HH12 H N N 37  
ARG HH21 H N N 38  
ARG HH22 H N N 39  
ARG HXT  H N N 40  
ASN N    N N N 41  
ASN CA   C N S 42  
ASN C    C N N 43  
ASN O    O N N 44  
ASN CB   C N N 45  
ASN CG   C N N 46  
ASN OD1  O N N 47  
ASN ND2  N N N 48  
ASN OXT  O N N 49  
ASN H    H N N 50  
ASN H2   H N N 51  
ASN HA   H N N 52  
ASN HB2  H N N 53  
ASN HB3  H N N 54  
ASN HD21 H N N 55  
ASN HD22 H N N 56  
ASN HXT  H N N 57  
ASP N    N N N 58  
ASP CA   C N S 59  
ASP C    C N N 60  
ASP O    O N N 61  
ASP CB   C N N 62  
ASP CG   C N N 63  
ASP OD1  O N N 64  
ASP OD2  O N N 65  
ASP OXT  O N N 66  
ASP H    H N N 67  
ASP H2   H N N 68  
ASP HA   H N N 69  
ASP HB2  H N N 70  
ASP HB3  H N N 71  
ASP HD2  H N N 72  
ASP HXT  H N N 73  
GLN N    N N N 74  
GLN CA   C N S 75  
GLN C    C N N 76  
GLN O    O N N 77  
GLN CB   C N N 78  
GLN CG   C N N 79  
GLN CD   C N N 80  
GLN OE1  O N N 81  
GLN NE2  N N N 82  
GLN OXT  O N N 83  
GLN H    H N N 84  
GLN H2   H N N 85  
GLN HA   H N N 86  
GLN HB2  H N N 87  
GLN HB3  H N N 88  
GLN HG2  H N N 89  
GLN HG3  H N N 90  
GLN HE21 H N N 91  
GLN HE22 H N N 92  
GLN HXT  H N N 93  
GLU N    N N N 94  
GLU CA   C N S 95  
GLU C    C N N 96  
GLU O    O N N 97  
GLU CB   C N N 98  
GLU CG   C N N 99  
GLU CD   C N N 100 
GLU OE1  O N N 101 
GLU OE2  O N N 102 
GLU OXT  O N N 103 
GLU H    H N N 104 
GLU H2   H N N 105 
GLU HA   H N N 106 
GLU HB2  H N N 107 
GLU HB3  H N N 108 
GLU HG2  H N N 109 
GLU HG3  H N N 110 
GLU HE2  H N N 111 
GLU HXT  H N N 112 
GLY N    N N N 113 
GLY CA   C N N 114 
GLY C    C N N 115 
GLY O    O N N 116 
GLY OXT  O N N 117 
GLY H    H N N 118 
GLY H2   H N N 119 
GLY HA2  H N N 120 
GLY HA3  H N N 121 
GLY HXT  H N N 122 
HOH O    O N N 123 
HOH H1   H N N 124 
HOH H2   H N N 125 
ILE N    N N N 126 
ILE CA   C N S 127 
ILE C    C N N 128 
ILE O    O N N 129 
ILE CB   C N S 130 
ILE CG1  C N N 131 
ILE CG2  C N N 132 
ILE CD1  C N N 133 
ILE OXT  O N N 134 
ILE H    H N N 135 
ILE H2   H N N 136 
ILE HA   H N N 137 
ILE HB   H N N 138 
ILE HG12 H N N 139 
ILE HG13 H N N 140 
ILE HG21 H N N 141 
ILE HG22 H N N 142 
ILE HG23 H N N 143 
ILE HD11 H N N 144 
ILE HD12 H N N 145 
ILE HD13 H N N 146 
ILE HXT  H N N 147 
LEU N    N N N 148 
LEU CA   C N S 149 
LEU C    C N N 150 
LEU O    O N N 151 
LEU CB   C N N 152 
LEU CG   C N N 153 
LEU CD1  C N N 154 
LEU CD2  C N N 155 
LEU OXT  O N N 156 
LEU H    H N N 157 
LEU H2   H N N 158 
LEU HA   H N N 159 
LEU HB2  H N N 160 
LEU HB3  H N N 161 
LEU HG   H N N 162 
LEU HD11 H N N 163 
LEU HD12 H N N 164 
LEU HD13 H N N 165 
LEU HD21 H N N 166 
LEU HD22 H N N 167 
LEU HD23 H N N 168 
LEU HXT  H N N 169 
LYS N    N N N 170 
LYS CA   C N S 171 
LYS C    C N N 172 
LYS O    O N N 173 
LYS CB   C N N 174 
LYS CG   C N N 175 
LYS CD   C N N 176 
LYS CE   C N N 177 
LYS NZ   N N N 178 
LYS OXT  O N N 179 
LYS H    H N N 180 
LYS H2   H N N 181 
LYS HA   H N N 182 
LYS HB2  H N N 183 
LYS HB3  H N N 184 
LYS HG2  H N N 185 
LYS HG3  H N N 186 
LYS HD2  H N N 187 
LYS HD3  H N N 188 
LYS HE2  H N N 189 
LYS HE3  H N N 190 
LYS HZ1  H N N 191 
LYS HZ2  H N N 192 
LYS HZ3  H N N 193 
LYS HXT  H N N 194 
MET N    N N N 195 
MET CA   C N S 196 
MET C    C N N 197 
MET O    O N N 198 
MET CB   C N N 199 
MET CG   C N N 200 
MET SD   S N N 201 
MET CE   C N N 202 
MET OXT  O N N 203 
MET H    H N N 204 
MET H2   H N N 205 
MET HA   H N N 206 
MET HB2  H N N 207 
MET HB3  H N N 208 
MET HG2  H N N 209 
MET HG3  H N N 210 
MET HE1  H N N 211 
MET HE2  H N N 212 
MET HE3  H N N 213 
MET HXT  H N N 214 
PHE N    N N N 215 
PHE CA   C N S 216 
PHE C    C N N 217 
PHE O    O N N 218 
PHE CB   C N N 219 
PHE CG   C Y N 220 
PHE CD1  C Y N 221 
PHE CD2  C Y N 222 
PHE CE1  C Y N 223 
PHE CE2  C Y N 224 
PHE CZ   C Y N 225 
PHE OXT  O N N 226 
PHE H    H N N 227 
PHE H2   H N N 228 
PHE HA   H N N 229 
PHE HB2  H N N 230 
PHE HB3  H N N 231 
PHE HD1  H N N 232 
PHE HD2  H N N 233 
PHE HE1  H N N 234 
PHE HE2  H N N 235 
PHE HZ   H N N 236 
PHE HXT  H N N 237 
PRO N    N N N 238 
PRO CA   C N S 239 
PRO C    C N N 240 
PRO O    O N N 241 
PRO CB   C N N 242 
PRO CG   C N N 243 
PRO CD   C N N 244 
PRO OXT  O N N 245 
PRO H    H N N 246 
PRO HA   H N N 247 
PRO HB2  H N N 248 
PRO HB3  H N N 249 
PRO HG2  H N N 250 
PRO HG3  H N N 251 
PRO HD2  H N N 252 
PRO HD3  H N N 253 
PRO HXT  H N N 254 
SER N    N N N 255 
SER CA   C N S 256 
SER C    C N N 257 
SER O    O N N 258 
SER CB   C N N 259 
SER OG   O N N 260 
SER OXT  O N N 261 
SER H    H N N 262 
SER H2   H N N 263 
SER HA   H N N 264 
SER HB2  H N N 265 
SER HB3  H N N 266 
SER HG   H N N 267 
SER HXT  H N N 268 
THR N    N N N 269 
THR CA   C N S 270 
THR C    C N N 271 
THR O    O N N 272 
THR CB   C N R 273 
THR OG1  O N N 274 
THR CG2  C N N 275 
THR OXT  O N N 276 
THR H    H N N 277 
THR H2   H N N 278 
THR HA   H N N 279 
THR HB   H N N 280 
THR HG1  H N N 281 
THR HG21 H N N 282 
THR HG22 H N N 283 
THR HG23 H N N 284 
THR HXT  H N N 285 
TYR N    N N N 286 
TYR CA   C N S 287 
TYR C    C N N 288 
TYR O    O N N 289 
TYR CB   C N N 290 
TYR CG   C Y N 291 
TYR CD1  C Y N 292 
TYR CD2  C Y N 293 
TYR CE1  C Y N 294 
TYR CE2  C Y N 295 
TYR CZ   C Y N 296 
TYR OH   O N N 297 
TYR OXT  O N N 298 
TYR H    H N N 299 
TYR H2   H N N 300 
TYR HA   H N N 301 
TYR HB2  H N N 302 
TYR HB3  H N N 303 
TYR HD1  H N N 304 
TYR HD2  H N N 305 
TYR HE1  H N N 306 
TYR HE2  H N N 307 
TYR HH   H N N 308 
TYR HXT  H N N 309 
VAL N    N N N 310 
VAL CA   C N S 311 
VAL C    C N N 312 
VAL O    O N N 313 
VAL CB   C N N 314 
VAL CG1  C N N 315 
VAL CG2  C N N 316 
VAL OXT  O N N 317 
VAL H    H N N 318 
VAL H2   H N N 319 
VAL HA   H N N 320 
VAL HB   H N N 321 
VAL HG11 H N N 322 
VAL HG12 H N N 323 
VAL HG13 H N N 324 
VAL HG21 H N N 325 
VAL HG22 H N N 326 
VAL HG23 H N N 327 
VAL HXT  H N N 328 
# 
loop_
_chem_comp_bond.comp_id 
_chem_comp_bond.atom_id_1 
_chem_comp_bond.atom_id_2 
_chem_comp_bond.value_order 
_chem_comp_bond.pdbx_aromatic_flag 
_chem_comp_bond.pdbx_stereo_config 
_chem_comp_bond.pdbx_ordinal 
ALA N   CA   sing N N 1   
ALA N   H    sing N N 2   
ALA N   H2   sing N N 3   
ALA CA  C    sing N N 4   
ALA CA  CB   sing N N 5   
ALA CA  HA   sing N N 6   
ALA C   O    doub N N 7   
ALA C   OXT  sing N N 8   
ALA CB  HB1  sing N N 9   
ALA CB  HB2  sing N N 10  
ALA CB  HB3  sing N N 11  
ALA OXT HXT  sing N N 12  
ARG N   CA   sing N N 13  
ARG N   H    sing N N 14  
ARG N   H2   sing N N 15  
ARG CA  C    sing N N 16  
ARG CA  CB   sing N N 17  
ARG CA  HA   sing N N 18  
ARG C   O    doub N N 19  
ARG C   OXT  sing N N 20  
ARG CB  CG   sing N N 21  
ARG CB  HB2  sing N N 22  
ARG CB  HB3  sing N N 23  
ARG CG  CD   sing N N 24  
ARG CG  HG2  sing N N 25  
ARG CG  HG3  sing N N 26  
ARG CD  NE   sing N N 27  
ARG CD  HD2  sing N N 28  
ARG CD  HD3  sing N N 29  
ARG NE  CZ   sing N N 30  
ARG NE  HE   sing N N 31  
ARG CZ  NH1  sing N N 32  
ARG CZ  NH2  doub N N 33  
ARG NH1 HH11 sing N N 34  
ARG NH1 HH12 sing N N 35  
ARG NH2 HH21 sing N N 36  
ARG NH2 HH22 sing N N 37  
ARG OXT HXT  sing N N 38  
ASN N   CA   sing N N 39  
ASN N   H    sing N N 40  
ASN N   H2   sing N N 41  
ASN CA  C    sing N N 42  
ASN CA  CB   sing N N 43  
ASN CA  HA   sing N N 44  
ASN C   O    doub N N 45  
ASN C   OXT  sing N N 46  
ASN CB  CG   sing N N 47  
ASN CB  HB2  sing N N 48  
ASN CB  HB3  sing N N 49  
ASN CG  OD1  doub N N 50  
ASN CG  ND2  sing N N 51  
ASN ND2 HD21 sing N N 52  
ASN ND2 HD22 sing N N 53  
ASN OXT HXT  sing N N 54  
ASP N   CA   sing N N 55  
ASP N   H    sing N N 56  
ASP N   H2   sing N N 57  
ASP CA  C    sing N N 58  
ASP CA  CB   sing N N 59  
ASP CA  HA   sing N N 60  
ASP C   O    doub N N 61  
ASP C   OXT  sing N N 62  
ASP CB  CG   sing N N 63  
ASP CB  HB2  sing N N 64  
ASP CB  HB3  sing N N 65  
ASP CG  OD1  doub N N 66  
ASP CG  OD2  sing N N 67  
ASP OD2 HD2  sing N N 68  
ASP OXT HXT  sing N N 69  
GLN N   CA   sing N N 70  
GLN N   H    sing N N 71  
GLN N   H2   sing N N 72  
GLN CA  C    sing N N 73  
GLN CA  CB   sing N N 74  
GLN CA  HA   sing N N 75  
GLN C   O    doub N N 76  
GLN C   OXT  sing N N 77  
GLN CB  CG   sing N N 78  
GLN CB  HB2  sing N N 79  
GLN CB  HB3  sing N N 80  
GLN CG  CD   sing N N 81  
GLN CG  HG2  sing N N 82  
GLN CG  HG3  sing N N 83  
GLN CD  OE1  doub N N 84  
GLN CD  NE2  sing N N 85  
GLN NE2 HE21 sing N N 86  
GLN NE2 HE22 sing N N 87  
GLN OXT HXT  sing N N 88  
GLU N   CA   sing N N 89  
GLU N   H    sing N N 90  
GLU N   H2   sing N N 91  
GLU CA  C    sing N N 92  
GLU CA  CB   sing N N 93  
GLU CA  HA   sing N N 94  
GLU C   O    doub N N 95  
GLU C   OXT  sing N N 96  
GLU CB  CG   sing N N 97  
GLU CB  HB2  sing N N 98  
GLU CB  HB3  sing N N 99  
GLU CG  CD   sing N N 100 
GLU CG  HG2  sing N N 101 
GLU CG  HG3  sing N N 102 
GLU CD  OE1  doub N N 103 
GLU CD  OE2  sing N N 104 
GLU OE2 HE2  sing N N 105 
GLU OXT HXT  sing N N 106 
GLY N   CA   sing N N 107 
GLY N   H    sing N N 108 
GLY N   H2   sing N N 109 
GLY CA  C    sing N N 110 
GLY CA  HA2  sing N N 111 
GLY CA  HA3  sing N N 112 
GLY C   O    doub N N 113 
GLY C   OXT  sing N N 114 
GLY OXT HXT  sing N N 115 
HOH O   H1   sing N N 116 
HOH O   H2   sing N N 117 
ILE N   CA   sing N N 118 
ILE N   H    sing N N 119 
ILE N   H2   sing N N 120 
ILE CA  C    sing N N 121 
ILE CA  CB   sing N N 122 
ILE CA  HA   sing N N 123 
ILE C   O    doub N N 124 
ILE C   OXT  sing N N 125 
ILE CB  CG1  sing N N 126 
ILE CB  CG2  sing N N 127 
ILE CB  HB   sing N N 128 
ILE CG1 CD1  sing N N 129 
ILE CG1 HG12 sing N N 130 
ILE CG1 HG13 sing N N 131 
ILE CG2 HG21 sing N N 132 
ILE CG2 HG22 sing N N 133 
ILE CG2 HG23 sing N N 134 
ILE CD1 HD11 sing N N 135 
ILE CD1 HD12 sing N N 136 
ILE CD1 HD13 sing N N 137 
ILE OXT HXT  sing N N 138 
LEU N   CA   sing N N 139 
LEU N   H    sing N N 140 
LEU N   H2   sing N N 141 
LEU CA  C    sing N N 142 
LEU CA  CB   sing N N 143 
LEU CA  HA   sing N N 144 
LEU C   O    doub N N 145 
LEU C   OXT  sing N N 146 
LEU CB  CG   sing N N 147 
LEU CB  HB2  sing N N 148 
LEU CB  HB3  sing N N 149 
LEU CG  CD1  sing N N 150 
LEU CG  CD2  sing N N 151 
LEU CG  HG   sing N N 152 
LEU CD1 HD11 sing N N 153 
LEU CD1 HD12 sing N N 154 
LEU CD1 HD13 sing N N 155 
LEU CD2 HD21 sing N N 156 
LEU CD2 HD22 sing N N 157 
LEU CD2 HD23 sing N N 158 
LEU OXT HXT  sing N N 159 
LYS N   CA   sing N N 160 
LYS N   H    sing N N 161 
LYS N   H2   sing N N 162 
LYS CA  C    sing N N 163 
LYS CA  CB   sing N N 164 
LYS CA  HA   sing N N 165 
LYS C   O    doub N N 166 
LYS C   OXT  sing N N 167 
LYS CB  CG   sing N N 168 
LYS CB  HB2  sing N N 169 
LYS CB  HB3  sing N N 170 
LYS CG  CD   sing N N 171 
LYS CG  HG2  sing N N 172 
LYS CG  HG3  sing N N 173 
LYS CD  CE   sing N N 174 
LYS CD  HD2  sing N N 175 
LYS CD  HD3  sing N N 176 
LYS CE  NZ   sing N N 177 
LYS CE  HE2  sing N N 178 
LYS CE  HE3  sing N N 179 
LYS NZ  HZ1  sing N N 180 
LYS NZ  HZ2  sing N N 181 
LYS NZ  HZ3  sing N N 182 
LYS OXT HXT  sing N N 183 
MET N   CA   sing N N 184 
MET N   H    sing N N 185 
MET N   H2   sing N N 186 
MET CA  C    sing N N 187 
MET CA  CB   sing N N 188 
MET CA  HA   sing N N 189 
MET C   O    doub N N 190 
MET C   OXT  sing N N 191 
MET CB  CG   sing N N 192 
MET CB  HB2  sing N N 193 
MET CB  HB3  sing N N 194 
MET CG  SD   sing N N 195 
MET CG  HG2  sing N N 196 
MET CG  HG3  sing N N 197 
MET SD  CE   sing N N 198 
MET CE  HE1  sing N N 199 
MET CE  HE2  sing N N 200 
MET CE  HE3  sing N N 201 
MET OXT HXT  sing N N 202 
PHE N   CA   sing N N 203 
PHE N   H    sing N N 204 
PHE N   H2   sing N N 205 
PHE CA  C    sing N N 206 
PHE CA  CB   sing N N 207 
PHE CA  HA   sing N N 208 
PHE C   O    doub N N 209 
PHE C   OXT  sing N N 210 
PHE CB  CG   sing N N 211 
PHE CB  HB2  sing N N 212 
PHE CB  HB3  sing N N 213 
PHE CG  CD1  doub Y N 214 
PHE CG  CD2  sing Y N 215 
PHE CD1 CE1  sing Y N 216 
PHE CD1 HD1  sing N N 217 
PHE CD2 CE2  doub Y N 218 
PHE CD2 HD2  sing N N 219 
PHE CE1 CZ   doub Y N 220 
PHE CE1 HE1  sing N N 221 
PHE CE2 CZ   sing Y N 222 
PHE CE2 HE2  sing N N 223 
PHE CZ  HZ   sing N N 224 
PHE OXT HXT  sing N N 225 
PRO N   CA   sing N N 226 
PRO N   CD   sing N N 227 
PRO N   H    sing N N 228 
PRO CA  C    sing N N 229 
PRO CA  CB   sing N N 230 
PRO CA  HA   sing N N 231 
PRO C   O    doub N N 232 
PRO C   OXT  sing N N 233 
PRO CB  CG   sing N N 234 
PRO CB  HB2  sing N N 235 
PRO CB  HB3  sing N N 236 
PRO CG  CD   sing N N 237 
PRO CG  HG2  sing N N 238 
PRO CG  HG3  sing N N 239 
PRO CD  HD2  sing N N 240 
PRO CD  HD3  sing N N 241 
PRO OXT HXT  sing N N 242 
SER N   CA   sing N N 243 
SER N   H    sing N N 244 
SER N   H2   sing N N 245 
SER CA  C    sing N N 246 
SER CA  CB   sing N N 247 
SER CA  HA   sing N N 248 
SER C   O    doub N N 249 
SER C   OXT  sing N N 250 
SER CB  OG   sing N N 251 
SER CB  HB2  sing N N 252 
SER CB  HB3  sing N N 253 
SER OG  HG   sing N N 254 
SER OXT HXT  sing N N 255 
THR N   CA   sing N N 256 
THR N   H    sing N N 257 
THR N   H2   sing N N 258 
THR CA  C    sing N N 259 
THR CA  CB   sing N N 260 
THR CA  HA   sing N N 261 
THR C   O    doub N N 262 
THR C   OXT  sing N N 263 
THR CB  OG1  sing N N 264 
THR CB  CG2  sing N N 265 
THR CB  HB   sing N N 266 
THR OG1 HG1  sing N N 267 
THR CG2 HG21 sing N N 268 
THR CG2 HG22 sing N N 269 
THR CG2 HG23 sing N N 270 
THR OXT HXT  sing N N 271 
TYR N   CA   sing N N 272 
TYR N   H    sing N N 273 
TYR N   H2   sing N N 274 
TYR CA  C    sing N N 275 
TYR CA  CB   sing N N 276 
TYR CA  HA   sing N N 277 
TYR C   O    doub N N 278 
TYR C   OXT  sing N N 279 
TYR CB  CG   sing N N 280 
TYR CB  HB2  sing N N 281 
TYR CB  HB3  sing N N 282 
TYR CG  CD1  doub Y N 283 
TYR CG  CD2  sing Y N 284 
TYR CD1 CE1  sing Y N 285 
TYR CD1 HD1  sing N N 286 
TYR CD2 CE2  doub Y N 287 
TYR CD2 HD2  sing N N 288 
TYR CE1 CZ   doub Y N 289 
TYR CE1 HE1  sing N N 290 
TYR CE2 CZ   sing Y N 291 
TYR CE2 HE2  sing N N 292 
TYR CZ  OH   sing N N 293 
TYR OH  HH   sing N N 294 
TYR OXT HXT  sing N N 295 
VAL N   CA   sing N N 296 
VAL N   H    sing N N 297 
VAL N   H2   sing N N 298 
VAL CA  C    sing N N 299 
VAL CA  CB   sing N N 300 
VAL CA  HA   sing N N 301 
VAL C   O    doub N N 302 
VAL C   OXT  sing N N 303 
VAL CB  CG1  sing N N 304 
VAL CB  CG2  sing N N 305 
VAL CB  HB   sing N N 306 
VAL CG1 HG11 sing N N 307 
VAL CG1 HG12 sing N N 308 
VAL CG1 HG13 sing N N 309 
VAL CG2 HG21 sing N N 310 
VAL CG2 HG22 sing N N 311 
VAL CG2 HG23 sing N N 312 
VAL OXT HXT  sing N N 313 
# 
_pdbx_entity_nonpoly.entity_id   2 
_pdbx_entity_nonpoly.name        water 
_pdbx_entity_nonpoly.comp_id     HOH 
# 
_pdbx_initial_refinement_model.id               1 
_pdbx_initial_refinement_model.entity_id_list   ? 
_pdbx_initial_refinement_model.type             'experimental model' 
_pdbx_initial_refinement_model.source_name      PDB 
_pdbx_initial_refinement_model.accession_code   2QT7 
_pdbx_initial_refinement_model.details          'PDB ENTRY 2QT7' 
# 
